data_9PM3
# 
_entry.id   9PM3 
# 
_audit_conform.dict_name       mmcif_pdbx.dic 
_audit_conform.dict_version    5.406 
_audit_conform.dict_location   http://mmcif.pdb.org/dictionaries/ascii/mmcif_pdbx.dic 
# 
loop_
_database_2.database_id 
_database_2.database_code 
_database_2.pdbx_database_accession 
_database_2.pdbx_DOI 
PDB   9PM3         pdb_00009pm3 10.2210/pdb9pm3/pdb 
WWPDB D_1000298097 ?            ?                   
# 
_pdbx_audit_revision_history.ordinal             1 
_pdbx_audit_revision_history.data_content_type   'Structure model' 
_pdbx_audit_revision_history.major_revision      1 
_pdbx_audit_revision_history.minor_revision      0 
_pdbx_audit_revision_history.revision_date       2025-11-12 
_pdbx_audit_revision_history.part_number         ? 
# 
_pdbx_audit_revision_details.ordinal             1 
_pdbx_audit_revision_details.revision_ordinal    1 
_pdbx_audit_revision_details.data_content_type   'Structure model' 
_pdbx_audit_revision_details.provider            repository 
_pdbx_audit_revision_details.type                'Initial release' 
_pdbx_audit_revision_details.description         ? 
_pdbx_audit_revision_details.details             ? 
# 
_pdbx_database_status.status_code                     REL 
_pdbx_database_status.status_code_sf                  REL 
_pdbx_database_status.status_code_mr                  ? 
_pdbx_database_status.entry_id                        9PM3 
_pdbx_database_status.recvd_initial_deposition_date   2025-07-16 
_pdbx_database_status.SG_entry                        N 
_pdbx_database_status.deposit_site                    RCSB 
_pdbx_database_status.process_site                    RCSB 
_pdbx_database_status.status_code_cs                  ? 
_pdbx_database_status.status_code_nmr_data            ? 
_pdbx_database_status.methods_development_category    ? 
_pdbx_database_status.pdb_format_compatible           Y 
# 
_pdbx_contact_author.id                 4 
_pdbx_contact_author.email              rs17@nyu.edu 
_pdbx_contact_author.name_first         Ruojie 
_pdbx_contact_author.name_last          Sha 
_pdbx_contact_author.name_mi            ? 
_pdbx_contact_author.role               'principal investigator/group leader' 
_pdbx_contact_author.identifier_ORCID   0000-0002-0807-734X 
# 
loop_
_audit_author.name 
_audit_author.pdbx_ordinal 
_audit_author.identifier_ORCID 
'Horvath, A.'   1 0009-0008-5770-8014 
'Woloszyn, K.'  2 0009-0005-3093-7392 
'Vecchioni, S.' 3 0000-0001-8243-650X 
'Ohayon, Y.P.'  4 0000-0001-7500-4282 
'Sha, R.'       5 0000-0002-0807-734X 
# 
_citation.abstract                  ? 
_citation.abstract_id_CAS           ? 
_citation.book_id_ISBN              ? 
_citation.book_publisher            ? 
_citation.book_publisher_city       ? 
_citation.book_title                ? 
_citation.coordinate_linkage        ? 
_citation.country                   ? 
_citation.database_id_Medline       ? 
_citation.details                   ? 
_citation.id                        primary 
_citation.journal_abbrev            'To Be Published' 
_citation.journal_id_ASTM           ? 
_citation.journal_id_CSD            0353 
_citation.journal_id_ISSN           ? 
_citation.journal_full              ? 
_citation.journal_issue             ? 
_citation.journal_volume            ? 
_citation.language                  ? 
_citation.page_first                ? 
_citation.page_last                 ? 
_citation.title                     'Blunt-End Tensegrity Triangles' 
_citation.year                      ? 
_citation.database_id_CSD           ? 
_citation.pdbx_database_id_DOI      ? 
_citation.pdbx_database_id_PubMed   ? 
_citation.pdbx_database_id_patent   ? 
_citation.unpublished_flag          ? 
# 
loop_
_citation_author.citation_id 
_citation_author.name 
_citation_author.ordinal 
_citation_author.identifier_ORCID 
primary 'Horvath, A.'   1 0009-0008-5770-8014 
primary 'Woloszyn, K.'  2 0009-0005-3093-7392 
primary 'Vecchioni, S.' 3 0000-0001-8243-650X 
primary 'Ohayon, Y.P.'  4 0000-0001-7500-4282 
primary 'Sha, R.'       5 0000-0002-0807-734X 
# 
loop_
_entity.id 
_entity.type 
_entity.src_method 
_entity.pdbx_description 
_entity.formula_weight 
_entity.pdbx_number_of_molecules 
_entity.pdbx_ec 
_entity.pdbx_mutation 
_entity.pdbx_fragment 
_entity.details 
1 polymer syn 
;DNA (5'-D(*GP*CP*AP*TP*GP*CP*CP*TP*GP*TP*AP*CP*GP*GP*AP*CP*AP*GP*TP*CP*A)-3')
;
6448.173 1 ? ? ? ? 
2 polymer syn 
;DNA (5'-D(P*CP*CP*GP*TP*AP*CP*A)-3')
;
2082.400 1 ? ? ? ? 
3 polymer syn 
;DNA (5'-D(P*GP*GP*CP*AP*TP*GP*C)-3')
;
2138.423 1 ? ? ? ? 
4 polymer syn 
;DNA (5'-D(*TP*GP*AP*CP*TP*GP*T)-3')
;
2128.421 1 ? ? ? ? 
# 
loop_
_entity_poly.entity_id 
_entity_poly.type 
_entity_poly.nstd_linkage 
_entity_poly.nstd_monomer 
_entity_poly.pdbx_seq_one_letter_code 
_entity_poly.pdbx_seq_one_letter_code_can 
_entity_poly.pdbx_strand_id 
_entity_poly.pdbx_target_identifier 
1 polydeoxyribonucleotide no no 
;(DG)(DC)(DA)(DT)(DG)(DC)(DC)(DT)(DG)(DT)(DA)(DC)(DG)(DG)(DA)(DC)(DA)(DG)(DT)(DC)
(DA)
;
GCATGCCTGTACGGACAGTCA A ? 
2 polydeoxyribonucleotide no no '(DC)(DC)(DG)(DT)(DA)(DC)(DA)'                                                          CCGTACA B 
? 
3 polydeoxyribonucleotide no no '(DG)(DG)(DC)(DA)(DT)(DG)(DC)'                                                          GGCATGC C 
? 
4 polydeoxyribonucleotide no no '(DT)(DG)(DA)(DC)(DT)(DG)(DT)'                                                          TGACTGT D 
? 
# 
loop_
_entity_poly_seq.entity_id 
_entity_poly_seq.num 
_entity_poly_seq.mon_id 
_entity_poly_seq.hetero 
1 1  DG n 
1 2  DC n 
1 3  DA n 
1 4  DT n 
1 5  DG n 
1 6  DC n 
1 7  DC n 
1 8  DT n 
1 9  DG n 
1 10 DT n 
1 11 DA n 
1 12 DC n 
1 13 DG n 
1 14 DG n 
1 15 DA n 
1 16 DC n 
1 17 DA n 
1 18 DG n 
1 19 DT n 
1 20 DC n 
1 21 DA n 
2 1  DC n 
2 2  DC n 
2 3  DG n 
2 4  DT n 
2 5  DA n 
2 6  DC n 
2 7  DA n 
3 1  DG n 
3 2  DG n 
3 3  DC n 
3 4  DA n 
3 5  DT n 
3 6  DG n 
3 7  DC n 
4 1  DT n 
4 2  DG n 
4 3  DA n 
4 4  DC n 
4 5  DT n 
4 6  DG n 
4 7  DT n 
# 
loop_
_pdbx_entity_src_syn.entity_id 
_pdbx_entity_src_syn.pdbx_src_id 
_pdbx_entity_src_syn.pdbx_alt_source_flag 
_pdbx_entity_src_syn.pdbx_beg_seq_num 
_pdbx_entity_src_syn.pdbx_end_seq_num 
_pdbx_entity_src_syn.organism_scientific 
_pdbx_entity_src_syn.organism_common_name 
_pdbx_entity_src_syn.ncbi_taxonomy_id 
_pdbx_entity_src_syn.details 
1 1 sample 1 21 'synthetic construct' ? 32630 ? 
2 1 sample 1 7  'synthetic construct' ? 32630 ? 
3 1 sample 1 7  'synthetic construct' ? 32630 ? 
4 1 sample 1 7  'synthetic construct' ? 32630 ? 
# 
loop_
_chem_comp.id 
_chem_comp.type 
_chem_comp.mon_nstd_flag 
_chem_comp.name 
_chem_comp.pdbx_synonyms 
_chem_comp.formula 
_chem_comp.formula_weight 
DA 'DNA linking' y "2'-DEOXYADENOSINE-5'-MONOPHOSPHATE" ? 'C10 H14 N5 O6 P' 331.222 
DC 'DNA linking' y "2'-DEOXYCYTIDINE-5'-MONOPHOSPHATE"  ? 'C9 H14 N3 O7 P'  307.197 
DG 'DNA linking' y "2'-DEOXYGUANOSINE-5'-MONOPHOSPHATE" ? 'C10 H14 N5 O7 P' 347.221 
DT 'DNA linking' y "THYMIDINE-5'-MONOPHOSPHATE"         ? 'C10 H15 N2 O8 P' 322.208 
# 
loop_
_pdbx_poly_seq_scheme.asym_id 
_pdbx_poly_seq_scheme.entity_id 
_pdbx_poly_seq_scheme.seq_id 
_pdbx_poly_seq_scheme.mon_id 
_pdbx_poly_seq_scheme.ndb_seq_num 
_pdbx_poly_seq_scheme.pdb_seq_num 
_pdbx_poly_seq_scheme.auth_seq_num 
_pdbx_poly_seq_scheme.pdb_mon_id 
_pdbx_poly_seq_scheme.auth_mon_id 
_pdbx_poly_seq_scheme.pdb_strand_id 
_pdbx_poly_seq_scheme.pdb_ins_code 
_pdbx_poly_seq_scheme.hetero 
A 1 1  DG 1  104 104 DG DG A . n 
A 1 2  DC 2  105 105 DC DC A . n 
A 1 3  DA 3  106 106 DA DA A . n 
A 1 4  DT 4  107 107 DT DT A . n 
A 1 5  DG 5  108 108 DG DG A . n 
A 1 6  DC 6  109 109 DC DC A . n 
A 1 7  DC 7  110 110 DC DC A . n 
A 1 8  DT 8  111 111 DT DT A . n 
A 1 9  DG 9  112 112 DG DG A . n 
A 1 10 DT 10 113 113 DT DT A . n 
A 1 11 DA 11 114 114 DA DA A . n 
A 1 12 DC 12 115 115 DC DC A . n 
A 1 13 DG 13 116 116 DG DG A . n 
A 1 14 DG 14 117 117 DG DG A . n 
A 1 15 DA 15 118 118 DA DA A . n 
A 1 16 DC 16 119 119 DC DC A . n 
A 1 17 DA 17 120 120 DA DA A . n 
A 1 18 DG 18 121 121 DG DG A . n 
A 1 19 DT 19 122 122 DT DT A . n 
A 1 20 DC 20 123 123 DC DC A . n 
A 1 21 DA 21 124 124 DA DA A . n 
B 2 1  DC 1  119 119 DC DC B . n 
B 2 2  DC 2  120 120 DC DC B . n 
B 2 3  DG 3  121 121 DG DG B . n 
B 2 4  DT 4  122 122 DT DT B . n 
B 2 5  DA 5  123 123 DA DA B . n 
B 2 6  DC 6  124 124 DC DC B . n 
B 2 7  DA 7  125 125 DA DA B . n 
C 3 1  DG 1  209 209 DG DG C . n 
C 3 2  DG 2  210 210 DG DG C . n 
C 3 3  DC 3  211 211 DC DC C . n 
C 3 4  DA 4  212 212 DA DA C . n 
C 3 5  DT 5  213 213 DT DT C . n 
C 3 6  DG 6  214 214 DG DG C . n 
C 3 7  DC 7  215 215 DC DC C . n 
D 4 1  DT 1  103 103 DT DT D . n 
D 4 2  DG 2  104 104 DG DG D . n 
D 4 3  DA 3  105 105 DA DA D . n 
D 4 4  DC 4  106 106 DC DC D . n 
D 4 5  DT 5  107 107 DT DT D . n 
D 4 6  DG 6  108 108 DG DG D . n 
D 4 7  DT 7  109 109 DT DT D . n 
# 
loop_
_software.citation_id 
_software.classification 
_software.compiler_name 
_software.compiler_version 
_software.contact_author 
_software.contact_author_email 
_software.date 
_software.description 
_software.dependencies 
_software.hardware 
_software.language 
_software.location 
_software.mods 
_software.name 
_software.os 
_software.os_version 
_software.type 
_software.version 
_software.pdbx_reference_DOI 
_software.pdbx_ordinal 
? refinement       ? ? ? ? ? ? ? ? ? ? ? PHENIX    ? ? ? 1.21.2_5419 ? 1 
? 'data reduction' ? ? ? ? ? ? ? ? ? ? ? autoPROC  ? ? ? .           ? 2 
? 'data scaling'   ? ? ? ? ? ? ? ? ? ? ? STARANISO ? ? ? .           ? 3 
? phasing          ? ? ? ? ? ? ? ? ? ? ? PHASER    ? ? ? .           ? 4 
# 
_cell.angle_alpha                  90.000 
_cell.angle_alpha_esd              ? 
_cell.angle_beta                   90.000 
_cell.angle_beta_esd               ? 
_cell.angle_gamma                  90.000 
_cell.angle_gamma_esd              ? 
_cell.entry_id                     9PM3 
_cell.details                      ? 
_cell.formula_units_Z              ? 
_cell.length_a                     171.496 
_cell.length_a_esd                 ? 
_cell.length_b                     171.496 
_cell.length_b_esd                 ? 
_cell.length_c                     171.496 
_cell.length_c_esd                 ? 
_cell.volume                       5043847.936 
_cell.volume_esd                   ? 
_cell.Z_PDB                        48 
_cell.reciprocal_angle_alpha       ? 
_cell.reciprocal_angle_beta        ? 
_cell.reciprocal_angle_gamma       ? 
_cell.reciprocal_angle_alpha_esd   ? 
_cell.reciprocal_angle_beta_esd    ? 
_cell.reciprocal_angle_gamma_esd   ? 
_cell.reciprocal_length_a          ? 
_cell.reciprocal_length_b          ? 
_cell.reciprocal_length_c          ? 
_cell.reciprocal_length_a_esd      ? 
_cell.reciprocal_length_b_esd      ? 
_cell.reciprocal_length_c_esd      ? 
_cell.pdbx_unique_axis             ? 
_cell.pdbx_esd_method              ? 
# 
_symmetry.entry_id                         9PM3 
_symmetry.cell_setting                     ? 
_symmetry.Int_Tables_number                214 
_symmetry.space_group_name_Hall            'I 4bd 2c 3' 
_symmetry.space_group_name_H-M             'I 41 3 2' 
_symmetry.pdbx_full_space_group_name_H-M   ? 
# 
_exptl.absorpt_coefficient_mu     ? 
_exptl.absorpt_correction_T_max   ? 
_exptl.absorpt_correction_T_min   ? 
_exptl.absorpt_correction_type    ? 
_exptl.absorpt_process_details    ? 
_exptl.entry_id                   9PM3 
_exptl.crystals_number            1 
_exptl.details                    ? 
_exptl.method                     'X-RAY DIFFRACTION' 
_exptl.method_details             ? 
# 
_exptl_crystal.colour                       ? 
_exptl_crystal.density_diffrn               ? 
_exptl_crystal.density_Matthews             ? 
_exptl_crystal.density_method               ? 
_exptl_crystal.density_percent_sol          ? 
_exptl_crystal.description                  ? 
_exptl_crystal.F_000                        ? 
_exptl_crystal.id                           1 
_exptl_crystal.preparation                  ? 
_exptl_crystal.size_max                     ? 
_exptl_crystal.size_mid                     ? 
_exptl_crystal.size_min                     ? 
_exptl_crystal.size_rad                     ? 
_exptl_crystal.colour_lustre                ? 
_exptl_crystal.colour_modifier              ? 
_exptl_crystal.colour_primary               ? 
_exptl_crystal.density_meas                 ? 
_exptl_crystal.density_meas_esd             ? 
_exptl_crystal.density_meas_gt              ? 
_exptl_crystal.density_meas_lt              ? 
_exptl_crystal.density_meas_temp            ? 
_exptl_crystal.density_meas_temp_esd        ? 
_exptl_crystal.density_meas_temp_gt         ? 
_exptl_crystal.density_meas_temp_lt         ? 
_exptl_crystal.pdbx_crystal_image_url       ? 
_exptl_crystal.pdbx_crystal_image_format    ? 
_exptl_crystal.pdbx_mosaicity               ? 
_exptl_crystal.pdbx_mosaicity_esd           ? 
_exptl_crystal.pdbx_mosaic_method           ? 
_exptl_crystal.pdbx_mosaic_block_size       ? 
_exptl_crystal.pdbx_mosaic_block_size_esd   ? 
# 
_exptl_crystal_grow.apparatus       ? 
_exptl_crystal_grow.atmosphere      ? 
_exptl_crystal_grow.crystal_id      1 
_exptl_crystal_grow.details         ? 
_exptl_crystal_grow.method          'VAPOR DIFFUSION, HANGING DROP' 
_exptl_crystal_grow.method_ref      ? 
_exptl_crystal_grow.pH              ? 
_exptl_crystal_grow.pressure        ? 
_exptl_crystal_grow.pressure_esd    ? 
_exptl_crystal_grow.seeding         ? 
_exptl_crystal_grow.seeding_ref     ? 
_exptl_crystal_grow.temp_details    '338-293 at 0.4/hr' 
_exptl_crystal_grow.temp_esd        ? 
_exptl_crystal_grow.time            ? 
_exptl_crystal_grow.pdbx_details    '100 mM MOPS, 1.25 M magnesium sulfate' 
_exptl_crystal_grow.pdbx_pH_range   ? 
_exptl_crystal_grow.temp            293 
# 
_diffrn.ambient_environment              ? 
_diffrn.ambient_temp                     100 
_diffrn.ambient_temp_details             ? 
_diffrn.ambient_temp_esd                 ? 
_diffrn.crystal_id                       1 
_diffrn.crystal_support                  ? 
_diffrn.crystal_treatment                ? 
_diffrn.details                          ? 
_diffrn.id                               1 
_diffrn.ambient_pressure                 ? 
_diffrn.ambient_pressure_esd             ? 
_diffrn.ambient_pressure_gt              ? 
_diffrn.ambient_pressure_lt              ? 
_diffrn.ambient_temp_gt                  ? 
_diffrn.ambient_temp_lt                  ? 
_diffrn.pdbx_serial_crystal_experiment   N 
# 
_diffrn_detector.details                      ? 
_diffrn_detector.detector                     PIXEL 
_diffrn_detector.diffrn_id                    1 
_diffrn_detector.type                         'DECTRIS EIGER X 9M' 
_diffrn_detector.area_resol_mean              ? 
_diffrn_detector.dtime                        ? 
_diffrn_detector.pdbx_frames_total            ? 
_diffrn_detector.pdbx_collection_time_total   ? 
_diffrn_detector.pdbx_collection_date         2022-12-11 
_diffrn_detector.pdbx_frequency               ? 
_diffrn_detector.id                           ? 
_diffrn_detector.number_of_axes               ? 
# 
_diffrn_radiation.collimation                      ? 
_diffrn_radiation.diffrn_id                        1 
_diffrn_radiation.filter_edge                      ? 
_diffrn_radiation.inhomogeneity                    ? 
_diffrn_radiation.monochromator                    ? 
_diffrn_radiation.polarisn_norm                    ? 
_diffrn_radiation.polarisn_ratio                   ? 
_diffrn_radiation.probe                            ? 
_diffrn_radiation.type                             ? 
_diffrn_radiation.xray_symbol                      ? 
_diffrn_radiation.wavelength_id                    1 
_diffrn_radiation.pdbx_monochromatic_or_laue_m_l   M 
_diffrn_radiation.pdbx_wavelength_list             ? 
_diffrn_radiation.pdbx_wavelength                  ? 
_diffrn_radiation.pdbx_diffrn_protocol             'SINGLE WAVELENGTH' 
_diffrn_radiation.pdbx_analyzer                    ? 
_diffrn_radiation.pdbx_scattering_type             x-ray 
# 
_diffrn_radiation_wavelength.id           1 
_diffrn_radiation_wavelength.wavelength   1.007430 
_diffrn_radiation_wavelength.wt           1.0 
# 
_diffrn_source.current                     ? 
_diffrn_source.details                     ? 
_diffrn_source.diffrn_id                   1 
_diffrn_source.power                       ? 
_diffrn_source.size                        ? 
_diffrn_source.source                      SYNCHROTRON 
_diffrn_source.target                      ? 
_diffrn_source.type                        'APS BEAMLINE 17-ID' 
_diffrn_source.voltage                     ? 
_diffrn_source.take-off_angle              ? 
_diffrn_source.pdbx_wavelength_list        1.007430 
_diffrn_source.pdbx_wavelength             ? 
_diffrn_source.pdbx_synchrotron_beamline   17-ID 
_diffrn_source.pdbx_synchrotron_site       APS 
# 
_reflns.B_iso_Wilson_estimate                          511.79 
_reflns.entry_id                                       9PM3 
_reflns.data_reduction_details                         ? 
_reflns.data_reduction_method                          ? 
_reflns.d_resolution_high                              6.148 
_reflns.d_resolution_low                               70.013 
_reflns.details                                        ? 
_reflns.limit_h_max                                    ? 
_reflns.limit_h_min                                    ? 
_reflns.limit_k_max                                    ? 
_reflns.limit_k_min                                    ? 
_reflns.limit_l_max                                    ? 
_reflns.limit_l_min                                    ? 
_reflns.number_all                                     ? 
_reflns.number_obs                                     1041 
_reflns.observed_criterion                             ? 
_reflns.observed_criterion_F_max                       ? 
_reflns.observed_criterion_F_min                       ? 
_reflns.observed_criterion_I_max                       ? 
_reflns.observed_criterion_I_min                       ? 
_reflns.observed_criterion_sigma_F                     ? 
_reflns.observed_criterion_sigma_I                     ? 
_reflns.percent_possible_obs                           91.7 
_reflns.R_free_details                                 ? 
_reflns.Rmerge_F_all                                   ? 
_reflns.Rmerge_F_obs                                   ? 
_reflns.Friedel_coverage                               ? 
_reflns.number_gt                                      ? 
_reflns.threshold_expression                           ? 
_reflns.pdbx_redundancy                                72.6 
_reflns.pdbx_netI_over_av_sigmaI                       ? 
_reflns.pdbx_netI_over_sigmaI                          22.3 
_reflns.pdbx_res_netI_over_av_sigmaI_2                 ? 
_reflns.pdbx_res_netI_over_sigmaI_2                    ? 
_reflns.pdbx_chi_squared                               ? 
_reflns.pdbx_scaling_rejects                           ? 
_reflns.pdbx_d_res_high_opt                            ? 
_reflns.pdbx_d_res_low_opt                             ? 
_reflns.pdbx_d_res_opt_method                          ? 
_reflns.phase_calculation_details                      ? 
_reflns.pdbx_Rrim_I_all                                ? 
_reflns.pdbx_Rpim_I_all                                ? 
_reflns.pdbx_d_opt                                     ? 
_reflns.pdbx_number_measured_all                       ? 
_reflns.pdbx_diffrn_id                                 1 
_reflns.pdbx_ordinal                                   1 
_reflns.pdbx_CC_half                                   1.000 
_reflns.pdbx_CC_star                                   ? 
_reflns.pdbx_R_split                                   ? 
_reflns.pdbx_Rmerge_I_obs                              ? 
_reflns.pdbx_Rmerge_I_all                              ? 
_reflns.pdbx_Rsym_value                                ? 
_reflns.pdbx_CC_split_method                           ? 
_reflns.pdbx_aniso_diffraction_limit_axis_1_ortho[1]   ? 
_reflns.pdbx_aniso_diffraction_limit_axis_1_ortho[2]   ? 
_reflns.pdbx_aniso_diffraction_limit_axis_1_ortho[3]   ? 
_reflns.pdbx_aniso_diffraction_limit_axis_2_ortho[1]   ? 
_reflns.pdbx_aniso_diffraction_limit_axis_2_ortho[2]   ? 
_reflns.pdbx_aniso_diffraction_limit_axis_2_ortho[3]   ? 
_reflns.pdbx_aniso_diffraction_limit_axis_3_ortho[1]   ? 
_reflns.pdbx_aniso_diffraction_limit_axis_3_ortho[2]   ? 
_reflns.pdbx_aniso_diffraction_limit_axis_3_ortho[3]   ? 
_reflns.pdbx_aniso_diffraction_limit_1                 ? 
_reflns.pdbx_aniso_diffraction_limit_2                 ? 
_reflns.pdbx_aniso_diffraction_limit_3                 ? 
_reflns.pdbx_aniso_B_tensor_eigenvector_1_ortho[1]     ? 
_reflns.pdbx_aniso_B_tensor_eigenvector_1_ortho[2]     ? 
_reflns.pdbx_aniso_B_tensor_eigenvector_1_ortho[3]     ? 
_reflns.pdbx_aniso_B_tensor_eigenvector_2_ortho[1]     ? 
_reflns.pdbx_aniso_B_tensor_eigenvector_2_ortho[2]     ? 
_reflns.pdbx_aniso_B_tensor_eigenvector_2_ortho[3]     ? 
_reflns.pdbx_aniso_B_tensor_eigenvector_3_ortho[1]     ? 
_reflns.pdbx_aniso_B_tensor_eigenvector_3_ortho[2]     ? 
_reflns.pdbx_aniso_B_tensor_eigenvector_3_ortho[3]     ? 
_reflns.pdbx_aniso_B_tensor_eigenvalue_1               ? 
_reflns.pdbx_aniso_B_tensor_eigenvalue_2               ? 
_reflns.pdbx_aniso_B_tensor_eigenvalue_3               ? 
_reflns.pdbx_orthogonalization_convention              ? 
_reflns.pdbx_percent_possible_ellipsoidal              ? 
_reflns.pdbx_percent_possible_spherical                ? 
_reflns.pdbx_percent_possible_ellipsoidal_anomalous    ? 
_reflns.pdbx_percent_possible_spherical_anomalous      ? 
_reflns.pdbx_redundancy_anomalous                      ? 
_reflns.pdbx_CC_half_anomalous                         ? 
_reflns.pdbx_absDiff_over_sigma_anomalous              ? 
_reflns.pdbx_percent_possible_anomalous                ? 
_reflns.pdbx_observed_signal_threshold                 ? 
_reflns.pdbx_signal_type                               ? 
_reflns.pdbx_signal_details                            ? 
_reflns.pdbx_signal_software_id                        ? 
# 
loop_
_reflns_shell.d_res_high 
_reflns_shell.d_res_low 
_reflns_shell.meanI_over_sigI_all 
_reflns_shell.meanI_over_sigI_obs 
_reflns_shell.number_measured_all 
_reflns_shell.number_measured_obs 
_reflns_shell.number_possible 
_reflns_shell.number_unique_all 
_reflns_shell.number_unique_obs 
_reflns_shell.percent_possible_obs 
_reflns_shell.Rmerge_F_all 
_reflns_shell.Rmerge_F_obs 
_reflns_shell.meanI_over_sigI_gt 
_reflns_shell.meanI_over_uI_all 
_reflns_shell.meanI_over_uI_gt 
_reflns_shell.number_measured_gt 
_reflns_shell.number_unique_gt 
_reflns_shell.percent_possible_gt 
_reflns_shell.Rmerge_F_gt 
_reflns_shell.Rmerge_I_gt 
_reflns_shell.pdbx_redundancy 
_reflns_shell.pdbx_chi_squared 
_reflns_shell.pdbx_netI_over_sigmaI_all 
_reflns_shell.pdbx_netI_over_sigmaI_obs 
_reflns_shell.pdbx_Rrim_I_all 
_reflns_shell.pdbx_Rpim_I_all 
_reflns_shell.pdbx_rejects 
_reflns_shell.pdbx_ordinal 
_reflns_shell.pdbx_diffrn_id 
_reflns_shell.pdbx_CC_half 
_reflns_shell.pdbx_CC_star 
_reflns_shell.pdbx_R_split 
_reflns_shell.percent_possible_all 
_reflns_shell.Rmerge_I_all 
_reflns_shell.Rmerge_I_obs 
_reflns_shell.pdbx_Rsym_value 
_reflns_shell.pdbx_percent_possible_ellipsoidal 
_reflns_shell.pdbx_percent_possible_spherical 
_reflns_shell.pdbx_percent_possible_ellipsoidal_anomalous 
_reflns_shell.pdbx_percent_possible_spherical_anomalous 
_reflns_shell.pdbx_redundancy_anomalous 
_reflns_shell.pdbx_CC_half_anomalous 
_reflns_shell.pdbx_absDiff_over_sigma_anomalous 
_reflns_shell.pdbx_percent_possible_anomalous 
6.148  6.854  ? ? ? ? ? ? 211 ? ? ? ? ? ? ? ? ? ? ? ? ? ? ? ? ? ? 1 1 0.648 ? ? ? ? ? ? ? ? ? ? ? ? ? ? 
11.308 70.013 ? ? ? ? ? ? 210 ? ? ? ? ? ? ? ? ? ? ? ? ? ? ? ? ? ? 2 1 1.000 ? ? ? ? ? ? ? ? ? ? ? ? ? ? 
# 
_refine.aniso_B[1][1]                            ? 
_refine.aniso_B[1][2]                            ? 
_refine.aniso_B[1][3]                            ? 
_refine.aniso_B[2][2]                            ? 
_refine.aniso_B[2][3]                            ? 
_refine.aniso_B[3][3]                            ? 
_refine.B_iso_max                                ? 
_refine.B_iso_mean                               417.66 
_refine.B_iso_min                                ? 
_refine.correlation_coeff_Fo_to_Fc               ? 
_refine.correlation_coeff_Fo_to_Fc_free          ? 
_refine.details                                  ? 
_refine.diff_density_max                         ? 
_refine.diff_density_max_esd                     ? 
_refine.diff_density_min                         ? 
_refine.diff_density_min_esd                     ? 
_refine.diff_density_rms                         ? 
_refine.diff_density_rms_esd                     ? 
_refine.entry_id                                 9PM3 
_refine.pdbx_refine_id                           'X-RAY DIFFRACTION' 
_refine.ls_abs_structure_details                 ? 
_refine.ls_abs_structure_Flack                   ? 
_refine.ls_abs_structure_Flack_esd               ? 
_refine.ls_abs_structure_Rogers                  ? 
_refine.ls_abs_structure_Rogers_esd              ? 
_refine.ls_d_res_high                            6.15 
_refine.ls_d_res_low                             35.01 
_refine.ls_extinction_coef                       ? 
_refine.ls_extinction_coef_esd                   ? 
_refine.ls_extinction_expression                 ? 
_refine.ls_extinction_method                     ? 
_refine.ls_goodness_of_fit_all                   ? 
_refine.ls_goodness_of_fit_all_esd               ? 
_refine.ls_goodness_of_fit_obs                   ? 
_refine.ls_goodness_of_fit_obs_esd               ? 
_refine.ls_hydrogen_treatment                    ? 
_refine.ls_matrix_type                           ? 
_refine.ls_number_constraints                    ? 
_refine.ls_number_parameters                     ? 
_refine.ls_number_reflns_all                     ? 
_refine.ls_number_reflns_obs                     1022 
_refine.ls_number_reflns_R_free                  53 
_refine.ls_number_reflns_R_work                  969 
_refine.ls_number_restraints                     ? 
_refine.ls_percent_reflns_obs                    90.60 
_refine.ls_percent_reflns_R_free                 5.19 
_refine.ls_R_factor_all                          ? 
_refine.ls_R_factor_obs                          0.2026 
_refine.ls_R_factor_R_free                       0.3283 
_refine.ls_R_factor_R_free_error                 ? 
_refine.ls_R_factor_R_free_error_details         ? 
_refine.ls_R_factor_R_work                       0.1962 
_refine.ls_R_Fsqd_factor_obs                     ? 
_refine.ls_R_I_factor_obs                        ? 
_refine.ls_redundancy_reflns_all                 ? 
_refine.ls_redundancy_reflns_obs                 ? 
_refine.ls_restrained_S_all                      ? 
_refine.ls_restrained_S_obs                      ? 
_refine.ls_shift_over_esd_max                    ? 
_refine.ls_shift_over_esd_mean                   ? 
_refine.ls_structure_factor_coef                 ? 
_refine.ls_weighting_details                     ? 
_refine.ls_weighting_scheme                      ? 
_refine.ls_wR_factor_all                         ? 
_refine.ls_wR_factor_obs                         ? 
_refine.ls_wR_factor_R_free                      ? 
_refine.ls_wR_factor_R_work                      ? 
_refine.occupancy_max                            ? 
_refine.occupancy_min                            ? 
_refine.solvent_model_details                    'FLAT BULK SOLVENT MODEL' 
_refine.solvent_model_param_bsol                 ? 
_refine.solvent_model_param_ksol                 ? 
_refine.correlation_coeff_I_to_Fcsqd_work        ? 
_refine.correlation_coeff_I_to_Fcsqd_free        ? 
_refine.pdbx_R_complete                          ? 
_refine.ls_R_factor_gt                           ? 
_refine.ls_goodness_of_fit_gt                    ? 
_refine.ls_goodness_of_fit_ref                   ? 
_refine.ls_shift_over_su_max                     ? 
_refine.ls_shift_over_su_max_lt                  ? 
_refine.ls_shift_over_su_mean                    ? 
_refine.ls_shift_over_su_mean_lt                 ? 
_refine.pdbx_ls_sigma_I                          ? 
_refine.pdbx_ls_sigma_F                          1.36 
_refine.pdbx_ls_sigma_Fsqd                       ? 
_refine.pdbx_data_cutoff_high_absF               ? 
_refine.pdbx_data_cutoff_high_rms_absF           ? 
_refine.pdbx_data_cutoff_low_absF                ? 
_refine.pdbx_isotropic_thermal_model             ? 
_refine.pdbx_ls_cross_valid_method               'FREE R-VALUE' 
_refine.pdbx_method_to_determine_struct          'MOLECULAR REPLACEMENT' 
_refine.pdbx_starting_model                      ? 
_refine.pdbx_stereochemistry_target_values       'GeoStd + Monomer Library + CDL v1.2' 
_refine.pdbx_R_Free_selection_details            ? 
_refine.pdbx_stereochem_target_val_spec_case     ? 
_refine.pdbx_overall_ESU_R                       ? 
_refine.pdbx_overall_ESU_R_Free                  ? 
_refine.pdbx_solvent_vdw_probe_radii             1.1000 
_refine.pdbx_solvent_ion_probe_radii             ? 
_refine.pdbx_solvent_shrinkage_radii             0.9000 
_refine.pdbx_real_space_R                        ? 
_refine.pdbx_density_correlation                 ? 
_refine.pdbx_pd_number_of_powder_patterns        ? 
_refine.pdbx_pd_number_of_points                 ? 
_refine.pdbx_pd_meas_number_of_points            ? 
_refine.pdbx_pd_proc_ls_prof_R_factor            ? 
_refine.pdbx_pd_proc_ls_prof_wR_factor           ? 
_refine.pdbx_pd_Marquardt_correlation_coeff      ? 
_refine.pdbx_pd_Fsqrd_R_factor                   ? 
_refine.pdbx_pd_ls_matrix_band_width             ? 
_refine.pdbx_overall_phase_error                 34.8262 
_refine.pdbx_overall_SU_R_free_Cruickshank_DPI   ? 
_refine.pdbx_overall_SU_R_free_Blow_DPI          ? 
_refine.pdbx_overall_SU_R_Blow_DPI               ? 
_refine.pdbx_TLS_residual_ADP_flag               ? 
_refine.pdbx_diffrn_id                           1 
_refine.overall_SU_B                             ? 
_refine.overall_SU_ML                            1.0846 
_refine.overall_SU_R_Cruickshank_DPI             ? 
_refine.overall_SU_R_free                        ? 
_refine.overall_FOM_free_R_set                   ? 
_refine.overall_FOM_work_R_set                   ? 
_refine.pdbx_average_fsc_overall                 ? 
_refine.pdbx_average_fsc_work                    ? 
_refine.pdbx_average_fsc_free                    ? 
# 
_refine_hist.pdbx_refine_id                   'X-RAY DIFFRACTION' 
_refine_hist.cycle_id                         LAST 
_refine_hist.details                          ? 
_refine_hist.d_res_high                       6.15 
_refine_hist.d_res_low                        35.01 
_refine_hist.number_atoms_solvent             0 
_refine_hist.number_atoms_total               855 
_refine_hist.number_reflns_all                ? 
_refine_hist.number_reflns_obs                ? 
_refine_hist.number_reflns_R_free             ? 
_refine_hist.number_reflns_R_work             ? 
_refine_hist.R_factor_all                     ? 
_refine_hist.R_factor_obs                     ? 
_refine_hist.R_factor_R_free                  ? 
_refine_hist.R_factor_R_work                  ? 
_refine_hist.pdbx_number_residues_total       ? 
_refine_hist.pdbx_B_iso_mean_ligand           ? 
_refine_hist.pdbx_B_iso_mean_solvent          ? 
_refine_hist.pdbx_number_atoms_protein        0 
_refine_hist.pdbx_number_atoms_nucleic_acid   855 
_refine_hist.pdbx_number_atoms_ligand         0 
_refine_hist.pdbx_number_atoms_lipid          ? 
_refine_hist.pdbx_number_atoms_carb           ? 
_refine_hist.pdbx_pseudo_atom_details         ? 
# 
loop_
_refine_ls_restr.pdbx_refine_id 
_refine_ls_restr.criterion 
_refine_ls_restr.dev_ideal 
_refine_ls_restr.dev_ideal_target 
_refine_ls_restr.number 
_refine_ls_restr.rejects 
_refine_ls_restr.type 
_refine_ls_restr.weight 
_refine_ls_restr.pdbx_Zscore 
_refine_ls_restr.pdbx_restraint_function 
'X-RAY DIFFRACTION' ? 0.0059  ? 956  ? f_bond_d           ? ? ? 
'X-RAY DIFFRACTION' ? 0.7808  ? 1467 ? f_angle_d          ? ? ? 
'X-RAY DIFFRACTION' ? 0.0407  ? 166  ? f_chiral_restr     ? ? ? 
'X-RAY DIFFRACTION' ? 0.0037  ? 42   ? f_plane_restr      ? ? ? 
'X-RAY DIFFRACTION' ? 38.5508 ? 442  ? f_dihedral_angle_d ? ? ? 
# 
_refine_ls_shell.pdbx_refine_id                      'X-RAY DIFFRACTION' 
_refine_ls_shell.d_res_high                          6.15 
_refine_ls_shell.d_res_low                           35.01 
_refine_ls_shell.number_reflns_all                   ? 
_refine_ls_shell.number_reflns_obs                   ? 
_refine_ls_shell.number_reflns_R_free                53 
_refine_ls_shell.number_reflns_R_work                969 
_refine_ls_shell.percent_reflns_obs                  90.60 
_refine_ls_shell.percent_reflns_R_free               ? 
_refine_ls_shell.R_factor_all                        ? 
_refine_ls_shell.R_factor_obs                        ? 
_refine_ls_shell.R_factor_R_free_error               ? 
_refine_ls_shell.R_factor_R_work                     0.1962 
_refine_ls_shell.redundancy_reflns_all               ? 
_refine_ls_shell.redundancy_reflns_obs               ? 
_refine_ls_shell.wR_factor_all                       ? 
_refine_ls_shell.wR_factor_obs                       ? 
_refine_ls_shell.wR_factor_R_free                    ? 
_refine_ls_shell.wR_factor_R_work                    ? 
_refine_ls_shell.pdbx_R_complete                     ? 
_refine_ls_shell.correlation_coeff_Fo_to_Fc          ? 
_refine_ls_shell.correlation_coeff_Fo_to_Fc_free     ? 
_refine_ls_shell.correlation_coeff_I_to_Fcsqd_work   ? 
_refine_ls_shell.correlation_coeff_I_to_Fcsqd_free   ? 
_refine_ls_shell.pdbx_total_number_of_bins_used      ? 
_refine_ls_shell.pdbx_phase_error                    ? 
_refine_ls_shell.pdbx_fsc_work                       ? 
_refine_ls_shell.pdbx_fsc_free                       ? 
_refine_ls_shell.R_factor_R_free                     0.3283 
# 
_struct.entry_id                     9PM3 
_struct.title                        
'[21-7B G|A] 21 bp tensegrity triangle that propagates via blunt-end stacking with G stacking on A at the interface' 
_struct.pdbx_model_details           ? 
_struct.pdbx_formula_weight          ? 
_struct.pdbx_formula_weight_method   ? 
_struct.pdbx_model_type_details      ? 
_struct.pdbx_CASP_flag               N 
# 
_struct_keywords.entry_id        9PM3 
_struct_keywords.text            'tensegrity triangle, dna, stacking, blunt' 
_struct_keywords.pdbx_keywords   DNA 
# 
loop_
_struct_asym.id 
_struct_asym.pdbx_blank_PDB_chainid_flag 
_struct_asym.pdbx_modified 
_struct_asym.entity_id 
_struct_asym.details 
A N N 1 ? 
B N N 2 ? 
C N N 3 ? 
D N N 4 ? 
# 
loop_
_struct_ref.id 
_struct_ref.db_name 
_struct_ref.db_code 
_struct_ref.pdbx_db_accession 
_struct_ref.pdbx_db_isoform 
_struct_ref.entity_id 
_struct_ref.pdbx_seq_one_letter_code 
_struct_ref.pdbx_align_begin 
1 PDB 9PM3 9PM3 ? 1 ? 1 
2 PDB 9PM3 9PM3 ? 2 ? 1 
3 PDB 9PM3 9PM3 ? 3 ? 1 
4 PDB 9PM3 9PM3 ? 4 ? 1 
# 
loop_
_struct_ref_seq.align_id 
_struct_ref_seq.ref_id 
_struct_ref_seq.pdbx_PDB_id_code 
_struct_ref_seq.pdbx_strand_id 
_struct_ref_seq.seq_align_beg 
_struct_ref_seq.pdbx_seq_align_beg_ins_code 
_struct_ref_seq.seq_align_end 
_struct_ref_seq.pdbx_seq_align_end_ins_code 
_struct_ref_seq.pdbx_db_accession 
_struct_ref_seq.db_align_beg 
_struct_ref_seq.pdbx_db_align_beg_ins_code 
_struct_ref_seq.db_align_end 
_struct_ref_seq.pdbx_db_align_end_ins_code 
_struct_ref_seq.pdbx_auth_seq_align_beg 
_struct_ref_seq.pdbx_auth_seq_align_end 
1 1 9PM3 A 1 ? 21 ? 9PM3 104 ? 124 ? 104 124 
2 2 9PM3 B 1 ? 7  ? 9PM3 119 ? 125 ? 119 125 
3 3 9PM3 C 1 ? 7  ? 9PM3 209 ? 215 ? 209 215 
4 4 9PM3 D 1 ? 7  ? 9PM3 103 ? 109 ? 103 109 
# 
_pdbx_struct_assembly.id                   1 
_pdbx_struct_assembly.details              author_and_software_defined_assembly 
_pdbx_struct_assembly.method_details       PISA 
_pdbx_struct_assembly.oligomeric_details   dodecameric 
_pdbx_struct_assembly.oligomeric_count     12 
# 
loop_
_pdbx_struct_assembly_prop.biol_id 
_pdbx_struct_assembly_prop.type 
_pdbx_struct_assembly_prop.value 
_pdbx_struct_assembly_prop.details 
1 'ABSA (A^2)' 9220  ? 
1 MORE         -40   ? 
1 'SSA (A^2)'  20980 ? 
# 
_pdbx_struct_assembly_gen.assembly_id       1 
_pdbx_struct_assembly_gen.oper_expression   1,2,3 
_pdbx_struct_assembly_gen.asym_id_list      A,B,C,D 
# 
_pdbx_struct_assembly_auth_evidence.id                     1 
_pdbx_struct_assembly_auth_evidence.assembly_id            1 
_pdbx_struct_assembly_auth_evidence.experimental_support   'native gel electrophoresis' 
_pdbx_struct_assembly_auth_evidence.details                ? 
# 
loop_
_pdbx_struct_oper_list.id 
_pdbx_struct_oper_list.type 
_pdbx_struct_oper_list.name 
_pdbx_struct_oper_list.symmetry_operation 
_pdbx_struct_oper_list.matrix[1][1] 
_pdbx_struct_oper_list.matrix[1][2] 
_pdbx_struct_oper_list.matrix[1][3] 
_pdbx_struct_oper_list.vector[1] 
_pdbx_struct_oper_list.matrix[2][1] 
_pdbx_struct_oper_list.matrix[2][2] 
_pdbx_struct_oper_list.matrix[2][3] 
_pdbx_struct_oper_list.vector[2] 
_pdbx_struct_oper_list.matrix[3][1] 
_pdbx_struct_oper_list.matrix[3][2] 
_pdbx_struct_oper_list.matrix[3][3] 
_pdbx_struct_oper_list.vector[3] 
1 'identity operation'         1_555 x,y,z 1.0000000000 0.0000000000  0.0000000000  0.0000000000   0.0000000000  1.0000000000  0.0000000000  0.0000000000   0.0000000000  0.0000000000  1.0000000000 0.0000000000   
2 'crystal symmetry operation' 5_555 z,x,y 0.3661803256 -0.6464854698 -0.6693044945 -11.0338011797 0.4715356852  -0.4911659772 0.7324002188  -21.7035771671 -0.8022256956 -0.5837915040 0.1249856515 -10.4092236419 
3 'crystal symmetry operation' 9_555 y,z,x 0.3661803256 0.4715356852  -0.8022256956 5.9238253620   -0.6464854698 -0.4911659772 -0.5837915040 -23.8700671524 -0.6693044945 0.7324002188  0.1249856515 9.8117355431 
# 
loop_
_struct_conn.id 
_struct_conn.conn_type_id 
_struct_conn.pdbx_leaving_atom_flag 
_struct_conn.pdbx_PDB_id 
_struct_conn.ptnr1_label_asym_id 
_struct_conn.ptnr1_label_comp_id 
_struct_conn.ptnr1_label_seq_id 
_struct_conn.ptnr1_label_atom_id 
_struct_conn.pdbx_ptnr1_label_alt_id 
_struct_conn.pdbx_ptnr1_PDB_ins_code 
_struct_conn.pdbx_ptnr1_standard_comp_id 
_struct_conn.ptnr1_symmetry 
_struct_conn.ptnr2_label_asym_id 
_struct_conn.ptnr2_label_comp_id 
_struct_conn.ptnr2_label_seq_id 
_struct_conn.ptnr2_label_atom_id 
_struct_conn.pdbx_ptnr2_label_alt_id 
_struct_conn.pdbx_ptnr2_PDB_ins_code 
_struct_conn.ptnr1_auth_asym_id 
_struct_conn.ptnr1_auth_comp_id 
_struct_conn.ptnr1_auth_seq_id 
_struct_conn.ptnr2_auth_asym_id 
_struct_conn.ptnr2_auth_comp_id 
_struct_conn.ptnr2_auth_seq_id 
_struct_conn.ptnr2_symmetry 
_struct_conn.pdbx_ptnr3_label_atom_id 
_struct_conn.pdbx_ptnr3_label_seq_id 
_struct_conn.pdbx_ptnr3_label_comp_id 
_struct_conn.pdbx_ptnr3_label_asym_id 
_struct_conn.pdbx_ptnr3_label_alt_id 
_struct_conn.pdbx_ptnr3_PDB_ins_code 
_struct_conn.details 
_struct_conn.pdbx_dist_value 
_struct_conn.pdbx_value_order 
_struct_conn.pdbx_role 
hydrog1  hydrog ? ? A DG 1  N1 ? ? ? 1_555 C DC 7 N3 ? ? A DG 104 C DC 215 1_555 ? ? ? ? ? ? WATSON-CRICK ? ? ? 
hydrog2  hydrog ? ? A DG 1  N2 ? ? ? 1_555 C DC 7 O2 ? ? A DG 104 C DC 215 1_555 ? ? ? ? ? ? WATSON-CRICK ? ? ? 
hydrog3  hydrog ? ? A DG 1  O6 ? ? ? 1_555 C DC 7 N4 ? ? A DG 104 C DC 215 1_555 ? ? ? ? ? ? WATSON-CRICK ? ? ? 
hydrog4  hydrog ? ? A DC 2  N3 ? ? ? 1_555 C DG 6 N1 ? ? A DC 105 C DG 214 1_555 ? ? ? ? ? ? WATSON-CRICK ? ? ? 
hydrog5  hydrog ? ? A DC 2  N4 ? ? ? 1_555 C DG 6 O6 ? ? A DC 105 C DG 214 1_555 ? ? ? ? ? ? WATSON-CRICK ? ? ? 
hydrog6  hydrog ? ? A DC 2  O2 ? ? ? 1_555 C DG 6 N2 ? ? A DC 105 C DG 214 1_555 ? ? ? ? ? ? WATSON-CRICK ? ? ? 
hydrog7  hydrog ? ? A DA 3  N1 ? ? ? 1_555 C DT 5 N3 ? ? A DA 106 C DT 213 1_555 ? ? ? ? ? ? WATSON-CRICK ? ? ? 
hydrog8  hydrog ? ? A DA 3  N6 ? ? ? 1_555 C DT 5 O4 ? ? A DA 106 C DT 213 1_555 ? ? ? ? ? ? WATSON-CRICK ? ? ? 
hydrog9  hydrog ? ? A DT 4  N3 ? ? ? 1_555 C DA 4 N1 ? ? A DT 107 C DA 212 1_555 ? ? ? ? ? ? WATSON-CRICK ? ? ? 
hydrog10 hydrog ? ? A DT 4  O4 ? ? ? 1_555 C DA 4 N6 ? ? A DT 107 C DA 212 1_555 ? ? ? ? ? ? WATSON-CRICK ? ? ? 
hydrog11 hydrog ? ? A DG 5  N1 ? ? ? 1_555 C DC 3 N3 ? ? A DG 108 C DC 211 1_555 ? ? ? ? ? ? WATSON-CRICK ? ? ? 
hydrog12 hydrog ? ? A DG 5  N2 ? ? ? 1_555 C DC 3 O2 ? ? A DG 108 C DC 211 1_555 ? ? ? ? ? ? WATSON-CRICK ? ? ? 
hydrog13 hydrog ? ? A DG 5  O6 ? ? ? 1_555 C DC 3 N4 ? ? A DG 108 C DC 211 1_555 ? ? ? ? ? ? WATSON-CRICK ? ? ? 
hydrog14 hydrog ? ? A DC 6  N3 ? ? ? 1_555 C DG 2 N1 ? ? A DC 109 C DG 210 1_555 ? ? ? ? ? ? WATSON-CRICK ? ? ? 
hydrog15 hydrog ? ? A DC 6  N4 ? ? ? 1_555 C DG 2 O6 ? ? A DC 109 C DG 210 1_555 ? ? ? ? ? ? WATSON-CRICK ? ? ? 
hydrog16 hydrog ? ? A DC 6  O2 ? ? ? 1_555 C DG 2 N2 ? ? A DC 109 C DG 210 1_555 ? ? ? ? ? ? WATSON-CRICK ? ? ? 
hydrog17 hydrog ? ? A DC 7  N3 ? ? ? 1_555 C DG 1 N1 ? ? A DC 110 C DG 209 1_555 ? ? ? ? ? ? WATSON-CRICK ? ? ? 
hydrog18 hydrog ? ? A DC 7  N4 ? ? ? 1_555 C DG 1 O6 ? ? A DC 110 C DG 209 1_555 ? ? ? ? ? ? WATSON-CRICK ? ? ? 
hydrog19 hydrog ? ? A DC 7  O2 ? ? ? 1_555 C DG 1 N2 ? ? A DC 110 C DG 209 1_555 ? ? ? ? ? ? WATSON-CRICK ? ? ? 
hydrog20 hydrog ? ? A DT 8  N3 ? ? ? 1_555 B DA 7 N1 ? ? A DT 111 B DA 125 1_555 ? ? ? ? ? ? WATSON-CRICK ? ? ? 
hydrog21 hydrog ? ? A DT 8  O4 ? ? ? 1_555 B DA 7 N6 ? ? A DT 111 B DA 125 1_555 ? ? ? ? ? ? WATSON-CRICK ? ? ? 
hydrog22 hydrog ? ? A DG 9  N1 ? ? ? 1_555 B DC 6 N3 ? ? A DG 112 B DC 124 1_555 ? ? ? ? ? ? WATSON-CRICK ? ? ? 
hydrog23 hydrog ? ? A DG 9  N2 ? ? ? 1_555 B DC 6 O2 ? ? A DG 112 B DC 124 1_555 ? ? ? ? ? ? WATSON-CRICK ? ? ? 
hydrog24 hydrog ? ? A DG 9  O6 ? ? ? 1_555 B DC 6 N4 ? ? A DG 112 B DC 124 1_555 ? ? ? ? ? ? WATSON-CRICK ? ? ? 
hydrog25 hydrog ? ? A DT 10 N3 ? ? ? 1_555 B DA 5 N1 ? ? A DT 113 B DA 123 1_555 ? ? ? ? ? ? WATSON-CRICK ? ? ? 
hydrog26 hydrog ? ? A DT 10 O4 ? ? ? 1_555 B DA 5 N6 ? ? A DT 113 B DA 123 1_555 ? ? ? ? ? ? WATSON-CRICK ? ? ? 
hydrog27 hydrog ? ? A DA 11 N1 ? ? ? 1_555 B DT 4 N3 ? ? A DA 114 B DT 122 1_555 ? ? ? ? ? ? WATSON-CRICK ? ? ? 
hydrog28 hydrog ? ? A DA 11 N6 ? ? ? 1_555 B DT 4 O4 ? ? A DA 114 B DT 122 1_555 ? ? ? ? ? ? WATSON-CRICK ? ? ? 
hydrog29 hydrog ? ? A DC 12 N3 ? ? ? 1_555 B DG 3 N1 ? ? A DC 115 B DG 121 1_555 ? ? ? ? ? ? WATSON-CRICK ? ? ? 
hydrog30 hydrog ? ? A DC 12 N4 ? ? ? 1_555 B DG 3 O6 ? ? A DC 115 B DG 121 1_555 ? ? ? ? ? ? WATSON-CRICK ? ? ? 
hydrog31 hydrog ? ? A DC 12 O2 ? ? ? 1_555 B DG 3 N2 ? ? A DC 115 B DG 121 1_555 ? ? ? ? ? ? WATSON-CRICK ? ? ? 
hydrog32 hydrog ? ? A DG 13 N1 ? ? ? 1_555 B DC 2 N3 ? ? A DG 116 B DC 120 1_555 ? ? ? ? ? ? WATSON-CRICK ? ? ? 
hydrog33 hydrog ? ? A DG 13 N2 ? ? ? 1_555 B DC 2 O2 ? ? A DG 116 B DC 120 1_555 ? ? ? ? ? ? WATSON-CRICK ? ? ? 
hydrog34 hydrog ? ? A DG 13 O6 ? ? ? 1_555 B DC 2 N4 ? ? A DG 116 B DC 120 1_555 ? ? ? ? ? ? WATSON-CRICK ? ? ? 
hydrog35 hydrog ? ? A DG 14 N1 ? ? ? 1_555 B DC 1 N3 ? ? A DG 117 B DC 119 1_555 ? ? ? ? ? ? WATSON-CRICK ? ? ? 
hydrog36 hydrog ? ? A DG 14 N2 ? ? ? 1_555 B DC 1 O2 ? ? A DG 117 B DC 119 1_555 ? ? ? ? ? ? WATSON-CRICK ? ? ? 
hydrog37 hydrog ? ? A DG 14 O6 ? ? ? 1_555 B DC 1 N4 ? ? A DG 117 B DC 119 1_555 ? ? ? ? ? ? WATSON-CRICK ? ? ? 
hydrog38 hydrog ? ? A DA 15 N1 ? ? ? 1_555 D DT 7 N3 ? ? A DA 118 D DT 109 1_555 ? ? ? ? ? ? WATSON-CRICK ? ? ? 
hydrog39 hydrog ? ? A DA 15 N6 ? ? ? 1_555 D DT 7 O4 ? ? A DA 118 D DT 109 1_555 ? ? ? ? ? ? WATSON-CRICK ? ? ? 
hydrog40 hydrog ? ? A DC 16 O2 ? ? ? 1_555 D DG 6 N2 ? ? A DC 119 D DG 108 1_555 ? ? ? ? ? ? 'DC-DG PAIR' ? ? ? 
hydrog41 hydrog ? ? A DA 17 N1 ? ? ? 1_555 D DT 5 N3 ? ? A DA 120 D DT 107 1_555 ? ? ? ? ? ? WATSON-CRICK ? ? ? 
hydrog42 hydrog ? ? A DA 17 N6 ? ? ? 1_555 D DT 5 O4 ? ? A DA 120 D DT 107 1_555 ? ? ? ? ? ? WATSON-CRICK ? ? ? 
hydrog43 hydrog ? ? A DG 18 N1 ? ? ? 1_555 D DC 4 N3 ? ? A DG 121 D DC 106 1_555 ? ? ? ? ? ? WATSON-CRICK ? ? ? 
hydrog44 hydrog ? ? A DG 18 N2 ? ? ? 1_555 D DC 4 O2 ? ? A DG 121 D DC 106 1_555 ? ? ? ? ? ? WATSON-CRICK ? ? ? 
hydrog45 hydrog ? ? A DG 18 O6 ? ? ? 1_555 D DC 4 N4 ? ? A DG 121 D DC 106 1_555 ? ? ? ? ? ? WATSON-CRICK ? ? ? 
hydrog46 hydrog ? ? A DT 19 N3 ? ? ? 1_555 D DA 3 N1 ? ? A DT 122 D DA 105 1_555 ? ? ? ? ? ? WATSON-CRICK ? ? ? 
hydrog47 hydrog ? ? A DT 19 O4 ? ? ? 1_555 D DA 3 N6 ? ? A DT 122 D DA 105 1_555 ? ? ? ? ? ? WATSON-CRICK ? ? ? 
hydrog48 hydrog ? ? A DC 20 N3 ? ? ? 1_555 D DG 2 N1 ? ? A DC 123 D DG 104 1_555 ? ? ? ? ? ? WATSON-CRICK ? ? ? 
hydrog49 hydrog ? ? A DC 20 N4 ? ? ? 1_555 D DG 2 O6 ? ? A DC 123 D DG 104 1_555 ? ? ? ? ? ? WATSON-CRICK ? ? ? 
hydrog50 hydrog ? ? A DC 20 O2 ? ? ? 1_555 D DG 2 N2 ? ? A DC 123 D DG 104 1_555 ? ? ? ? ? ? WATSON-CRICK ? ? ? 
hydrog51 hydrog ? ? A DA 21 N1 ? ? ? 1_555 D DT 1 N3 ? ? A DA 124 D DT 103 1_555 ? ? ? ? ? ? WATSON-CRICK ? ? ? 
hydrog52 hydrog ? ? A DA 21 N6 ? ? ? 1_555 D DT 1 O4 ? ? A DA 124 D DT 103 1_555 ? ? ? ? ? ? WATSON-CRICK ? ? ? 
# 
_struct_conn_type.id          hydrog 
_struct_conn_type.criteria    ? 
_struct_conn_type.reference   ? 
# 
_pdbx_entry_details.entry_id                   9PM3 
_pdbx_entry_details.compound_details           ? 
_pdbx_entry_details.source_details             ? 
_pdbx_entry_details.nonpolymer_details         ? 
_pdbx_entry_details.sequence_details           ? 
_pdbx_entry_details.has_ligand_of_interest     ? 
_pdbx_entry_details.has_protein_modification   N 
# 
_pdbx_validate_rmsd_angle.id                         1 
_pdbx_validate_rmsd_angle.PDB_model_num              1 
_pdbx_validate_rmsd_angle.auth_atom_id_1             "O4'" 
_pdbx_validate_rmsd_angle.auth_asym_id_1             B 
_pdbx_validate_rmsd_angle.auth_comp_id_1             DC 
_pdbx_validate_rmsd_angle.auth_seq_id_1              124 
_pdbx_validate_rmsd_angle.PDB_ins_code_1             ? 
_pdbx_validate_rmsd_angle.label_alt_id_1             ? 
_pdbx_validate_rmsd_angle.auth_atom_id_2             "C1'" 
_pdbx_validate_rmsd_angle.auth_asym_id_2             B 
_pdbx_validate_rmsd_angle.auth_comp_id_2             DC 
_pdbx_validate_rmsd_angle.auth_seq_id_2              124 
_pdbx_validate_rmsd_angle.PDB_ins_code_2             ? 
_pdbx_validate_rmsd_angle.label_alt_id_2             ? 
_pdbx_validate_rmsd_angle.auth_atom_id_3             N1 
_pdbx_validate_rmsd_angle.auth_asym_id_3             B 
_pdbx_validate_rmsd_angle.auth_comp_id_3             DC 
_pdbx_validate_rmsd_angle.auth_seq_id_3              124 
_pdbx_validate_rmsd_angle.PDB_ins_code_3             ? 
_pdbx_validate_rmsd_angle.label_alt_id_3             ? 
_pdbx_validate_rmsd_angle.angle_value                111.06 
_pdbx_validate_rmsd_angle.angle_target_value         108.30 
_pdbx_validate_rmsd_angle.angle_deviation            2.76 
_pdbx_validate_rmsd_angle.angle_standard_deviation   0.30 
_pdbx_validate_rmsd_angle.linker_flag                N 
# 
loop_
_space_group_symop.id 
_space_group_symop.operation_xyz 
1  x,y,z                
2  x+1/4,-z+1/4,y+3/4   
3  x+1/4,z+3/4,-y+3/4   
4  z+1/4,y+3/4,-x+3/4   
5  -z+1/4,y+3/4,x+1/4   
6  -y+1/4,x+3/4,z+1/4   
7  y+1/4,-x+1/4,z+3/4   
8  z,x,y                
9  y,z,x                
10 -y,-z+1/2,x          
11 z,-x,-y+1/2          
12 -y+1/2,z,-x          
13 -z,-x+1/2,y          
14 -z+1/2,x,-y          
15 y,-z,-x+1/2          
16 x,-y,-z+1/2          
17 -x+1/2,y,-z          
18 -x,-y+1/2,z          
19 y+1/4,x+3/4,-z+3/4   
20 -y+1/4,-x+1/4,-z+1/4 
21 z+1/4,-y+1/4,x+3/4   
22 -z+1/4,-y+1/4,-x+1/4 
23 -x+1/4,z+3/4,y+1/4   
24 -x+1/4,-z+1/4,-y+1/4 
25 x+1/2,y+1/2,z+1/2    
26 x+3/4,-z+3/4,y+5/4   
27 x+3/4,z+5/4,-y+5/4   
28 z+3/4,y+5/4,-x+5/4   
29 -z+3/4,y+5/4,x+3/4   
30 -y+3/4,x+5/4,z+3/4   
31 y+3/4,-x+3/4,z+5/4   
32 z+1/2,x+1/2,y+1/2    
33 y+1/2,z+1/2,x+1/2    
34 -y+1/2,-z+1,x+1/2    
35 z+1/2,-x+1/2,-y+1    
36 -y+1,z+1/2,-x+1/2    
37 -z+1/2,-x+1,y+1/2    
38 -z+1,x+1/2,-y+1/2    
39 y+1/2,-z+1/2,-x+1    
40 x+1/2,-y+1/2,-z+1    
41 -x+1,y+1/2,-z+1/2    
42 -x+1/2,-y+1,z+1/2    
43 y+3/4,x+5/4,-z+5/4   
44 -y+3/4,-x+3/4,-z+3/4 
45 z+3/4,-y+3/4,x+5/4   
46 -z+3/4,-y+3/4,-x+3/4 
47 -x+3/4,z+5/4,y+3/4   
48 -x+3/4,-z+3/4,-y+3/4 
# 
loop_
_pdbx_refine_tls.id 
_pdbx_refine_tls.pdbx_refine_id 
_pdbx_refine_tls.details 
_pdbx_refine_tls.method 
_pdbx_refine_tls.origin_x 
_pdbx_refine_tls.origin_y 
_pdbx_refine_tls.origin_z 
_pdbx_refine_tls.T[1][1] 
_pdbx_refine_tls.T[1][1]_esd 
_pdbx_refine_tls.T[1][2] 
_pdbx_refine_tls.T[1][2]_esd 
_pdbx_refine_tls.T[1][3] 
_pdbx_refine_tls.T[1][3]_esd 
_pdbx_refine_tls.T[2][2] 
_pdbx_refine_tls.T[2][2]_esd 
_pdbx_refine_tls.T[2][3] 
_pdbx_refine_tls.T[2][3]_esd 
_pdbx_refine_tls.T[3][3] 
_pdbx_refine_tls.T[3][3]_esd 
_pdbx_refine_tls.L[1][1] 
_pdbx_refine_tls.L[1][1]_esd 
_pdbx_refine_tls.L[1][2] 
_pdbx_refine_tls.L[1][2]_esd 
_pdbx_refine_tls.L[1][3] 
_pdbx_refine_tls.L[1][3]_esd 
_pdbx_refine_tls.L[2][2] 
_pdbx_refine_tls.L[2][2]_esd 
_pdbx_refine_tls.L[2][3] 
_pdbx_refine_tls.L[2][3]_esd 
_pdbx_refine_tls.L[3][3] 
_pdbx_refine_tls.L[3][3]_esd 
_pdbx_refine_tls.S[1][1] 
_pdbx_refine_tls.S[1][1]_esd 
_pdbx_refine_tls.S[1][2] 
_pdbx_refine_tls.S[1][2]_esd 
_pdbx_refine_tls.S[1][3] 
_pdbx_refine_tls.S[1][3]_esd 
_pdbx_refine_tls.S[2][1] 
_pdbx_refine_tls.S[2][1]_esd 
_pdbx_refine_tls.S[2][2] 
_pdbx_refine_tls.S[2][2]_esd 
_pdbx_refine_tls.S[2][3] 
_pdbx_refine_tls.S[2][3]_esd 
_pdbx_refine_tls.S[3][1] 
_pdbx_refine_tls.S[3][1]_esd 
_pdbx_refine_tls.S[3][2] 
_pdbx_refine_tls.S[3][2]_esd 
_pdbx_refine_tls.S[3][3] 
_pdbx_refine_tls.S[3][3]_esd 
1 'X-RAY DIFFRACTION' ? refined -0.24847959715  0.0768075883  -0.51032932005 3.70857650544 ? -1.058027764830 ? -0.091466233946 ? 4.66231711720 ? 0.64999315973   ? 4.71286768500 ? 2.5332796049   ? -0.32545282324 ? 0.77440188192   ? 10.07042020041 ? 6.91720445231   ? 1.52111783208  ? 3.07568671929  ? 1.23908983080  ? 4.58934442392  ? -0.12844346685  ? -3.41177723863 ? -0.16876899865  ? 0.85007916132  ? 0.0894952125    ? -1.90512335287 ? 
2 'X-RAY DIFFRACTION' ? refined 0.29112579148   -1.5749901232 -0.20804764618 5.15645225574 ? 0.382235232394  ? -1.253926685470 ? 2.4372130279  ? 1.014380513     ? 4.24040360924 ? 11.09580622428 ? -0.71324634358 ? -8.15254125407  ? -0.91547279599 ? -1.49555091191  ? 4.76949328172  ? 2.998793143829 ? -1.24211045274 ? 2.267892323863 ? -2.67904312298  ? 1.67158194003  ? -4.633555516674 ? 3.83768711327  ? -1.72043143464  ? 1.242823178489 ? 
3 'X-RAY DIFFRACTION' ? refined 22.5569082990   0.96143526231 7.63565873     6.64450281346 ? -1.09739290083  ? -1.540754545856 ? 4.68509480660 ? -0.289763923187 ? 3.12149995187 ? 5.62088942264  ? -3.80584116857 ? -1.879353174726 ? 2.59228455630  ? 1.273709407735  ? 0.652152503450 ? 4.548654740558 ? -6.90118604844 ? 0.44779717212  ? -1.810318652769 ? 0.40337073567  ? -3.37241033240  ? 5.77136842218  ? 1.66541976241   ? 0.0160196546   ? 
4 'X-RAY DIFFRACTION' ? refined -22.79139332514 0.2163165605  -6.25795515596 3.09716209875 ? 0.66669956825   ? -5.11715947990  ? 6.0040237238  ? 2.36716798615   ? 6.13535766407 ? 1.705780949048 ? 1.628792243554 ? -0.344723190045 ? 1.575348034071 ? -0.359421431659 ? 0.05716274719  ? -2.84075733023 ? -4.8380305486  ? 6.35747048576  ? -1.40480523966  ? -2.11308938161 ? -0.59073236438  ? -1.10167299528 ? -6.362041492210 ? -0.67879644108 ? 
# 
loop_
_pdbx_refine_tls_group.id 
_pdbx_refine_tls_group.pdbx_refine_id 
_pdbx_refine_tls_group.refine_tls_id 
_pdbx_refine_tls_group.beg_label_asym_id 
_pdbx_refine_tls_group.beg_label_seq_id 
_pdbx_refine_tls_group.beg_auth_asym_id 
_pdbx_refine_tls_group.beg_auth_seq_id 
_pdbx_refine_tls_group.beg_PDB_ins_code 
_pdbx_refine_tls_group.end_label_asym_id 
_pdbx_refine_tls_group.end_label_seq_id 
_pdbx_refine_tls_group.end_auth_asym_id 
_pdbx_refine_tls_group.end_auth_seq_id 
_pdbx_refine_tls_group.end_PDB_ins_code 
_pdbx_refine_tls_group.selection 
_pdbx_refine_tls_group.selection_details 
1 'X-RAY DIFFRACTION' 1 A ? A 104 ? A ? A 124 ? ? 
;(chain 'A' and resid 104 through 124)
;
2 'X-RAY DIFFRACTION' 2 B ? B 119 ? B ? B 125 ? ? 
;(chain 'B' and resid 119 through 125)
;
3 'X-RAY DIFFRACTION' 3 C ? C 209 ? C ? C 215 ? ? 
;(chain 'C' and resid 209 through 215)
;
4 'X-RAY DIFFRACTION' 4 D ? D 103 ? D ? D 109 ? ? 
;(chain 'D' and resid 103 through 109)
;
# 
loop_
_chem_comp_atom.comp_id 
_chem_comp_atom.atom_id 
_chem_comp_atom.type_symbol 
_chem_comp_atom.pdbx_aromatic_flag 
_chem_comp_atom.pdbx_stereo_config 
_chem_comp_atom.pdbx_ordinal 
DA OP3    O N N 1   
DA P      P N N 2   
DA OP1    O N N 3   
DA OP2    O N N 4   
DA "O5'"  O N N 5   
DA "C5'"  C N N 6   
DA "C4'"  C N R 7   
DA "O4'"  O N N 8   
DA "C3'"  C N S 9   
DA "O3'"  O N N 10  
DA "C2'"  C N N 11  
DA "C1'"  C N R 12  
DA N9     N Y N 13  
DA C8     C Y N 14  
DA N7     N Y N 15  
DA C5     C Y N 16  
DA C6     C Y N 17  
DA N6     N N N 18  
DA N1     N Y N 19  
DA C2     C Y N 20  
DA N3     N Y N 21  
DA C4     C Y N 22  
DA HOP3   H N N 23  
DA HOP2   H N N 24  
DA "H5'"  H N N 25  
DA "H5''" H N N 26  
DA "H4'"  H N N 27  
DA "H3'"  H N N 28  
DA "HO3'" H N N 29  
DA "H2'"  H N N 30  
DA "H2''" H N N 31  
DA "H1'"  H N N 32  
DA H8     H N N 33  
DA H61    H N N 34  
DA H62    H N N 35  
DA H2     H N N 36  
DC OP3    O N N 37  
DC P      P N N 38  
DC OP1    O N N 39  
DC OP2    O N N 40  
DC "O5'"  O N N 41  
DC "C5'"  C N N 42  
DC "C4'"  C N R 43  
DC "O4'"  O N N 44  
DC "C3'"  C N S 45  
DC "O3'"  O N N 46  
DC "C2'"  C N N 47  
DC "C1'"  C N R 48  
DC N1     N N N 49  
DC C2     C N N 50  
DC O2     O N N 51  
DC N3     N N N 52  
DC C4     C N N 53  
DC N4     N N N 54  
DC C5     C N N 55  
DC C6     C N N 56  
DC HOP3   H N N 57  
DC HOP2   H N N 58  
DC "H5'"  H N N 59  
DC "H5''" H N N 60  
DC "H4'"  H N N 61  
DC "H3'"  H N N 62  
DC "HO3'" H N N 63  
DC "H2'"  H N N 64  
DC "H2''" H N N 65  
DC "H1'"  H N N 66  
DC H41    H N N 67  
DC H42    H N N 68  
DC H5     H N N 69  
DC H6     H N N 70  
DG OP3    O N N 71  
DG P      P N N 72  
DG OP1    O N N 73  
DG OP2    O N N 74  
DG "O5'"  O N N 75  
DG "C5'"  C N N 76  
DG "C4'"  C N R 77  
DG "O4'"  O N N 78  
DG "C3'"  C N S 79  
DG "O3'"  O N N 80  
DG "C2'"  C N N 81  
DG "C1'"  C N R 82  
DG N9     N Y N 83  
DG C8     C Y N 84  
DG N7     N Y N 85  
DG C5     C Y N 86  
DG C6     C N N 87  
DG O6     O N N 88  
DG N1     N N N 89  
DG C2     C N N 90  
DG N2     N N N 91  
DG N3     N N N 92  
DG C4     C Y N 93  
DG HOP3   H N N 94  
DG HOP2   H N N 95  
DG "H5'"  H N N 96  
DG "H5''" H N N 97  
DG "H4'"  H N N 98  
DG "H3'"  H N N 99  
DG "HO3'" H N N 100 
DG "H2'"  H N N 101 
DG "H2''" H N N 102 
DG "H1'"  H N N 103 
DG H8     H N N 104 
DG H1     H N N 105 
DG H21    H N N 106 
DG H22    H N N 107 
DT OP3    O N N 108 
DT P      P N N 109 
DT OP1    O N N 110 
DT OP2    O N N 111 
DT "O5'"  O N N 112 
DT "C5'"  C N N 113 
DT "C4'"  C N R 114 
DT "O4'"  O N N 115 
DT "C3'"  C N S 116 
DT "O3'"  O N N 117 
DT "C2'"  C N N 118 
DT "C1'"  C N R 119 
DT N1     N N N 120 
DT C2     C N N 121 
DT O2     O N N 122 
DT N3     N N N 123 
DT C4     C N N 124 
DT O4     O N N 125 
DT C5     C N N 126 
DT C7     C N N 127 
DT C6     C N N 128 
DT HOP3   H N N 129 
DT HOP2   H N N 130 
DT "H5'"  H N N 131 
DT "H5''" H N N 132 
DT "H4'"  H N N 133 
DT "H3'"  H N N 134 
DT "HO3'" H N N 135 
DT "H2'"  H N N 136 
DT "H2''" H N N 137 
DT "H1'"  H N N 138 
DT H3     H N N 139 
DT H71    H N N 140 
DT H72    H N N 141 
DT H73    H N N 142 
DT H6     H N N 143 
# 
loop_
_chem_comp_bond.comp_id 
_chem_comp_bond.atom_id_1 
_chem_comp_bond.atom_id_2 
_chem_comp_bond.value_order 
_chem_comp_bond.pdbx_aromatic_flag 
_chem_comp_bond.pdbx_stereo_config 
_chem_comp_bond.pdbx_ordinal 
DA OP3   P      sing N N 1   
DA OP3   HOP3   sing N N 2   
DA P     OP1    doub N N 3   
DA P     OP2    sing N N 4   
DA P     "O5'"  sing N N 5   
DA OP2   HOP2   sing N N 6   
DA "O5'" "C5'"  sing N N 7   
DA "C5'" "C4'"  sing N N 8   
DA "C5'" "H5'"  sing N N 9   
DA "C5'" "H5''" sing N N 10  
DA "C4'" "O4'"  sing N N 11  
DA "C4'" "C3'"  sing N N 12  
DA "C4'" "H4'"  sing N N 13  
DA "O4'" "C1'"  sing N N 14  
DA "C3'" "O3'"  sing N N 15  
DA "C3'" "C2'"  sing N N 16  
DA "C3'" "H3'"  sing N N 17  
DA "O3'" "HO3'" sing N N 18  
DA "C2'" "C1'"  sing N N 19  
DA "C2'" "H2'"  sing N N 20  
DA "C2'" "H2''" sing N N 21  
DA "C1'" N9     sing N N 22  
DA "C1'" "H1'"  sing N N 23  
DA N9    C8     sing Y N 24  
DA N9    C4     sing Y N 25  
DA C8    N7     doub Y N 26  
DA C8    H8     sing N N 27  
DA N7    C5     sing Y N 28  
DA C5    C6     sing Y N 29  
DA C5    C4     doub Y N 30  
DA C6    N6     sing N N 31  
DA C6    N1     doub Y N 32  
DA N6    H61    sing N N 33  
DA N6    H62    sing N N 34  
DA N1    C2     sing Y N 35  
DA C2    N3     doub Y N 36  
DA C2    H2     sing N N 37  
DA N3    C4     sing Y N 38  
DC OP3   P      sing N N 39  
DC OP3   HOP3   sing N N 40  
DC P     OP1    doub N N 41  
DC P     OP2    sing N N 42  
DC P     "O5'"  sing N N 43  
DC OP2   HOP2   sing N N 44  
DC "O5'" "C5'"  sing N N 45  
DC "C5'" "C4'"  sing N N 46  
DC "C5'" "H5'"  sing N N 47  
DC "C5'" "H5''" sing N N 48  
DC "C4'" "O4'"  sing N N 49  
DC "C4'" "C3'"  sing N N 50  
DC "C4'" "H4'"  sing N N 51  
DC "O4'" "C1'"  sing N N 52  
DC "C3'" "O3'"  sing N N 53  
DC "C3'" "C2'"  sing N N 54  
DC "C3'" "H3'"  sing N N 55  
DC "O3'" "HO3'" sing N N 56  
DC "C2'" "C1'"  sing N N 57  
DC "C2'" "H2'"  sing N N 58  
DC "C2'" "H2''" sing N N 59  
DC "C1'" N1     sing N N 60  
DC "C1'" "H1'"  sing N N 61  
DC N1    C2     sing N N 62  
DC N1    C6     sing N N 63  
DC C2    O2     doub N N 64  
DC C2    N3     sing N N 65  
DC N3    C4     doub N N 66  
DC C4    N4     sing N N 67  
DC C4    C5     sing N N 68  
DC N4    H41    sing N N 69  
DC N4    H42    sing N N 70  
DC C5    C6     doub N N 71  
DC C5    H5     sing N N 72  
DC C6    H6     sing N N 73  
DG OP3   P      sing N N 74  
DG OP3   HOP3   sing N N 75  
DG P     OP1    doub N N 76  
DG P     OP2    sing N N 77  
DG P     "O5'"  sing N N 78  
DG OP2   HOP2   sing N N 79  
DG "O5'" "C5'"  sing N N 80  
DG "C5'" "C4'"  sing N N 81  
DG "C5'" "H5'"  sing N N 82  
DG "C5'" "H5''" sing N N 83  
DG "C4'" "O4'"  sing N N 84  
DG "C4'" "C3'"  sing N N 85  
DG "C4'" "H4'"  sing N N 86  
DG "O4'" "C1'"  sing N N 87  
DG "C3'" "O3'"  sing N N 88  
DG "C3'" "C2'"  sing N N 89  
DG "C3'" "H3'"  sing N N 90  
DG "O3'" "HO3'" sing N N 91  
DG "C2'" "C1'"  sing N N 92  
DG "C2'" "H2'"  sing N N 93  
DG "C2'" "H2''" sing N N 94  
DG "C1'" N9     sing N N 95  
DG "C1'" "H1'"  sing N N 96  
DG N9    C8     sing Y N 97  
DG N9    C4     sing Y N 98  
DG C8    N7     doub Y N 99  
DG C8    H8     sing N N 100 
DG N7    C5     sing Y N 101 
DG C5    C6     sing N N 102 
DG C5    C4     doub Y N 103 
DG C6    O6     doub N N 104 
DG C6    N1     sing N N 105 
DG N1    C2     sing N N 106 
DG N1    H1     sing N N 107 
DG C2    N2     sing N N 108 
DG C2    N3     doub N N 109 
DG N2    H21    sing N N 110 
DG N2    H22    sing N N 111 
DG N3    C4     sing N N 112 
DT OP3   P      sing N N 113 
DT OP3   HOP3   sing N N 114 
DT P     OP1    doub N N 115 
DT P     OP2    sing N N 116 
DT P     "O5'"  sing N N 117 
DT OP2   HOP2   sing N N 118 
DT "O5'" "C5'"  sing N N 119 
DT "C5'" "C4'"  sing N N 120 
DT "C5'" "H5'"  sing N N 121 
DT "C5'" "H5''" sing N N 122 
DT "C4'" "O4'"  sing N N 123 
DT "C4'" "C3'"  sing N N 124 
DT "C4'" "H4'"  sing N N 125 
DT "O4'" "C1'"  sing N N 126 
DT "C3'" "O3'"  sing N N 127 
DT "C3'" "C2'"  sing N N 128 
DT "C3'" "H3'"  sing N N 129 
DT "O3'" "HO3'" sing N N 130 
DT "C2'" "C1'"  sing N N 131 
DT "C2'" "H2'"  sing N N 132 
DT "C2'" "H2''" sing N N 133 
DT "C1'" N1     sing N N 134 
DT "C1'" "H1'"  sing N N 135 
DT N1    C2     sing N N 136 
DT N1    C6     sing N N 137 
DT C2    O2     doub N N 138 
DT C2    N3     sing N N 139 
DT N3    C4     sing N N 140 
DT N3    H3     sing N N 141 
DT C4    O4     doub N N 142 
DT C4    C5     sing N N 143 
DT C5    C7     sing N N 144 
DT C5    C6     doub N N 145 
DT C7    H71    sing N N 146 
DT C7    H72    sing N N 147 
DT C7    H73    sing N N 148 
DT C6    H6     sing N N 149 
# 
loop_
_ndb_struct_conf_na.entry_id 
_ndb_struct_conf_na.feature 
9PM3 'double helix'        
9PM3 'a-form double helix' 
9PM3 'b-form double helix' 
# 
loop_
_ndb_struct_na_base_pair.model_number 
_ndb_struct_na_base_pair.i_label_asym_id 
_ndb_struct_na_base_pair.i_label_comp_id 
_ndb_struct_na_base_pair.i_label_seq_id 
_ndb_struct_na_base_pair.i_symmetry 
_ndb_struct_na_base_pair.j_label_asym_id 
_ndb_struct_na_base_pair.j_label_comp_id 
_ndb_struct_na_base_pair.j_label_seq_id 
_ndb_struct_na_base_pair.j_symmetry 
_ndb_struct_na_base_pair.shear 
_ndb_struct_na_base_pair.stretch 
_ndb_struct_na_base_pair.stagger 
_ndb_struct_na_base_pair.buckle 
_ndb_struct_na_base_pair.propeller 
_ndb_struct_na_base_pair.opening 
_ndb_struct_na_base_pair.pair_number 
_ndb_struct_na_base_pair.pair_name 
_ndb_struct_na_base_pair.i_auth_asym_id 
_ndb_struct_na_base_pair.i_auth_seq_id 
_ndb_struct_na_base_pair.i_PDB_ins_code 
_ndb_struct_na_base_pair.j_auth_asym_id 
_ndb_struct_na_base_pair.j_auth_seq_id 
_ndb_struct_na_base_pair.j_PDB_ins_code 
_ndb_struct_na_base_pair.hbond_type_28 
_ndb_struct_na_base_pair.hbond_type_12 
1 A DG 1  1_555 C DC 7 1_555 -0.193 -0.122 0.011  0.867  0.069   -1.351  1  A_DG104:DC215_C A 104 ? C 215 ? 19 1 
1 A DC 2  1_555 C DG 6 1_555 0.177  -0.161 0.117  1.132  -1.373  -2.424  2  A_DC105:DG214_C A 105 ? C 214 ? 19 1 
1 A DA 3  1_555 C DT 5 1_555 0.110  -0.052 0.140  -0.086 -2.281  -4.709  3  A_DA106:DT213_C A 106 ? C 213 ? 20 1 
1 A DT 4  1_555 C DA 4 1_555 -0.076 -0.123 -0.048 0.032  -1.035  1.267   4  A_DT107:DA212_C A 107 ? C 212 ? 20 1 
1 A DG 5  1_555 C DC 3 1_555 0.701  0.137  -0.443 3.119  8.855   -12.024 5  A_DG108:DC211_C A 108 ? C 211 ? 19 1 
1 A DC 6  1_555 C DG 2 1_555 0.198  -0.163 -0.416 0.169  0.900   1.302   6  A_DC109:DG210_C A 109 ? C 210 ? 19 1 
1 A DC 7  1_555 C DG 1 1_555 0.203  -0.191 -0.130 0.143  8.793   -0.084  7  A_DC110:DG209_C A 110 ? C 209 ? 19 1 
1 A DT 8  1_555 B DA 7 1_555 -0.070 -0.221 -0.079 0.036  -4.299  9.334   8  A_DT111:DA125_B A 111 ? B 125 ? 20 1 
1 A DG 9  1_555 B DC 6 1_555 -0.256 -0.115 -0.300 -5.798 -0.595  1.525   9  A_DG112:DC124_B A 112 ? B 124 ? 19 1 
1 A DT 10 1_555 B DA 5 1_555 -0.724 0.591  -0.144 -1.287 -2.888  -13.630 10 A_DT113:DA123_B A 113 ? B 123 ? 20 1 
1 A DA 11 1_555 B DT 4 1_555 0.006  -0.139 0.007  0.222  -0.957  2.304   11 A_DA114:DT122_B A 114 ? B 122 ? 20 1 
1 A DC 12 1_555 B DG 3 1_555 0.217  -0.108 0.057  0.179  -5.235  0.597   12 A_DC115:DG121_B A 115 ? B 121 ? 19 1 
1 A DG 13 1_555 B DC 2 1_555 -0.211 -0.103 0.012  -3.645 -4.281  -1.015  13 A_DG116:DC120_B A 116 ? B 120 ? 19 1 
1 A DG 14 1_555 B DC 1 1_555 -0.214 -0.112 -0.284 -2.790 -7.862  2.572   14 A_DG117:DC119_B A 117 ? B 119 ? 19 1 
1 A DA 15 1_555 D DT 7 1_555 0.127  -0.110 0.070  6.786  -5.628  -2.145  15 A_DA118:DT109_D A 118 ? D 109 ? 20 1 
1 A DC 16 1_555 D DG 6 1_555 -0.365 0.664  -0.080 11.933 -18.118 16.839  16 A_DC119:DG108_D A 119 ? D 108 ? ?  1 
1 A DA 17 1_555 D DT 5 1_555 0.088  -0.060 -0.170 -4.906 -3.158  -3.310  17 A_DA120:DT107_D A 120 ? D 107 ? 20 1 
1 A DG 18 1_555 D DC 4 1_555 -0.188 -0.133 -0.409 -5.406 -1.169  0.091   18 A_DG121:DC106_D A 121 ? D 106 ? 19 1 
1 A DT 19 1_555 D DA 3 1_555 -0.103 -0.135 -0.435 -1.182 1.031   -3.399  19 A_DT122:DA105_D A 122 ? D 105 ? 20 1 
1 A DC 20 1_555 D DG 2 1_555 0.174  -0.146 -0.193 0.616  -0.398  -1.928  20 A_DC123:DG104_D A 123 ? D 104 ? 19 1 
1 A DA 21 1_555 D DT 1 1_555 0.133  -0.042 0.155  1.471  -0.823  -4.233  21 A_DA124:DT103_D A 124 ? D 103 ? 20 1 
# 
loop_
_ndb_struct_na_base_pair_step.model_number 
_ndb_struct_na_base_pair_step.i_label_asym_id_1 
_ndb_struct_na_base_pair_step.i_label_comp_id_1 
_ndb_struct_na_base_pair_step.i_label_seq_id_1 
_ndb_struct_na_base_pair_step.i_symmetry_1 
_ndb_struct_na_base_pair_step.j_label_asym_id_1 
_ndb_struct_na_base_pair_step.j_label_comp_id_1 
_ndb_struct_na_base_pair_step.j_label_seq_id_1 
_ndb_struct_na_base_pair_step.j_symmetry_1 
_ndb_struct_na_base_pair_step.i_label_asym_id_2 
_ndb_struct_na_base_pair_step.i_label_comp_id_2 
_ndb_struct_na_base_pair_step.i_label_seq_id_2 
_ndb_struct_na_base_pair_step.i_symmetry_2 
_ndb_struct_na_base_pair_step.j_label_asym_id_2 
_ndb_struct_na_base_pair_step.j_label_comp_id_2 
_ndb_struct_na_base_pair_step.j_label_seq_id_2 
_ndb_struct_na_base_pair_step.j_symmetry_2 
_ndb_struct_na_base_pair_step.shift 
_ndb_struct_na_base_pair_step.slide 
_ndb_struct_na_base_pair_step.rise 
_ndb_struct_na_base_pair_step.tilt 
_ndb_struct_na_base_pair_step.roll 
_ndb_struct_na_base_pair_step.twist 
_ndb_struct_na_base_pair_step.x_displacement 
_ndb_struct_na_base_pair_step.y_displacement 
_ndb_struct_na_base_pair_step.helical_rise 
_ndb_struct_na_base_pair_step.inclination 
_ndb_struct_na_base_pair_step.tip 
_ndb_struct_na_base_pair_step.helical_twist 
_ndb_struct_na_base_pair_step.step_number 
_ndb_struct_na_base_pair_step.step_name 
_ndb_struct_na_base_pair_step.i_auth_asym_id_1 
_ndb_struct_na_base_pair_step.i_auth_seq_id_1 
_ndb_struct_na_base_pair_step.i_PDB_ins_code_1 
_ndb_struct_na_base_pair_step.j_auth_asym_id_1 
_ndb_struct_na_base_pair_step.j_auth_seq_id_1 
_ndb_struct_na_base_pair_step.j_PDB_ins_code_1 
_ndb_struct_na_base_pair_step.i_auth_asym_id_2 
_ndb_struct_na_base_pair_step.i_auth_seq_id_2 
_ndb_struct_na_base_pair_step.i_PDB_ins_code_2 
_ndb_struct_na_base_pair_step.j_auth_asym_id_2 
_ndb_struct_na_base_pair_step.j_auth_seq_id_2 
_ndb_struct_na_base_pair_step.j_PDB_ins_code_2 
1 A DG 1  1_555 C DC 7 1_555 A DC 2  1_555 C DG 6 1_555 -0.440 -0.468 3.359 2.724   1.015  40.625 -0.787 0.940  3.312 1.460  
-3.917  40.725 1  AA_DG104DC105:DG214DC215_CC A 104 ? C 215 ? A 105 ? C 214 ? 
1 A DC 2  1_555 C DG 6 1_555 A DA 3  1_555 C DT 5 1_555 -0.077 0.474  3.141 -0.170  3.836  38.774 0.262  0.096  3.172 5.760  0.255 
38.956 2  AA_DC105DA106:DT213DG214_CC A 105 ? C 214 ? A 106 ? C 213 ? 
1 A DA 3  1_555 C DT 5 1_555 A DT 4  1_555 C DA 4 1_555 0.530  -0.809 3.846 -2.720  0.414  31.833 -1.558 -1.539 3.778 0.754  4.947 
31.948 3  AA_DA106DT107:DA212DT213_CC A 106 ? C 213 ? A 107 ? C 212 ? 
1 A DT 4  1_555 C DA 4 1_555 A DG 5  1_555 C DC 3 1_555 -0.930 -0.511 3.118 2.241   6.417  37.677 -1.531 1.682  2.937 9.838  
-3.435  38.263 4  AA_DT107DG108:DC211DA212_CC A 107 ? C 212 ? A 108 ? C 211 ? 
1 A DG 5  1_555 C DC 3 1_555 A DC 6  1_555 C DG 2 1_555 1.726  -2.407 3.677 4.119   2.944  26.895 -5.911 -2.501 3.617 6.260  
-8.758  27.359 5  AA_DG108DC109:DG210DC211_CC A 108 ? C 211 ? A 109 ? C 210 ? 
1 A DC 6  1_555 C DG 2 1_555 A DC 7  1_555 C DG 1 1_555 -0.902 -1.336 3.397 -3.476  8.456  35.019 -3.352 0.960  3.075 13.765 5.658 
36.156 6  AA_DC109DC110:DG209DG210_CC A 109 ? C 210 ? A 110 ? C 209 ? 
1 A DC 7  1_555 C DG 1 1_555 A DT 8  1_555 B DA 7 1_555 -0.733 -0.273 3.408 2.570   14.331 19.507 -5.195 2.556  2.507 36.436 
-6.534  24.299 7  AA_DC110DT111:DA125DG209_BC A 110 ? C 209 ? A 111 ? B 125 ? 
1 A DT 8  1_555 B DA 7 1_555 A DG 9  1_555 B DC 6 1_555 -0.677 1.931  3.516 -1.053  -1.354 39.751 3.004  0.865  3.467 -1.990 1.548 
39.786 8  AA_DT111DG112:DC124DA125_BB A 111 ? B 125 ? A 112 ? B 124 ? 
1 A DG 9  1_555 B DC 6 1_555 A DT 10 1_555 B DA 5 1_555 -0.913 -1.171 3.178 -3.153  2.503  20.244 -4.333 1.209  3.116 7.033  8.858 
20.637 9  AA_DG112DT113:DA123DC124_BB A 112 ? B 124 ? A 113 ? B 123 ? 
1 A DT 10 1_555 B DA 5 1_555 A DA 11 1_555 B DT 4 1_555 1.304  0.101  3.026 0.366   6.440  39.601 -0.536 -1.863 3.017 9.430  
-0.536  40.102 10 AA_DT113DA114:DT122DA123_BB A 113 ? B 123 ? A 114 ? B 122 ? 
1 A DA 11 1_555 B DT 4 1_555 A DC 12 1_555 B DG 3 1_555 -0.789 -0.494 3.146 -1.696  2.341  29.058 -1.469 1.210  3.137 4.651  3.370 
29.198 11 AA_DA114DC115:DG121DT122_BB A 114 ? B 122 ? A 115 ? B 121 ? 
1 A DC 12 1_555 B DG 3 1_555 A DG 13 1_555 B DC 2 1_555 0.177  1.576  3.242 1.550   -1.558 42.292 2.338  -0.090 3.189 -2.158 
-2.147  42.346 12 AA_DC115DG116:DC120DG121_BB A 115 ? B 121 ? A 116 ? B 120 ? 
1 A DG 13 1_555 B DC 2 1_555 A DG 14 1_555 B DC 1 1_555 -0.293 2.078  3.746 -1.986  -1.447 42.209 3.049  0.176  3.686 -2.007 2.755 
42.277 13 AA_DG116DG117:DC119DC120_BB A 116 ? B 120 ? A 117 ? B 119 ? 
1 A DG 14 1_555 B DC 1 1_555 A DA 15 1_555 D DT 7 1_555 -1.663 -0.130 3.163 -12.911 -4.086 33.455 0.409  0.734  3.538 -6.763 
21.372  36.019 14 AA_DG117DA118:DT109DC119_DB A 117 ? B 119 ? A 118 ? D 109 ? 
1 A DA 15 1_555 D DT 7 1_555 A DC 16 1_555 D DG 6 1_555 0.503  0.286  3.520 7.643   -1.064 28.972 0.793  0.754  3.522 -2.080 
-14.945 29.961 15 AA_DA118DC119:DG108DT109_DD A 118 ? D 109 ? A 119 ? D 108 ? 
1 A DC 16 1_555 D DG 6 1_555 A DA 17 1_555 D DT 5 1_555 -1.063 1.356  3.911 -9.468  7.772  47.070 0.894  0.373  4.199 9.543  
11.626  48.550 16 AA_DC119DA120:DT107DG108_DD A 119 ? D 108 ? A 120 ? D 107 ? 
1 A DA 17 1_555 D DT 5 1_555 A DG 18 1_555 D DC 4 1_555 0.074  -0.495 3.503 -4.406  1.556  32.859 -1.146 -0.918 3.438 2.733  7.740 
33.180 17 AA_DA120DG121:DC106DT107_DD A 120 ? D 107 ? A 121 ? D 106 ? 
1 A DG 18 1_555 D DC 4 1_555 A DT 19 1_555 D DA 3 1_555 -0.479 -1.079 3.145 0.975   -0.365 32.147 -1.885 1.032  3.141 -0.659 
-1.760  32.163 18 AA_DG121DT122:DA105DC106_DD A 121 ? D 106 ? A 122 ? D 105 ? 
1 A DT 19 1_555 D DA 3 1_555 A DC 20 1_555 D DG 2 1_555 0.313  -1.232 3.185 -0.026  1.638  31.295 -2.579 -0.585 3.118 3.034  0.048 
31.337 19 AA_DT122DC123:DG104DA105_DD A 122 ? D 105 ? A 123 ? D 104 ? 
1 A DC 20 1_555 D DG 2 1_555 A DA 21 1_555 D DT 1 1_555 -0.199 2.426  3.546 2.512   0.259  34.950 3.987  0.739  3.541 0.431  
-4.175  35.039 20 AA_DC123DA124:DT103DG104_DD A 123 ? D 104 ? A 124 ? D 103 ? 
# 
loop_
_pdbx_audit_support.funding_organization 
_pdbx_audit_support.country 
_pdbx_audit_support.grant_number 
_pdbx_audit_support.ordinal 
'Office of Naval Research (ONR)'                   'United States' N000141912596 1 
'Department of Energy (DOE, United States)'        'United States' DE-SC0007991  2 
'National Science Foundation (NSF, United States)' 'United States' CCF-2106790   3 
'National Science Foundation (NSF, United States)' 'United States' GCR-2317843   4 
# 
_pdbx_initial_refinement_model.id               1 
_pdbx_initial_refinement_model.entity_id_list   ? 
_pdbx_initial_refinement_model.type             'experimental model' 
_pdbx_initial_refinement_model.source_name      PDB 
_pdbx_initial_refinement_model.accession_code   8D93 
_pdbx_initial_refinement_model.details          ? 
# 
_space_group.name_H-M_alt     'I 41 3 2' 
_space_group.name_Hall        'I 4bd 2c 3' 
_space_group.IT_number        214 
_space_group.crystal_system   cubic 
_space_group.id               1 
# 
_atom_sites.entry_id                    9PM3 
_atom_sites.Cartn_transf_matrix[1][1]   ? 
_atom_sites.Cartn_transf_matrix[1][2]   ? 
_atom_sites.Cartn_transf_matrix[1][3]   ? 
_atom_sites.Cartn_transf_matrix[2][1]   ? 
_atom_sites.Cartn_transf_matrix[2][2]   ? 
_atom_sites.Cartn_transf_matrix[2][3]   ? 
_atom_sites.Cartn_transf_matrix[3][1]   ? 
_atom_sites.Cartn_transf_matrix[3][2]   ? 
_atom_sites.Cartn_transf_matrix[3][3]   ? 
_atom_sites.Cartn_transf_vector[1]      ? 
_atom_sites.Cartn_transf_vector[2]      ? 
_atom_sites.Cartn_transf_vector[3]      ? 
_atom_sites.Cartn_transform_axes        ? 
_atom_sites.fract_transf_matrix[1][1]   0.00039141 
_atom_sites.fract_transf_matrix[1][2]   0.00209639 
_atom_sites.fract_transf_matrix[1][3]   0.00542701 
_atom_sites.fract_transf_matrix[2][1]   -0.00484429 
_atom_sites.fract_transf_matrix[2][2]   0.00312963 
_atom_sites.fract_transf_matrix[2][3]   -0.00085956 
_atom_sites.fract_transf_matrix[3][1]   -0.00322184 
_atom_sites.fract_transf_matrix[3][2]   -0.00445096 
_atom_sites.fract_transf_matrix[3][3]   0.00195173 
_atom_sites.fract_transf_vector[1]      0.059496 
_atom_sites.fract_transf_vector[2]      0.065022 
_atom_sites.fract_transf_vector[3]      -0.046813 
_atom_sites.solution_primary            ? 
_atom_sites.solution_secondary          ? 
_atom_sites.solution_hydrogens          ? 
_atom_sites.special_details             ? 
# 
loop_
_atom_type.symbol 
_atom_type.scat_dispersion_real 
_atom_type.scat_dispersion_imag 
_atom_type.scat_Cromer_Mann_a1 
_atom_type.scat_Cromer_Mann_a2 
_atom_type.scat_Cromer_Mann_a3 
_atom_type.scat_Cromer_Mann_a4 
_atom_type.scat_Cromer_Mann_b1 
_atom_type.scat_Cromer_Mann_b2 
_atom_type.scat_Cromer_Mann_b3 
_atom_type.scat_Cromer_Mann_b4 
_atom_type.scat_Cromer_Mann_c 
_atom_type.scat_source 
_atom_type.scat_dispersion_source 
C ? ? 5.96793  ? ? ? 14.89577 ? ? ? 0.0 
;1-Gaussian fit: Grosse-Kunstleve RW, Sauter NK, Adams PD: Newsletter of the IUCr Commission on Crystallographic Computing 2004, 3, 22-31.
;
? 
N ? ? 6.96715  ? ? ? 11.43723 ? ? ? 0.0 
;1-Gaussian fit: Grosse-Kunstleve RW, Sauter NK, Adams PD: Newsletter of the IUCr Commission on Crystallographic Computing 2004, 3, 22-31.
;
? 
O ? ? 7.96527  ? ? ? 9.05267  ? ? ? 0.0 
;1-Gaussian fit: Grosse-Kunstleve RW, Sauter NK, Adams PD: Newsletter of the IUCr Commission on Crystallographic Computing 2004, 3, 22-31.
;
? 
P ? ? 14.90797 ? ? ? 11.91318 ? ? ? 0.0 
;1-Gaussian fit: Grosse-Kunstleve RW, Sauter NK, Adams PD: Newsletter of the IUCr Commission on Crystallographic Computing 2004, 3, 22-31.
;
? 
# 
loop_
_atom_site.group_PDB 
_atom_site.id 
_atom_site.type_symbol 
_atom_site.label_atom_id 
_atom_site.label_alt_id 
_atom_site.label_comp_id 
_atom_site.label_asym_id 
_atom_site.label_entity_id 
_atom_site.label_seq_id 
_atom_site.pdbx_PDB_ins_code 
_atom_site.Cartn_x 
_atom_site.Cartn_y 
_atom_site.Cartn_z 
_atom_site.occupancy 
_atom_site.B_iso_or_equiv 
_atom_site.pdbx_formal_charge 
_atom_site.auth_seq_id 
_atom_site.auth_comp_id 
_atom_site.auth_asym_id 
_atom_site.auth_atom_id 
_atom_site.pdbx_PDB_model_num 
ATOM 1   O "O5'" . DG A 1 1  ? 24.48480  -5.04642  18.01443  1.000 468.17528 ? 104 DG A "O5'" 1 
ATOM 2   C "C5'" . DG A 1 1  ? 25.63947  -4.24676  17.75486  1.000 473.87139 ? 104 DG A "C5'" 1 
ATOM 3   C "C4'" . DG A 1 1  ? 25.52161  -2.89734  18.44103  1.000 476.79540 ? 104 DG A "C4'" 1 
ATOM 4   O "O4'" . DG A 1 1  ? 26.78380  -2.19385  18.36953  1.000 483.71158 ? 104 DG A "O4'" 1 
ATOM 5   C "C3'" . DG A 1 1  ? 24.52725  -1.94260  17.81366  1.000 471.85717 ? 104 DG A "C3'" 1 
ATOM 6   O "O3'" . DG A 1 1  ? 23.17222  -2.25764  18.24491  1.000 466.41344 ? 104 DG A "O3'" 1 
ATOM 7   C "C2'" . DG A 1 1  ? 25.02579  -0.58631  18.31665  1.000 477.27437 ? 104 DG A "C2'" 1 
ATOM 8   C "C1'" . DG A 1 1  ? 26.54396  -0.79242  18.39159  1.000 484.49798 ? 104 DG A "C1'" 1 
ATOM 9   N N9    . DG A 1 1  ? 27.31615  -0.16028  17.30932  1.000 486.99746 ? 104 DG A N9    1 
ATOM 10  C C8    . DG A 1 1  ? 28.10093  -0.80567  16.38301  1.000 488.22344 ? 104 DG A C8    1 
ATOM 11  N N7    . DG A 1 1  ? 28.69153  -0.00159  15.54446  1.000 491.28914 ? 104 DG A N7    1 
ATOM 12  C C5    . DG A 1 1  ? 28.28474  1.26696   15.93798  1.000 492.04151 ? 104 DG A C5    1 
ATOM 13  C C6    . DG A 1 1  ? 28.60976  2.53239   15.39107  1.000 495.41109 ? 104 DG A C6    1 
ATOM 14  O O6    . DG A 1 1  ? 29.34423  2.77904   14.42447  1.000 498.77856 ? 104 DG A O6    1 
ATOM 15  N N1    . DG A 1 1  ? 27.98938  3.57182   16.08238  1.000 495.06933 ? 104 DG A N1    1 
ATOM 16  C C2    . DG A 1 1  ? 27.15816  3.40758   17.16624  1.000 492.03022 ? 104 DG A C2    1 
ATOM 17  N N2    . DG A 1 1  ? 26.65155  4.52953   17.70218  1.000 492.37803 ? 104 DG A N2    1 
ATOM 18  N N3    . DG A 1 1  ? 26.84201  2.22201   17.69144  1.000 489.23350 ? 104 DG A N3    1 
ATOM 19  C C4    . DG A 1 1  ? 27.44097  1.19637   17.02726  1.000 489.33300 ? 104 DG A C4    1 
ATOM 20  P P     . DC A 1 2  ? 22.55697  -1.70785  19.63274  1.000 479.36033 ? 105 DC A P     1 
ATOM 21  O OP1   . DC A 1 2  ? 23.58553  -1.75760  20.69931  1.000 486.75360 ? 105 DC A OP1   1 
ATOM 22  O OP2   . DC A 1 2  ? 21.29273  -2.44914  19.84340  1.000 473.90833 ? 105 DC A OP2   1 
ATOM 23  O "O5'" . DC A 1 2  ? 22.16973  -0.18501  19.31527  1.000 478.84331 ? 105 DC A "O5'" 1 
ATOM 24  C "C5'" . DC A 1 2  ? 22.15034  0.77642   20.37052  1.000 482.71685 ? 105 DC A "C5'" 1 
ATOM 25  C "C4'" . DC A 1 2  ? 21.76981  2.16055   19.85987  1.000 481.75728 ? 105 DC A "C4'" 1 
ATOM 26  O "O4'" . DC A 1 2  ? 22.76227  2.63342   18.90299  1.000 484.49004 ? 105 DC A "O4'" 1 
ATOM 27  C "C3'" . DC A 1 2  ? 20.42988  2.24306   19.13500  1.000 474.90437 ? 105 DC A "C3'" 1 
ATOM 28  O "O3'" . DC A 1 2  ? 19.84409  3.51993   19.36354  1.000 475.13425 ? 105 DC A "O3'" 1 
ATOM 29  C "C2'" . DC A 1 2  ? 20.85141  2.08973   17.68076  1.000 473.28541 ? 105 DC A "C2'" 1 
ATOM 30  C "C1'" . DC A 1 2  ? 22.12514  2.92380   17.67248  1.000 479.85569 ? 105 DC A "C1'" 1 
ATOM 31  N N1    . DC A 1 2  ? 23.06411  2.58215   16.56124  1.000 481.34934 ? 105 DC A N1    1 
ATOM 32  C C2    . DC A 1 2  ? 23.67124  3.60013   15.80523  1.000 484.85292 ? 105 DC A C2    1 
ATOM 33  O O2    . DC A 1 2  ? 23.41493  4.78537   16.06221  1.000 486.41768 ? 105 DC A O2    1 
ATOM 34  N N3    . DC A 1 2  ? 24.52392  3.24897   14.80555  1.000 486.78389 ? 105 DC A N3    1 
ATOM 35  C C4    . DC A 1 2  ? 24.77250  1.95923   14.56107  1.000 485.01343 ? 105 DC A C4    1 
ATOM 36  N N4    . DC A 1 2  ? 25.61492  1.65315   13.57081  1.000 487.25025 ? 105 DC A N4    1 
ATOM 37  C C5    . DC A 1 2  ? 24.16417  0.92200   15.31859  1.000 481.24181 ? 105 DC A C5    1 
ATOM 38  C C6    . DC A 1 2  ? 23.32361  1.27590   16.29170  1.000 479.68878 ? 105 DC A C6    1 
ATOM 39  P P     . DA A 1 3  ? 18.34712  3.64440   19.93411  1.000 477.61793 ? 106 DA A P     1 
ATOM 40  O OP1   . DA A 1 3  ? 18.42833  3.65158   21.41245  1.000 481.45269 ? 106 DA A OP1   1 
ATOM 41  O OP2   . DA A 1 3  ? 17.52104  2.62656   19.24438  1.000 471.75135 ? 106 DA A OP2   1 
ATOM 42  O "O5'" . DA A 1 3  ? 17.87338  5.09191   19.44187  1.000 477.22519 ? 106 DA A "O5'" 1 
ATOM 43  C "C5'" . DA A 1 3  ? 17.49961  5.29436   18.08384  1.000 473.80877 ? 106 DA A "C5'" 1 
ATOM 44  C "C4'" . DA A 1 3  ? 18.12051  6.56856   17.53119  1.000 477.44261 ? 106 DA A "C4'" 1 
ATOM 45  O "O4'" . DA A 1 3  ? 19.42314  6.27070   16.95689  1.000 480.72413 ? 106 DA A "O4'" 1 
ATOM 46  C "C3'" . DA A 1 3  ? 17.32863  7.23184   16.41355  1.000 474.65261 ? 106 DA A "C3'" 1 
ATOM 47  O "O3'" . DA A 1 3  ? 17.53886  8.64263   16.42316  1.000 478.41677 ? 106 DA A "O3'" 1 
ATOM 48  C "C2'" . DA A 1 3  ? 17.91778  6.58688   15.16507  1.000 473.93407 ? 106 DA A "C2'" 1 
ATOM 49  C "C1'" . DA A 1 3  ? 19.38792  6.44213   15.54670  1.000 479.27209 ? 106 DA A "C1'" 1 
ATOM 50  N N9    . DA A 1 3  ? 20.04416  5.28802   14.92982  1.000 478.61173 ? 106 DA A N9    1 
ATOM 51  C C8    . DA A 1 3  ? 19.88265  3.97996   15.27755  1.000 475.63775 ? 106 DA A C8    1 
ATOM 52  N N7    . DA A 1 3  ? 20.60130  3.14483   14.56742  1.000 475.83520 ? 106 DA A N7    1 
ATOM 53  C C5    . DA A 1 3  ? 21.28272  3.96082   13.68300  1.000 479.39134 ? 106 DA A C5    1 
ATOM 54  C C6    . DA A 1 3  ? 22.20874  3.68038   12.65981  1.000 481.77974 ? 106 DA A C6    1 
ATOM 55  N N6    . DA A 1 3  ? 22.60842  2.44179   12.35732  1.000 480.41557 ? 106 DA A N6    1 
ATOM 56  N N1    . DA A 1 3  ? 22.70660  4.72102   11.95805  1.000 486.01049 ? 106 DA A N1    1 
ATOM 57  C C2    . DA A 1 3  ? 22.29911  5.96120   12.26820  1.000 487.47185 ? 106 DA A C2    1 
ATOM 58  N N3    . DA A 1 3  ? 21.43268  6.34924   13.21114  1.000 485.22661 ? 106 DA A N3    1 
ATOM 59  C C4    . DA A 1 3  ? 20.95754  5.28953   13.88959  1.000 481.24965 ? 106 DA A C4    1 
ATOM 60  P P     . DT A 1 4  ? 16.51021  9.61347   15.65780  1.000 475.87147 ? 107 DT A P     1 
ATOM 61  O OP1   . DT A 1 4  ? 16.72778  10.98430  16.17011  1.000 480.18471 ? 107 DT A OP1   1 
ATOM 62  O OP2   . DT A 1 4  ? 15.16666  8.99642   15.74242  1.000 470.37633 ? 107 DT A OP2   1 
ATOM 63  O "O5'" . DT A 1 4  ? 16.97636  9.55120   14.12480  1.000 476.33078 ? 107 DT A "O5'" 1 
ATOM 64  C "C5'" . DT A 1 4  ? 18.24566  10.08107  13.73616  1.000 481.89870 ? 107 DT A "C5'" 1 
ATOM 65  C "C4'" . DT A 1 4  ? 18.47443  9.91228   12.23989  1.000 482.05552 ? 107 DT A "C4'" 1 
ATOM 66  O "O4'" . DT A 1 4  ? 19.06533  8.61267   11.97450  1.000 480.65909 ? 107 DT A "O4'" 1 
ATOM 67  C "C3'" . DT A 1 4  ? 17.21209  9.99444   11.36375  1.000 477.94702 ? 107 DT A "C3'" 1 
ATOM 68  O "O3'" . DT A 1 4  ? 17.43672  10.87829  10.26198  1.000 481.68649 ? 107 DT A "O3'" 1 
ATOM 69  C "C2'" . DT A 1 4  ? 17.01236  8.55166   10.89101  1.000 473.25332 ? 107 DT A "C2'" 1 
ATOM 70  C "C1'" . DT A 1 4  ? 18.44860  8.06402   10.83469  1.000 476.89093 ? 107 DT A "C1'" 1 
ATOM 71  N N1    . DT A 1 4  ? 18.58781  6.58222   10.87316  1.000 473.32944 ? 107 DT A N1    1 
ATOM 72  C C2    . DT A 1 4  ? 19.39556  5.96151   9.95042   1.000 474.61055 ? 107 DT A C2    1 
ATOM 73  O O2    . DT A 1 4  ? 20.01436  6.56431   9.09271   1.000 478.84011 ? 107 DT A O2    1 
ATOM 74  N N3    . DT A 1 4  ? 19.45620  4.60034   10.06732  1.000 471.15784 ? 107 DT A N3    1 
ATOM 75  C C4    . DT A 1 4  ? 18.80207  3.81281   10.99448  1.000 466.94650 ? 107 DT A C4    1 
ATOM 76  O O4    . DT A 1 4  ? 18.92167  2.59248   11.01812  1.000 464.39300 ? 107 DT A O4    1 
ATOM 77  C C5    . DT A 1 4  ? 17.96798  4.52757   11.93193  1.000 466.18009 ? 107 DT A C5    1 
ATOM 78  C C7    . DT A 1 4  ? 17.20637  3.78198   12.98626  1.000 462.55371 ? 107 DT A C7    1 
ATOM 79  C C6    . DT A 1 4  ? 17.90082  5.86144   11.82450  1.000 469.21669 ? 107 DT A C6    1 
ATOM 80  P P     . DG A 1 5  ? 16.19669  11.47193  9.42727   1.000 456.59831 ? 108 DG A P     1 
ATOM 81  O OP1   . DG A 1 5  ? 16.31718  12.94673  9.46714   1.000 461.68543 ? 108 DG A OP1   1 
ATOM 82  O OP2   . DG A 1 5  ? 14.96335  10.81243  9.91504   1.000 450.40861 ? 108 DG A OP2   1 
ATOM 83  O "O5'" . DG A 1 5  ? 16.46716  10.98378  7.92410   1.000 457.17177 ? 108 DG A "O5'" 1 
ATOM 84  C "C5'" . DG A 1 5  ? 17.46799  11.63270  7.12957   1.000 463.62071 ? 108 DG A "C5'" 1 
ATOM 85  C "C4'" . DG A 1 5  ? 17.86671  10.77892  5.93181   1.000 463.61293 ? 108 DG A "C4'" 1 
ATOM 86  O "O4'" . DG A 1 5  ? 18.29600  9.46119   6.38380   1.000 460.06053 ? 108 DG A "O4'" 1 
ATOM 87  C "C3'" . DG A 1 5  ? 16.75656  10.51884  4.90514   1.000 460.30917 ? 108 DG A "C3'" 1 
ATOM 88  O "O3'" . DG A 1 5  ? 17.31511  10.50888  3.58561   1.000 464.39718 ? 108 DG A "O3'" 1 
ATOM 89  C "C2'" . DG A 1 5  ? 16.26675  9.13335   5.30667   1.000 453.21414 ? 108 DG A "C2'" 1 
ATOM 90  C "C1'" . DG A 1 5  ? 17.59157  8.48084   5.64980   1.000 455.06183 ? 108 DG A "C1'" 1 
ATOM 91  N N9    . DG A 1 5  ? 17.46866  7.26462   6.45146   1.000 449.79486 ? 108 DG A N9    1 
ATOM 92  C C8    . DG A 1 5  ? 16.79906  7.11955   7.64158   1.000 446.17989 ? 108 DG A C8    1 
ATOM 93  N N7    . DG A 1 5  ? 16.85882  5.90995   8.12711   1.000 442.50042 ? 108 DG A N7    1 
ATOM 94  C C5    . DG A 1 5  ? 17.61739  5.20601   7.19899   1.000 443.39420 ? 108 DG A C5    1 
ATOM 95  C C6    . DG A 1 5  ? 18.01764  3.84817   7.18861   1.000 440.78330 ? 108 DG A C6    1 
ATOM 96  O O6    . DG A 1 5  ? 17.77311  2.96982   8.02670   1.000 437.24459 ? 108 DG A O6    1 
ATOM 97  N N1    . DG A 1 5  ? 18.77751  3.54155   6.06145   1.000 443.13546 ? 108 DG A N1    1 
ATOM 98  C C2    . DG A 1 5  ? 19.10971  4.43529   5.07158   1.000 447.85898 ? 108 DG A C2    1 
ATOM 99  N N2    . DG A 1 5  ? 19.85178  3.95546   4.06182   1.000 450.11053 ? 108 DG A N2    1 
ATOM 100 N N3    . DG A 1 5  ? 18.74182  5.70994   5.06883   1.000 450.61037 ? 108 DG A N3    1 
ATOM 101 C C4    . DG A 1 5  ? 17.99967  6.02424   6.16038   1.000 447.94142 ? 108 DG A C4    1 
ATOM 102 P P     . DC A 1 6  ? 16.45258  9.99601   2.32664   1.000 447.19809 ? 109 DC A P     1 
ATOM 103 O OP1   . DC A 1 6  ? 17.09280  10.56335  1.11860   1.000 454.22185 ? 109 DC A OP1   1 
ATOM 104 O OP2   . DC A 1 6  ? 15.02452  10.26770  2.60948   1.000 443.08099 ? 109 DC A OP2   1 
ATOM 105 O "O5'" . DC A 1 6  ? 16.67275  8.40484   2.31148   1.000 441.91975 ? 109 DC A "O5'" 1 
ATOM 106 C "C5'" . DC A 1 6  ? 15.84060  7.56856   1.49362   1.000 437.52284 ? 109 DC A "C5'" 1 
ATOM 107 C "C4'" . DC A 1 6  ? 16.45125  6.18358   1.31723   1.000 434.66369 ? 109 DC A "C4'" 1 
ATOM 108 O "O4'" . DC A 1 6  ? 16.44681  5.48224   2.58875   1.000 430.06768 ? 109 DC A "O4'" 1 
ATOM 109 C "C3'" . DC A 1 6  ? 15.70981  5.26760   0.32418   1.000 430.60606 ? 109 DC A "C3'" 1 
ATOM 110 O "O3'" . DC A 1 6  ? 16.59483  4.80301   -0.70684  1.000 433.77005 ? 109 DC A "O3'" 1 
ATOM 111 C "C2'" . DC A 1 6  ? 15.20352  4.11148   1.19127   1.000 423.27355 ? 109 DC A "C2'" 1 
ATOM 112 C "C1'" . DC A 1 6  ? 16.19481  4.12505   2.34122   1.000 424.82893 ? 109 DC A "C1'" 1 
ATOM 113 N N1    . DC A 1 6  ? 15.66716  3.48056   3.57930   1.000 419.50551 ? 109 DC A N1    1 
ATOM 114 C C2    . DC A 1 6  ? 15.95134  2.13391   3.81870   1.000 415.84363 ? 109 DC A C2    1 
ATOM 115 O O2    . DC A 1 6  ? 16.65015  1.51878   3.00330   1.000 416.86662 ? 109 DC A O2    1 
ATOM 116 N N3    . DC A 1 6  ? 15.45833  1.54510   4.93898   1.000 411.72880 ? 109 DC A N3    1 
ATOM 117 C C4    . DC A 1 6  ? 14.70903  2.25250   5.78934   1.000 411.18031 ? 109 DC A C4    1 
ATOM 118 N N4    . DC A 1 6  ? 14.24431  1.63396   6.88167   1.000 407.76842 ? 109 DC A N4    1 
ATOM 119 C C5    . DC A 1 6  ? 14.40418  3.62769   5.55702   1.000 414.54926 ? 109 DC A C5    1 
ATOM 120 C C6    . DC A 1 6  ? 14.89608  4.19533   4.44889   1.000 418.62666 ? 109 DC A C6    1 
ATOM 121 P P     . DC A 1 7  ? 16.00141  4.35456   -2.13579  1.000 411.16410 ? 110 DC A P     1 
ATOM 122 O OP1   . DC A 1 7  ? 16.52500  5.28706   -3.15563  1.000 419.18139 ? 110 DC A OP1   1 
ATOM 123 O OP2   . DC A 1 7  ? 14.53898  4.19415   -1.98160  1.000 405.55995 ? 110 DC A OP2   1 
ATOM 124 O "O5'" . DC A 1 7  ? 16.63291  2.90412   -2.39722  1.000 408.13627 ? 110 DC A "O5'" 1 
ATOM 125 C "C5'" . DC A 1 7  ? 16.49769  1.88625   -1.41690  1.000 401.81542 ? 110 DC A "C5'" 1 
ATOM 126 C "C4'" . DC A 1 7  ? 16.47050  0.49978   -2.04497  1.000 397.70383 ? 110 DC A "C4'" 1 
ATOM 127 O "O4'" . DC A 1 7  ? 16.24779  -0.47053  -0.99270  1.000 391.69262 ? 110 DC A "O4'" 1 
ATOM 128 C "C3'" . DC A 1 7  ? 15.32954  0.25049   -3.02402  1.000 394.89919 ? 110 DC A "C3'" 1 
ATOM 129 O "O3'" . DC A 1 7  ? 15.60376  -0.91664  -3.82389  1.000 392.91905 ? 110 DC A "O3'" 1 
ATOM 130 C "C2'" . DC A 1 7  ? 14.18907  -0.01104  -2.06231  1.000 388.65260 ? 110 DC A "C2'" 1 
ATOM 131 C "C1'" . DC A 1 7  ? 14.88112  -0.85465  -0.99296  1.000 385.99574 ? 110 DC A "C1'" 1 
ATOM 132 N N1    . DC A 1 7  ? 14.31270  -0.63897  0.36330   1.000 383.26122 ? 110 DC A N1    1 
ATOM 133 C C2    . DC A 1 7  ? 14.06608  -1.73477  1.19262   1.000 378.08771 ? 110 DC A C2    1 
ATOM 134 O O2    . DC A 1 7  ? 14.34846  -2.86914  0.78906   1.000 375.63702 ? 110 DC A O2    1 
ATOM 135 N N3    . DC A 1 7  ? 13.53194  -1.51837  2.41935   1.000 376.31699 ? 110 DC A N3    1 
ATOM 136 C C4    . DC A 1 7  ? 13.24250  -0.27648  2.81139   1.000 379.10396 ? 110 DC A C4    1 
ATOM 137 N N4    . DC A 1 7  ? 12.71825  -0.11041  4.02697   1.000 377.49845 ? 110 DC A N4    1 
ATOM 138 C C5    . DC A 1 7  ? 13.47758  0.85054   1.97474   1.000 384.07136 ? 110 DC A C5    1 
ATOM 139 C C6    . DC A 1 7  ? 14.00530  0.62538   0.77033   1.000 386.15808 ? 110 DC A C6    1 
ATOM 140 P P     . DT A 1 8  ? 14.62221  -1.36372  -5.02529  1.000 390.48388 ? 111 DT A P     1 
ATOM 141 O OP1   . DT A 1 8  ? 15.24654  -0.88623  -6.27723  1.000 397.28562 ? 111 DT A OP1   1 
ATOM 142 O OP2   . DT A 1 8  ? 13.21803  -1.00105  -4.72718  1.000 387.15624 ? 111 DT A OP2   1 
ATOM 143 O "O5'" . DT A 1 8  ? 14.69141  -2.96298  -4.99906  1.000 384.45599 ? 111 DT A "O5'" 1 
ATOM 144 C "C5'" . DT A 1 8  ? 14.56351  -3.65766  -3.76232  1.000 379.19758 ? 111 DT A "C5'" 1 
ATOM 145 C "C4'" . DT A 1 8  ? 13.56824  -4.79673  -3.87851  1.000 372.38626 ? 111 DT A "C4'" 1 
ATOM 146 O "O4'" . DT A 1 8  ? 12.85106  -4.92974  -2.62379  1.000 368.15866 ? 111 DT A "O4'" 1 
ATOM 147 C "C3'" . DT A 1 8  ? 12.47899  -4.58775  -4.91467  1.000 371.91135 ? 111 DT A "C3'" 1 
ATOM 148 O "O3'" . DT A 1 8  ? 11.90021  -5.84391  -5.25187  1.000 366.40677 ? 111 DT A "O3'" 1 
ATOM 149 C "C2'" . DT A 1 8  ? 11.49935  -3.73126  -4.12899  1.000 371.19138 ? 111 DT A "C2'" 1 
ATOM 150 C "C1'" . DT A 1 8  ? 11.52274  -4.46181  -2.79215  1.000 366.60014 ? 111 DT A "C1'" 1 
ATOM 151 N N1    . DT A 1 8  ? 11.16456  -3.61530  -1.62192  1.000 367.12980 ? 111 DT A N1    1 
ATOM 152 C C2    . DT A 1 8  ? 10.81355  -4.22931  -0.45166  1.000 363.05788 ? 111 DT A C2    1 
ATOM 153 O O2    . DT A 1 8  ? 10.77404  -5.43851  -0.32045  1.000 359.03949 ? 111 DT A O2    1 
ATOM 154 N N3    . DT A 1 8  ? 10.50907  -3.37977  0.57209   1.000 364.20910 ? 111 DT A N3    1 
ATOM 155 C C4    . DT A 1 8  ? 10.51548  -2.00435  0.54941   1.000 368.63414 ? 111 DT A C4    1 
ATOM 156 O O4    . DT A 1 8  ? 10.22143  -1.33391  1.53544   1.000 369.27275 ? 111 DT A O4    1 
ATOM 157 C C5    . DT A 1 8  ? 10.89232  -1.41486  -0.71193  1.000 372.84431 ? 111 DT A C5    1 
ATOM 158 C C7    . DT A 1 8  ? 10.93299  0.07489   -0.86173  1.000 378.32108 ? 111 DT A C7    1 
ATOM 159 C C6    . DT A 1 8  ? 11.19606  -2.23992  -1.72916  1.000 372.05956 ? 111 DT A C6    1 
ATOM 160 P P     . DG A 1 9  ? 12.40128  -6.65725  -6.54439  1.000 371.47330 ? 112 DG A P     1 
ATOM 161 O OP1   . DG A 1 9  ? 13.85625  -6.88933  -6.40840  1.000 374.37411 ? 112 DG A OP1   1 
ATOM 162 O OP2   . DG A 1 9  ? 11.87442  -5.96075  -7.74015  1.000 375.21237 ? 112 DG A OP2   1 
ATOM 163 O "O5'" . DG A 1 9  ? 11.64251  -8.06370  -6.42831  1.000 364.15417 ? 112 DG A "O5'" 1 
ATOM 164 C "C5'" . DG A 1 9  ? 11.82493  -8.89350  -5.27640  1.000 359.90598 ? 112 DG A "C5'" 1 
ATOM 165 C "C4'" . DG A 1 9  ? 10.50956  -9.53289  -4.85241  1.000 354.07480 ? 112 DG A "C4'" 1 
ATOM 166 O "O4'" . DG A 1 9  ? 9.90494   -8.72874  -3.80810  1.000 354.23516 ? 112 DG A "O4'" 1 
ATOM 167 C "C3'" . DG A 1 9  ? 9.45836   -9.65227  -5.95917  1.000 352.84819 ? 112 DG A "C3'" 1 
ATOM 168 O "O3'" . DG A 1 9  ? 8.70867   -10.86479 -5.82441  1.000 347.04988 ? 112 DG A "O3'" 1 
ATOM 169 C "C2'" . DG A 1 9  ? 8.58155   -8.42668  -5.73295  1.000 355.05634 ? 112 DG A "C2'" 1 
ATOM 170 C "C1'" . DG A 1 9  ? 8.63023   -8.27942  -4.22010  1.000 353.63548 ? 112 DG A "C1'" 1 
ATOM 171 N N9    . DG A 1 9  ? 8.46147   -6.90556  -3.76767  1.000 357.39603 ? 112 DG A N9    1 
ATOM 172 C C8    . DG A 1 9  ? 8.71565   -5.76001  -4.48625  1.000 362.84306 ? 112 DG A C8    1 
ATOM 173 N N7    . DG A 1 9  ? 8.46451   -4.66610  -3.82130  1.000 365.23286 ? 112 DG A N7    1 
ATOM 174 C C5    . DG A 1 9  ? 8.02749   -5.11667  -2.57898  1.000 361.19663 ? 112 DG A C5    1 
ATOM 175 C C6    . DG A 1 9  ? 7.61698   -4.38673  -1.44039  1.000 361.63687 ? 112 DG A C6    1 
ATOM 176 O O6    . DG A 1 9  ? 7.55671   -3.15957  -1.29137  1.000 365.44661 ? 112 DG A O6    1 
ATOM 177 N N1    . DG A 1 9  ? 7.25028   -5.23540  -0.39731  1.000 357.38495 ? 112 DG A N1    1 
ATOM 178 C C2    . DG A 1 9  ? 7.27995   -6.60887  -0.45661  1.000 353.24826 ? 112 DG A C2    1 
ATOM 179 N N2    . DG A 1 9  ? 6.89263   -7.26160  0.64067   1.000 350.22773 ? 112 DG A N2    1 
ATOM 180 N N3    . DG A 1 9  ? 7.66232   -7.29774  -1.51837  1.000 352.47023 ? 112 DG A N3    1 
ATOM 181 C C4    . DG A 1 9  ? 8.02380   -6.48939  -2.54045  1.000 356.58463 ? 112 DG A C4    1 
ATOM 182 P P     . DT A 1 10 ? 8.13188   -11.60482 -7.13326  1.000 352.11476 ? 113 DT A P     1 
ATOM 183 O OP1   . DT A 1 10 ? 8.76485   -12.93824 -7.19960  1.000 348.83335 ? 113 DT A OP1   1 
ATOM 184 O OP2   . DT A 1 10 ? 8.26217   -10.67889 -8.28025  1.000 357.44182 ? 113 DT A OP2   1 
ATOM 185 O "O5'" . DT A 1 10 ? 6.57376   -11.81628 -6.82682  1.000 348.37593 ? 113 DT A "O5'" 1 
ATOM 186 C "C5'" . DT A 1 10 ? 5.84506   -10.83478 -6.11119  1.000 349.73056 ? 113 DT A "C5'" 1 
ATOM 187 C "C4'" . DT A 1 10 ? 5.72753   -11.22584 -4.65266  1.000 346.70505 ? 113 DT A "C4'" 1 
ATOM 188 O "O4'" . DT A 1 10 ? 5.98170   -10.06587 -3.81851  1.000 349.99647 ? 113 DT A "O4'" 1 
ATOM 189 C "C3'" . DT A 1 10 ? 4.35607   -11.72569 -4.22211  1.000 343.11446 ? 113 DT A "C3'" 1 
ATOM 190 O "O3'" . DT A 1 10 ? 4.51324   -12.56961 -3.09260  1.000 340.06939 ? 113 DT A "O3'" 1 
ATOM 191 C "C2'" . DT A 1 10 ? 3.68217   -10.42243 -3.83363  1.000 346.19524 ? 113 DT A "C2'" 1 
ATOM 192 C "C1'" . DT A 1 10 ? 4.82160   -9.77866  -3.06605  1.000 348.81358 ? 113 DT A "C1'" 1 
ATOM 193 N N1    . DT A 1 10 ? 4.72258   -8.30200  -2.89685  1.000 353.20375 ? 113 DT A N1    1 
ATOM 194 C C2    . DT A 1 10 ? 4.28477   -7.79298  -1.69668  1.000 353.38481 ? 113 DT A C2    1 
ATOM 195 O O2    . DT A 1 10 ? 3.93694   -8.49277  -0.76458  1.000 350.42298 ? 113 DT A O2    1 
ATOM 196 N N3    . DT A 1 10 ? 4.25649   -6.42533  -1.62992  1.000 357.57152 ? 113 DT A N3    1 
ATOM 197 C C4    . DT A 1 10 ? 4.62642   -5.53457  -2.62003  1.000 361.82763 ? 113 DT A C4    1 
ATOM 198 O O4    . DT A 1 10 ? 4.56658   -4.31879  -2.46795  1.000 365.66731 ? 113 DT A O4    1 
ATOM 199 C C5    . DT A 1 10 ? 5.08648   -6.13643  -3.84816  1.000 361.83208 ? 113 DT A C5    1 
ATOM 200 C C7    . DT A 1 10 ? 5.50877   -5.27061  -4.99522  1.000 367.11643 ? 113 DT A C7    1 
ATOM 201 C C6    . DT A 1 10 ? 5.11960   -7.47463  -3.92384  1.000 357.43029 ? 113 DT A C6    1 
ATOM 202 P P     . DA A 1 11 ? 3.23370   -13.09243 -2.27484  1.000 350.84600 ? 114 DA A P     1 
ATOM 203 O OP1   . DA A 1 11 ? 3.62741   -14.36285 -1.64077  1.000 347.69460 ? 114 DA A OP1   1 
ATOM 204 O OP2   . DA A 1 11 ? 2.07932   -13.04904 -3.19306  1.000 350.37983 ? 114 DA A OP2   1 
ATOM 205 O "O5'" . DA A 1 11 ? 3.01625   -12.00510 -1.11529  1.000 353.51477 ? 114 DA A "O5'" 1 
ATOM 206 C "C5'" . DA A 1 11 ? 2.05850   -12.24929 -0.07307  1.000 352.24827 ? 114 DA A "C5'" 1 
ATOM 207 C "C4'" . DA A 1 11 ? 0.84105   -11.34578 -0.21800  1.000 354.01746 ? 114 DA A "C4'" 1 
ATOM 208 O "O4'" . DA A 1 11 ? 1.27268   -10.01510 -0.55020  1.000 357.84874 ? 114 DA A "O4'" 1 
ATOM 209 C "C3'" . DA A 1 11 ? -0.13297  -11.73541 -1.33544  1.000 352.70872 ? 114 DA A "C3'" 1 
ATOM 210 O "O3'" . DA A 1 11 ? -1.27486  -12.49978 -0.83905  1.000 350.52466 ? 114 DA A "O3'" 1 
ATOM 211 C "C2'" . DA A 1 11 ? -0.56158  -10.40169 -1.96972  1.000 356.57581 ? 114 DA A "C2'" 1 
ATOM 212 C "C1'" . DA A 1 11 ? 0.19994   -9.35221  -1.16028  1.000 359.48927 ? 114 DA A "C1'" 1 
ATOM 213 N N9    . DA A 1 11 ? 0.71619   -8.26591  -1.97771  1.000 363.30158 ? 114 DA A N9    1 
ATOM 214 C C8    . DA A 1 11 ? 1.28573   -8.36078  -3.21462  1.000 364.20560 ? 114 DA A C8    1 
ATOM 215 N N7    . DA A 1 11 ? 1.65481   -7.20795  -3.71758  1.000 368.67344 ? 114 DA A N7    1 
ATOM 216 C C5    . DA A 1 11 ? 1.28803   -6.29384  -2.74530  1.000 370.44775 ? 114 DA A C5    1 
ATOM 217 C C6    . DA A 1 11 ? 1.40057   -4.89349  -2.66601  1.000 375.06801 ? 114 DA A C6    1 
ATOM 218 N N6    . DA A 1 11 ? 1.94171   -4.14034  -3.63018  1.000 379.24154 ? 114 DA A N6    1 
ATOM 219 N N1    . DA A 1 11 ? 0.93306   -4.29366  -1.55311  1.000 375.62454 ? 114 DA A N1    1 
ATOM 220 C C2    . DA A 1 11 ? 0.39191   -5.04855  -0.58923  1.000 372.17982 ? 114 DA A C2    1 
ATOM 221 N N3    . DA A 1 11 ? 0.23145   -6.36736  -0.55222  1.000 368.05905 ? 114 DA A N3    1 
ATOM 222 C C4    . DA A 1 11 ? 0.70943   -6.93374  -1.66774  1.000 367.19965 ? 114 DA A C4    1 
ATOM 223 P P     . DC A 1 12 ? -1.97330  -12.21300 0.58812   1.000 355.66760 ? 115 DC A P     1 
ATOM 224 O OP1   . DC A 1 12 ? -1.10953  -12.74580 1.66524   1.000 354.81619 ? 115 DC A OP1   1 
ATOM 225 O OP2   . DC A 1 12 ? -3.36127  -12.71820 0.48517   1.000 354.77386 ? 115 DC A OP2   1 
ATOM 226 O "O5'" . DC A 1 12 ? -2.06846  -10.61894 0.69696   1.000 359.77964 ? 115 DC A "O5'" 1 
ATOM 227 C "C5'" . DC A 1 12 ? -2.03730  -9.99526  1.97993   1.000 361.73579 ? 115 DC A "C5'" 1 
ATOM 228 C "C4'" . DC A 1 12 ? -3.11761  -8.93049  2.11466   1.000 364.76443 ? 115 DC A "C4'" 1 
ATOM 229 O "O4'" . DC A 1 12 ? -2.76985  -7.76501  1.32382   1.000 367.58047 ? 115 DC A "O4'" 1 
ATOM 230 C "C3'" . DC A 1 12 ? -4.51617  -9.33480  1.65280   1.000 364.30159 ? 115 DC A "C3'" 1 
ATOM 231 O "O3'" . DC A 1 12 ? -5.47456  -8.65769  2.45547   1.000 366.97555 ? 115 DC A "O3'" 1 
ATOM 232 C "C2'" . DC A 1 12 ? -4.53832  -8.81144  0.22135   1.000 365.55719 ? 115 DC A "C2'" 1 
ATOM 233 C "C1'" . DC A 1 12 ? -3.81480  -7.49098  0.41325   1.000 368.81918 ? 115 DC A "C1'" 1 
ATOM 234 N N1    . DC A 1 12 ? -3.20461  -6.94450  -0.80781  1.000 370.57789 ? 115 DC A N1    1 
ATOM 235 C C2    . DC A 1 12 ? -3.02551  -5.56502  -0.91375  1.000 374.78631 ? 115 DC A C2    1 
ATOM 236 O O2    . DC A 1 12 ? -3.40936  -4.84151  0.01519   1.000 376.56156 ? 115 DC A O2    1 
ATOM 237 N N3    . DC A 1 12 ? -2.44337  -5.06048  -2.03212  1.000 377.16939 ? 115 DC A N3    1 
ATOM 238 C C4    . DC A 1 12 ? -2.04484  -5.88534  -3.00583  1.000 375.39843 ? 115 DC A C4    1 
ATOM 239 N N4    . DC A 1 12 ? -1.47386  -5.34645  -4.09237  1.000 378.53329 ? 115 DC A N4    1 
ATOM 240 C C5    . DC A 1 12 ? -2.21787  -7.30199  -2.90853  1.000 370.69982 ? 115 DC A C5    1 
ATOM 241 C C6    . DC A 1 12 ? -2.79347  -7.78217  -1.80003  1.000 368.47217 ? 115 DC A C6    1 
ATOM 242 P P     . DG A 1 13 ? -6.95204  -9.25102  2.67304   1.000 360.41197 ? 116 DG A P     1 
ATOM 243 O OP1   . DG A 1 13 ? -6.89225  -10.20845 3.80130   1.000 358.85645 ? 116 DG A OP1   1 
ATOM 244 O OP2   . DG A 1 13 ? -7.46430  -9.71070  1.36428   1.000 359.32171 ? 116 DG A OP2   1 
ATOM 245 O "O5'" . DG A 1 13 ? -7.80910  -7.96180  3.09607   1.000 364.79098 ? 116 DG A "O5'" 1 
ATOM 246 C "C5'" . DG A 1 13 ? -7.34521  -7.10024  4.14773   1.000 366.87278 ? 116 DG A "C5'" 1 
ATOM 247 C "C4'" . DG A 1 13 ? -7.62988  -5.62897  3.84827   1.000 370.72313 ? 116 DG A "C4'" 1 
ATOM 248 O "O4'" . DG A 1 13 ? -6.89274  -5.21384  2.67087   1.000 370.73216 ? 116 DG A "O4'" 1 
ATOM 249 C "C3'" . DG A 1 13 ? -9.08751  -5.28066  3.56051   1.000 373.49748 ? 116 DG A "C3'" 1 
ATOM 250 O "O3'" . DG A 1 13 ? -9.36498  -3.94704  3.99101   1.000 377.49841 ? 116 DG A "O3'" 1 
ATOM 251 C "C2'" . DG A 1 13 ? -9.15014  -5.39561  2.04556   1.000 373.09557 ? 116 DG A "C2'" 1 
ATOM 252 C "C1'" . DG A 1 13 ? -7.79761  -4.82494  1.65427   1.000 372.90643 ? 116 DG A "C1'" 1 
ATOM 253 N N9    . DG A 1 13 ? -7.29229  -5.33790  0.39652   1.000 371.19084 ? 116 DG A N9    1 
ATOM 254 C C8    . DG A 1 13 ? -7.26370  -6.64925  -0.01250  1.000 367.46677 ? 116 DG A C8    1 
ATOM 255 N N7    . DG A 1 13 ? -6.73262  -6.81086  -1.18968  1.000 366.94181 ? 116 DG A N7    1 
ATOM 256 C C5    . DG A 1 13 ? -6.37905  -5.52605  -1.57943  1.000 370.83590 ? 116 DG A C5    1 
ATOM 257 C C6    . DG A 1 13 ? -5.76028  -5.07186  -2.76584  1.000 372.87610 ? 116 DG A C6    1 
ATOM 258 O O6    . DG A 1 13 ? -5.39040  -5.74579  -3.74024  1.000 371.44558 ? 116 DG A O6    1 
ATOM 259 N N1    . DG A 1 13 ? -5.58220  -3.68836  -2.75856  1.000 377.38959 ? 116 DG A N1    1 
ATOM 260 C C2    . DG A 1 13 ? -5.95713  -2.85114  -1.73043  1.000 379.31478 ? 116 DG A C2    1 
ATOM 261 N N2    . DG A 1 13 ? -5.70520  -1.54563  -1.90199  1.000 383.76262 ? 116 DG A N2    1 
ATOM 262 N N3    . DG A 1 13 ? -6.53762  -3.26585  -0.61190  1.000 377.38914 ? 116 DG A N3    1 
ATOM 263 C C4    . DG A 1 13 ? -6.71583  -4.60915  -0.60883  1.000 373.32507 ? 116 DG A C4    1 
ATOM 264 P P     . DG A 1 14 ? -10.78973 -3.58299  4.64108   1.000 368.66162 ? 117 DG A P     1 
ATOM 265 O OP1   . DG A 1 14 ? -10.64934 -3.63160  6.11330   1.000 368.98283 ? 117 DG A OP1   1 
ATOM 266 O OP2   . DG A 1 14 ? -11.82335 -4.40151  3.97105   1.000 368.30894 ? 117 DG A OP2   1 
ATOM 267 O "O5'" . DG A 1 14 ? -11.03337 -2.06962  4.19768   1.000 373.02071 ? 117 DG A "O5'" 1 
ATOM 268 C "C5'" . DG A 1 14 ? -10.05220 -1.08346  4.47310   1.000 374.01684 ? 117 DG A "C5'" 1 
ATOM 269 C "C4'" . DG A 1 14 ? -10.17938 0.08116   3.50904   1.000 377.69729 ? 117 DG A "C4'" 1 
ATOM 270 O "O4'" . DG A 1 14 ? -9.70837  -0.31824  2.20115   1.000 376.31027 ? 117 DG A "O4'" 1 
ATOM 271 C "C3'" . DG A 1 14 ? -11.59646 0.60810   3.31729   1.000 381.86039 ? 117 DG A "C3'" 1 
ATOM 272 O "O3'" . DG A 1 14 ? -11.64028 2.07281   3.36935   1.000 386.35867 ? 117 DG A "O3'" 1 
ATOM 273 C "C2'" . DG A 1 14 ? -12.06348 0.01939   1.97848   1.000 381.65314 ? 117 DG A "C2'" 1 
ATOM 274 C "C1'" . DG A 1 14 ? -10.76023 -0.31157  1.25124   1.000 378.67009 ? 117 DG A "C1'" 1 
ATOM 275 N N9    . DG A 1 14 ? -10.75360 -1.60415  0.57702   1.000 375.06787 ? 117 DG A N9    1 
ATOM 276 C C8    . DG A 1 14 ? -11.22671 -2.80238  1.06280   1.000 371.92684 ? 117 DG A C8    1 
ATOM 277 N N7    . DG A 1 14 ? -11.06348 -3.79625  0.23382   1.000 369.04270 ? 117 DG A N7    1 
ATOM 278 C C5    . DG A 1 14 ? -10.42648 -3.22690  -0.86173  1.000 370.47120 ? 117 DG A C5    1 
ATOM 279 C C6    . DG A 1 14 ? -9.99028  -3.81523  -2.07362  1.000 368.97240 ? 117 DG A C6    1 
ATOM 280 O O6    . DG A 1 14 ? -10.08089 -5.00050  -2.43027  1.000 365.57416 ? 117 DG A O6    1 
ATOM 281 N N1    . DG A 1 14 ? -9.39649  -2.87406  -2.91670  1.000 372.23816 ? 117 DG A N1    1 
ATOM 282 C C2    . DG A 1 14 ? -9.24424  -1.53853  -2.61944  1.000 376.28058 ? 117 DG A C2    1 
ATOM 283 N N2    . DG A 1 14 ? -8.64896  -0.78124  -3.54858  1.000 379.61988 ? 117 DG A N2    1 
ATOM 284 N N3    . DG A 1 14 ? -9.64910  -0.98028  -1.48884  1.000 377.33329 ? 117 DG A N3    1 
ATOM 285 C C4    . DG A 1 14 ? -10.22853 -1.88045  -0.66001  1.000 374.32746 ? 117 DG A C4    1 
ATOM 286 P P     . DA A 1 15 ? -10.87573 3.03591   2.31726   1.000 389.05863 ? 118 DA A P     1 
ATOM 287 O OP1   . DA A 1 15 ? -9.59036  2.48227   1.84036   1.000 385.57666 ? 118 DA A OP1   1 
ATOM 288 O OP2   . DA A 1 15 ? -10.85125 4.36503   2.96062   1.000 392.78416 ? 118 DA A OP2   1 
ATOM 289 O "O5'" . DA A 1 15 ? -11.89147 3.17004   1.09054   1.000 392.61252 ? 118 DA A "O5'" 1 
ATOM 290 C "C5'" . DA A 1 15 ? -12.19161 4.46149   0.54902   1.000 398.35872 ? 118 DA A "C5'" 1 
ATOM 291 C "C4'" . DA A 1 15 ? -11.21974 4.83070   -0.55755  1.000 399.55249 ? 118 DA A "C4'" 1 
ATOM 292 O "O4'" . DA A 1 15 ? -10.68349 3.62446   -1.15202  1.000 395.16179 ? 118 DA A "O4'" 1 
ATOM 293 C "C3'" . DA A 1 15 ? -11.84260 5.57597   -1.71932  1.000 405.61084 ? 118 DA A "C3'" 1 
ATOM 294 O "O3'" . DA A 1 15 ? -10.83363 6.25578   -2.44198  1.000 407.99925 ? 118 DA A "O3'" 1 
ATOM 295 C "C2'" . DA A 1 15 ? -12.42142 4.42691   -2.53222  1.000 403.88638 ? 118 DA A "C2'" 1 
ATOM 296 C "C1'" . DA A 1 15 ? -11.30492 3.39767   -2.40861  1.000 397.59781 ? 118 DA A "C1'" 1 
ATOM 297 N N9    . DA A 1 15 ? -11.75185 2.01084   -2.44393  1.000 393.26128 ? 118 DA A N9    1 
ATOM 298 C C8    . DA A 1 15 ? -12.32915 1.30666   -1.42526  1.000 390.21266 ? 118 DA A C8    1 
ATOM 299 N N7    . DA A 1 15 ? -12.60061 0.06134   -1.73054  1.000 386.78859 ? 118 DA A N7    1 
ATOM 300 C C5    . DA A 1 15 ? -12.16216 -0.06324  -3.03694  1.000 387.39635 ? 118 DA A C5    1 
ATOM 301 C C6    . DA A 1 15 ? -12.16447 -1.14406  -3.93729  1.000 384.91776 ? 118 DA A C6    1 
ATOM 302 N N6    . DA A 1 15 ? -12.64780 -2.35182  -3.62941  1.000 381.03102 ? 118 DA A N6    1 
ATOM 303 N N1    . DA A 1 15 ? -11.64860 -0.93691  -5.16720  1.000 386.94145 ? 118 DA A N1    1 
ATOM 304 C C2    . DA A 1 15 ? -11.16556 0.27571   -5.46837  1.000 391.40726 ? 118 DA A C2    1 
ATOM 305 N N3    . DA A 1 15 ? -11.10877 1.36778   -4.70499  1.000 393.98101 ? 118 DA A N3    1 
ATOM 306 C C4    . DA A 1 15 ? -11.62770 1.12711   -3.49046  1.000 391.58085 ? 118 DA A C4    1 
ATOM 307 P P     . DC A 1 16 ? -11.11923 7.71570   -3.04539  1.000 411.24636 ? 119 DC A P     1 
ATOM 308 O OP1   . DC A 1 16 ? -9.80779  8.35277   -3.28747  1.000 412.45419 ? 119 DC A OP1   1 
ATOM 309 O OP2   . DC A 1 16 ? -12.11095 8.37665   -2.16880  1.000 413.64275 ? 119 DC A OP2   1 
ATOM 310 O "O5'" . DC A 1 16 ? -11.80614 7.42737   -4.46119  1.000 414.92921 ? 119 DC A "O5'" 1 
ATOM 311 C "C5'" . DC A 1 16 ? -11.00049 7.11813   -5.58847  1.000 415.36987 ? 119 DC A "C5'" 1 
ATOM 312 C "C4'" . DC A 1 16 ? -11.84465 6.56363   -6.72005  1.000 417.77462 ? 119 DC A "C4'" 1 
ATOM 313 O "O4'" . DC A 1 16 ? -12.31659 5.23511   -6.36613  1.000 411.72456 ? 119 DC A "O4'" 1 
ATOM 314 C "C3'" . DC A 1 16 ? -13.10315 7.37988   -7.07008  1.000 424.99246 ? 119 DC A "C3'" 1 
ATOM 315 O "O3'" . DC A 1 16 ? -13.24502 7.46088   -8.49493  1.000 430.47422 ? 119 DC A "O3'" 1 
ATOM 316 C "C2'" . DC A 1 16 ? -14.22033 6.54257   -6.45467  1.000 421.69439 ? 119 DC A "C2'" 1 
ATOM 317 C "C1'" . DC A 1 16 ? -13.67622 5.15071   -6.70522  1.000 415.09422 ? 119 DC A "C1'" 1 
ATOM 318 N N1    . DC A 1 16 ? -14.32567 4.08283   -5.89524  1.000 409.71043 ? 119 DC A N1    1 
ATOM 319 C C2    . DC A 1 16 ? -14.26985 2.76245   -6.33951  1.000 405.18430 ? 119 DC A C2    1 
ATOM 320 O O2    . DC A 1 16 ? -13.66874 2.50413   -7.38888  1.000 405.54019 ? 119 DC A O2    1 
ATOM 321 N N3    . DC A 1 16 ? -14.87023 1.79538   -5.60107  1.000 400.82685 ? 119 DC A N3    1 
ATOM 322 C C4    . DC A 1 16 ? -15.50740 2.11789   -4.47434  1.000 401.21467 ? 119 DC A C4    1 
ATOM 323 N N4    . DC A 1 16 ? -16.08432 1.13098   -3.78098  1.000 397.54568 ? 119 DC A N4    1 
ATOM 324 C C5    . DC A 1 16 ? -15.58223 3.46187   -4.00931  1.000 405.72154 ? 119 DC A C5    1 
ATOM 325 C C6    . DC A 1 16 ? -14.98818 4.40587   -4.74828  1.000 409.73764 ? 119 DC A C6    1 
ATOM 326 P P     . DA A 1 17 ? -14.23414 8.53155   -9.18226  1.000 437.98929 ? 120 DA A P     1 
ATOM 327 O OP1   . DA A 1 17 ? -13.46296 9.77698   -9.39182  1.000 443.29144 ? 120 DA A OP1   1 
ATOM 328 O OP2   . DA A 1 17 ? -15.51014 8.57743   -8.43575  1.000 438.43215 ? 120 DA A OP2   1 
ATOM 329 O "O5'" . DA A 1 17 ? -14.56994 7.87734   -10.60619 1.000 441.03664 ? 120 DA A "O5'" 1 
ATOM 330 C "C5'" . DA A 1 17 ? -13.51485 7.55063   -11.50991 1.000 440.79149 ? 120 DA A "C5'" 1 
ATOM 331 C "C4'" . DA A 1 17 ? -13.87781 6.36315   -12.39641 1.000 439.20602 ? 120 DA A "C4'" 1 
ATOM 332 O "O4'" . DA A 1 17 ? -14.16198 5.20480   -11.57675 1.000 430.70727 ? 120 DA A "O4'" 1 
ATOM 333 C "C3'" . DA A 1 17 ? -15.10162 6.54797   -13.28357 1.000 446.67341 ? 120 DA A "C3'" 1 
ATOM 334 O "O3'" . DA A 1 17 ? -14.94254 5.80251   -14.48483 1.000 447.74916 ? 120 DA A "O3'" 1 
ATOM 335 C "C2'" . DA A 1 17 ? -16.22441 5.98280   -12.42495 1.000 442.87252 ? 120 DA A "C2'" 1 
ATOM 336 C "C1'" . DA A 1 17 ? -15.52187 4.83767   -11.70543 1.000 432.54398 ? 120 DA A "C1'" 1 
ATOM 337 N N9    . DA A 1 17 ? -16.03245 4.58905   -10.37007 1.000 427.67035 ? 120 DA A N9    1 
ATOM 338 C C8    . DA A 1 17 ? -15.97864 5.43690   -9.30114  1.000 427.79155 ? 120 DA A C8    1 
ATOM 339 N N7    . DA A 1 17 ? -16.50467 4.94279   -8.20927  1.000 423.29674 ? 120 DA A N7    1 
ATOM 340 C C5    . DA A 1 17 ? -16.92127 3.67939   -8.58566  1.000 419.91081 ? 120 DA A C5    1 
ATOM 341 C C6    . DA A 1 17 ? -17.55853 2.64617   -7.87807  1.000 415.06480 ? 120 DA A C6    1 
ATOM 342 N N6    . DA A 1 17 ? -17.89221 2.74087   -6.58960  1.000 412.97664 ? 120 DA A N6    1 
ATOM 343 N N1    . DA A 1 17 ? -17.84108 1.50977   -8.54747  1.000 412.85169 ? 120 DA A N1    1 
ATOM 344 C C2    . DA A 1 17 ? -17.50182 1.42153   -9.84103  1.000 415.29930 ? 120 DA A C2    1 
ATOM 345 N N3    . DA A 1 17 ? -16.90039 2.32902   -10.61256 1.000 420.22233 ? 120 DA A N3    1 
ATOM 346 C C4    . DA A 1 17 ? -16.63448 3.44382   -9.91345  1.000 422.31738 ? 120 DA A C4    1 
ATOM 347 P P     . DG A 1 18 ? -15.87440 6.11019   -15.75721 1.000 458.02559 ? 121 DG A P     1 
ATOM 348 O OP1   . DG A 1 18 ? -15.07735 5.83084   -16.97426 1.000 460.59889 ? 121 DG A OP1   1 
ATOM 349 O OP2   . DG A 1 18 ? -16.46358 7.45462   -15.57792 1.000 465.97838 ? 121 DG A OP2   1 
ATOM 350 O "O5'" . DG A 1 18 ? -17.05173 5.03002   -15.63649 1.000 454.64274 ? 121 DG A "O5'" 1 
ATOM 351 C "C5'" . DG A 1 18 ? -16.85696 3.71521   -16.15440 1.000 449.51317 ? 121 DG A "C5'" 1 
ATOM 352 C "C4'" . DG A 1 18 ? -17.90837 2.74488   -15.63705 1.000 444.96314 ? 121 DG A "C4'" 1 
ATOM 353 O "O4'" . DG A 1 18 ? -17.99406 2.82114   -14.19236 1.000 439.46173 ? 121 DG A "O4'" 1 
ATOM 354 C "C3'" . DG A 1 18 ? -19.33245 2.96847   -16.16408 1.000 452.70752 ? 121 DG A "C3'" 1 
ATOM 355 O "O3'" . DG A 1 18 ? -19.81899 1.75833   -16.75040 1.000 450.51647 ? 121 DG A "O3'" 1 
ATOM 356 C "C2'" . DG A 1 18 ? -20.13285 3.35329   -14.90936 1.000 451.74303 ? 121 DG A "C2'" 1 
ATOM 357 C "C1'" . DG A 1 18 ? -19.34094 2.65450   -13.82037 1.000 441.16734 ? 121 DG A "C1'" 1 
ATOM 358 N N9    . DG A 1 18 ? -19.52508 3.21438   -12.48139 1.000 439.29665 ? 121 DG A N9    1 
ATOM 359 C C8    . DG A 1 18 ? -19.06789 4.41982   -12.01882 1.000 441.98492 ? 121 DG A C8    1 
ATOM 360 N N7    . DG A 1 18 ? -19.36508 4.65204   -10.76978 1.000 439.39731 ? 121 DG A N7    1 
ATOM 361 C C5    . DG A 1 18 ? -20.06276 3.52541   -10.37469 1.000 434.96701 ? 121 DG A C5    1 
ATOM 362 C C6    . DG A 1 18 ? -20.64167 3.20400   -9.11571  1.000 431.37198 ? 121 DG A C6    1 
ATOM 363 O O6    . DG A 1 18 ? -20.64279 3.88796   -8.07526  1.000 431.27613 ? 121 DG A O6    1 
ATOM 364 N N1    . DG A 1 18 ? -21.26225 1.95593   -9.13900  1.000 428.05996 ? 121 DG A N1    1 
ATOM 365 C C2    . DG A 1 18 ? -21.31842 1.12000   -10.23366 1.000 427.84609 ? 121 DG A C2    1 
ATOM 366 N N2    . DG A 1 18 ? -21.96114 -0.04862  -10.06250 1.000 424.49070 ? 121 DG A N2    1 
ATOM 367 N N3    . DG A 1 18 ? -20.77955 1.40674   -11.41997 1.000 431.08057 ? 121 DG A N3    1 
ATOM 368 C C4    . DG A 1 18 ? -20.17351 2.61801   -11.41147 1.000 434.65568 ? 121 DG A C4    1 
ATOM 369 P P     . DT A 1 19 ? -20.74946 1.79749   -18.06118 1.000 454.59357 ? 122 DT A P     1 
ATOM 370 O OP1   . DT A 1 19 ? -20.07068 1.01598   -19.11561 1.000 453.19971 ? 122 DT A OP1   1 
ATOM 371 O OP2   . DT A 1 19 ? -21.11281 3.20820   -18.31087 1.000 464.71059 ? 122 DT A OP2   1 
ATOM 372 O "O5'" . DT A 1 19 ? -22.07110 1.00884   -17.62164 1.000 452.93777 ? 122 DT A "O5'" 1 
ATOM 373 C "C5'" . DT A 1 19 ? -22.81875 1.45260   -16.49246 1.000 452.97950 ? 122 DT A "C5'" 1 
ATOM 374 C "C4'" . DT A 1 19 ? -23.38672 0.27605   -15.71961 1.000 445.89316 ? 122 DT A "C4'" 1 
ATOM 375 O "O4'" . DT A 1 19 ? -23.08012 0.43719   -14.30904 1.000 439.96021 ? 122 DT A "O4'" 1 
ATOM 376 C "C3'" . DT A 1 19 ? -24.90194 0.13873   -15.78598 1.000 451.55667 ? 122 DT A "C3'" 1 
ATOM 377 O "O3'" . DT A 1 19 ? -25.28212 -1.22455  -15.57928 1.000 445.59027 ? 122 DT A "O3'" 1 
ATOM 378 C "C2'" . DT A 1 19 ? -25.33625 1.01617   -14.62327 1.000 453.12068 ? 122 DT A "C2'" 1 
ATOM 379 C "C1'" . DT A 1 19 ? -24.27646 0.66077   -13.58608 1.000 443.06524 ? 122 DT A "C1'" 1 
ATOM 380 N N1    . DT A 1 19 ? -24.03036 1.74092   -12.59102 1.000 443.62350 ? 122 DT A N1    1 
ATOM 381 C C2    . DT A 1 19 ? -24.46396 1.58087   -11.29498 1.000 440.17615 ? 122 DT A C2    1 
ATOM 382 O O2    . DT A 1 19 ? -25.04462 0.58317   -10.89865 1.000 436.79779 ? 122 DT A O2    1 
ATOM 383 N N3    . DT A 1 19 ? -24.18437 2.63727   -10.46662 1.000 441.16541 ? 122 DT A N3    1 
ATOM 384 C C4    . DT A 1 19 ? -23.53597 3.81472   -10.79800 1.000 445.14141 ? 122 DT A C4    1 
ATOM 385 O O4    . DT A 1 19 ? -23.33223 4.70815   -9.98026  1.000 445.72022 ? 122 DT A O4    1 
ATOM 386 C C5    . DT A 1 19 ? -23.11709 3.92018   -12.17205 1.000 448.97112 ? 122 DT A C5    1 
ATOM 387 C C7    . DT A 1 19 ? -22.40426 5.14813   -12.64973 1.000 454.18189 ? 122 DT A C7    1 
ATOM 388 C C6    . DT A 1 19 ? -23.38201 2.89203   -12.99185 1.000 448.08728 ? 122 DT A C6    1 
ATOM 389 P P     . DC A 1 20 ? -26.69648 -1.76322  -16.12301 1.000 435.11679 ? 123 DC A P     1 
ATOM 390 O OP1   . DC A 1 20 ? -26.43600 -2.95821  -16.95359 1.000 431.31485 ? 123 DC A OP1   1 
ATOM 391 O OP2   . DC A 1 20 ? -27.41524 -0.61257  -16.70859 1.000 446.45833 ? 123 DC A OP2   1 
ATOM 392 O "O5'" . DC A 1 20 ? -27.47962 -2.21654  -14.80150 1.000 431.60587 ? 123 DC A "O5'" 1 
ATOM 393 C "C5'" . DC A 1 20 ? -27.00432 -1.82083  -13.51366 1.000 426.81923 ? 123 DC A "C5'" 1 
ATOM 394 C "C4'" . DC A 1 20 ? -28.16055 -1.43609  -12.60895 1.000 431.05560 ? 123 DC A "C4'" 1 
ATOM 395 O "O4'" . DC A 1 20 ? -27.74125 -0.38538  -11.69771 1.000 430.92587 ? 123 DC A "O4'" 1 
ATOM 396 C "C3'" . DC A 1 20 ? -29.39600 -0.90594  -13.34220 1.000 441.96981 ? 123 DC A "C3'" 1 
ATOM 397 O "O3'" . DC A 1 20 ? -30.54891 -1.61024  -12.92546 1.000 443.28652 ? 123 DC A "O3'" 1 
ATOM 398 C "C2'" . DC A 1 20 ? -29.46271 0.56619   -12.94230 1.000 447.80986 ? 123 DC A "C2'" 1 
ATOM 399 C "C1'" . DC A 1 20 ? -28.76941 0.56806   -11.59052 1.000 439.86729 ? 123 DC A "C1'" 1 
ATOM 400 N N1    . DC A 1 20 ? -28.17080 1.89755   -11.25412 1.000 441.94474 ? 123 DC A N1    1 
ATOM 401 C C2    . DC A 1 20 ? -28.27002 2.41035   -9.95051  1.000 440.60940 ? 123 DC A C2    1 
ATOM 402 O O2    . DC A 1 20 ? -28.83123 1.74147   -9.07268  1.000 437.82027 ? 123 DC A O2    1 
ATOM 403 N N3    . DC A 1 20 ? -27.72757 3.63207   -9.68650  1.000 442.70294 ? 123 DC A N3    1 
ATOM 404 C C4    . DC A 1 20 ? -27.12886 4.32336   -10.66075 1.000 446.31674 ? 123 DC A C4    1 
ATOM 405 N N4    . DC A 1 20 ? -26.60937 5.51909   -10.36052 1.000 448.54572 ? 123 DC A N4    1 
ATOM 406 C C5    . DC A 1 20 ? -27.03413 3.81928   -11.98842 1.000 448.20038 ? 123 DC A C5    1 
ATOM 407 C C6    . DC A 1 20 ? -27.56778 2.62020   -12.23906 1.000 445.83919 ? 123 DC A C6    1 
ATOM 408 P P     . DA A 1 21 ? -31.32801 -2.55466  -13.96336 1.000 444.42641 ? 124 DA A P     1 
ATOM 409 O OP1   . DA A 1 21 ? -30.51803 -3.78124  -14.14682 1.000 435.11870 ? 124 DA A OP1   1 
ATOM 410 O OP2   . DA A 1 21 ? -31.68567 -1.72205  -15.13592 1.000 454.31909 ? 124 DA A OP2   1 
ATOM 411 O "O5'" . DA A 1 21 ? -32.67464 -2.93334  -13.18978 1.000 447.67059 ? 124 DA A "O5'" 1 
ATOM 412 C "C5'" . DA A 1 21 ? -32.61490 -3.40219  -11.84827 1.000 441.35733 ? 124 DA A "C5'" 1 
ATOM 413 C "C4'" . DA A 1 21 ? -33.59089 -2.64256  -10.96594 1.000 447.82531 ? 124 DA A "C4'" 1 
ATOM 414 O "O4'" . DA A 1 21 ? -33.04306 -1.33843  -10.64915 1.000 449.36701 ? 124 DA A "O4'" 1 
ATOM 415 C "C3'" . DA A 1 21 ? -34.96787 -2.40111  -11.58438 1.000 458.75967 ? 124 DA A "C3'" 1 
ATOM 416 O "O3'" . DA A 1 21 ? -35.99072 -2.66495  -10.63112 1.000 461.42457 ? 124 DA A "O3'" 1 
ATOM 417 C "C2'" . DA A 1 21 ? -34.93654 -0.92738  -11.97832 1.000 466.18685 ? 124 DA A "C2'" 1 
ATOM 418 C "C1'" . DA A 1 21 ? -33.97609 -0.32977  -10.96095 1.000 460.06088 ? 124 DA A "C1'" 1 
ATOM 419 N N9    . DA A 1 21 ? -33.23868 0.80381   -11.48775 1.000 462.41187 ? 124 DA A N9    1 
ATOM 420 C C8    . DA A 1 21 ? -32.84503 0.98410   -12.78497 1.000 465.26198 ? 124 DA A C8    1 
ATOM 421 N N7    . DA A 1 21 ? -32.19118 2.09763   -12.98722 1.000 467.58490 ? 124 DA A N7    1 
ATOM 422 C C5    . DA A 1 21 ? -32.14272 2.68930   -11.73897 1.000 465.73328 ? 124 DA A C5    1 
ATOM 423 C C6    . DA A 1 21 ? -31.58274 3.89387   -11.28543 1.000 466.76067 ? 124 DA A C6    1 
ATOM 424 N N6    . DA A 1 21 ? -30.93425 4.74236   -12.08918 1.000 470.23844 ? 124 DA A N6    1 
ATOM 425 N N1    . DA A 1 21 ? -31.71111 4.19817   -9.97855  1.000 464.49525 ? 124 DA A N1    1 
ATOM 426 C C2    . DA A 1 21 ? -32.36335 3.34123   -9.17754  1.000 461.75283 ? 124 DA A C2    1 
ATOM 427 N N3    . DA A 1 21 ? -32.93591 2.17343   -9.48914  1.000 460.74801 ? 124 DA A N3    1 
ATOM 428 C C4    . DA A 1 21 ? -32.78643 1.90559   -10.80023 1.000 462.65638 ? 124 DA A C4    1 
ATOM 429 P P     . DC B 2 1  ? -4.18169  -4.62179  -11.43062 1.000 402.10198 ? 119 DC B P     1 
ATOM 430 O OP1   . DC B 2 1  ? -5.64153  -4.83797  -11.44657 1.000 401.47888 ? 119 DC B OP1   1 
ATOM 431 O OP2   . DC B 2 1  ? -3.35827  -5.04840  -10.27565 1.000 399.78521 ? 119 DC B OP2   1 
ATOM 432 O "O5'" . DC B 2 1  ? -3.98001  -3.05451  -11.59574 1.000 399.24413 ? 119 DC B "O5'" 1 
ATOM 433 C "C5'" . DC B 2 1  ? -4.02062  -2.22599  -10.45112 1.000 393.32603 ? 119 DC B "C5'" 1 
ATOM 434 C "C4'" . DC B 2 1  ? -5.42757  -1.71587  -10.19004 1.000 389.97363 ? 119 DC B "C4'" 1 
ATOM 435 O "O4'" . DC B 2 1  ? -6.23892  -2.74936  -9.56659  1.000 388.80030 ? 119 DC B "O4'" 1 
ATOM 436 C "C3'" . DC B 2 1  ? -5.49719  -0.50781  -9.25162  1.000 384.55185 ? 119 DC B "C3'" 1 
ATOM 437 O "O3'" . DC B 2 1  ? -6.29508  0.50278   -9.82778  1.000 384.41221 ? 119 DC B "O3'" 1 
ATOM 438 C "C2'" . DC B 2 1  ? -6.13302  -1.07402  -7.98560  1.000 380.24470 ? 119 DC B "C2'" 1 
ATOM 439 C "C1'" . DC B 2 1  ? -7.03240  -2.13736  -8.58138  1.000 383.10843 ? 119 DC B "C1'" 1 
ATOM 440 N N1    . DC B 2 1  ? -7.53898  -3.18634  -7.61241  1.000 381.09887 ? 119 DC B N1    1 
ATOM 441 C C2    . DC B 2 1  ? -8.13697  -2.80131  -6.39661  1.000 375.25984 ? 119 DC B C2    1 
ATOM 442 O O2    . DC B 2 1  ? -8.22324  -1.59899  -6.10819  1.000 371.93796 ? 119 DC B O2    1 
ATOM 443 N N3    . DC B 2 1  ? -8.60100  -3.76529  -5.56037  1.000 373.79086 ? 119 DC B N3    1 
ATOM 444 C C4    . DC B 2 1  ? -8.50289  -5.05292  -5.89807  1.000 378.17532 ? 119 DC B C4    1 
ATOM 445 N N4    . DC B 2 1  ? -8.97736  -5.96426  -5.03799  1.000 376.98285 ? 119 DC B N4    1 
ATOM 446 C C5    . DC B 2 1  ? -7.91557  -5.46505  -7.12998  1.000 384.38483 ? 119 DC B C5    1 
ATOM 447 C C6    . DC B 2 1  ? -7.45891  -4.50959  -7.95015  1.000 385.45065 ? 119 DC B C6    1 
ATOM 448 P P     . DC B 2 2  ? -5.61020  1.63676   -10.73409 1.000 378.30262 ? 120 DC B P     1 
ATOM 449 O OP1   . DC B 2 2  ? -6.68876  2.33305   -11.45916 1.000 379.52439 ? 120 DC B OP1   1 
ATOM 450 O OP2   . DC B 2 2  ? -4.49737  1.01223   -11.48289 1.000 382.79799 ? 120 DC B OP2   1 
ATOM 451 O "O5'" . DC B 2 2  ? -4.96763  2.64363   -9.67668  1.000 374.38357 ? 120 DC B "O5'" 1 
ATOM 452 C "C5'" . DC B 2 2  ? -3.64834  2.42930   -9.21671  1.000 374.61975 ? 120 DC B "C5'" 1 
ATOM 453 C "C4'" . DC B 2 2  ? -3.57490  2.57103   -7.70841  1.000 369.98539 ? 120 DC B "C4'" 1 
ATOM 454 O "O4'" . DC B 2 2  ? -4.13233  1.38259   -7.07111  1.000 368.15867 ? 120 DC B "O4'" 1 
ATOM 455 C "C3'" . DC B 2 2  ? -2.16081  2.69006   -7.14533  1.000 370.57565 ? 120 DC B "C3'" 1 
ATOM 456 O "O3'" . DC B 2 2  ? -2.20650  3.39103   -5.91445  1.000 367.02464 ? 120 DC B "O3'" 1 
ATOM 457 C "C2'" . DC B 2 2  ? -1.82290  1.23322   -6.90795  1.000 371.58312 ? 120 DC B "C2'" 1 
ATOM 458 C "C1'" . DC B 2 2  ? -3.12754  0.79725   -6.26673  1.000 368.07952 ? 120 DC B "C1'" 1 
ATOM 459 N N1    . DC B 2 2  ? -3.32270  -0.67508  -6.21031  1.000 369.37879 ? 120 DC B N1    1 
ATOM 460 C C2    . DC B 2 2  ? -4.01536  -1.23982  -5.13008  1.000 366.07708 ? 120 DC B C2    1 
ATOM 461 O O2    . DC B 2 2  ? -4.45882  -0.49389  -4.24440  1.000 361.88427 ? 120 DC B O2    1 
ATOM 462 N N3    . DC B 2 2  ? -4.18042  -2.58621  -5.09129  1.000 367.96510 ? 120 DC B N3    1 
ATOM 463 C C4    . DC B 2 2  ? -3.68171  -3.34763  -6.07085  1.000 373.03965 ? 120 DC B C4    1 
ATOM 464 N N4    . DC B 2 2  ? -3.86390  -4.66730  -5.99914  1.000 375.50207 ? 120 DC B N4    1 
ATOM 465 C C5    . DC B 2 2  ? -2.97040  -2.78749  -7.17030  1.000 376.20761 ? 120 DC B C5    1 
ATOM 466 C C6    . DC B 2 2  ? -2.81098  -1.46369  -7.19622  1.000 374.16722 ? 120 DC B C6    1 
ATOM 467 P P     . DG B 2 3  ? -1.30186  4.69483   -5.67601  1.000 364.95316 ? 121 DG B P     1 
ATOM 468 O OP1   . DG B 2 3  ? -1.58346  5.65162   -6.76889  1.000 367.12151 ? 121 DG B OP1   1 
ATOM 469 O OP2   . DG B 2 3  ? 0.07539   4.23096   -5.41060  1.000 367.14283 ? 121 DG B OP2   1 
ATOM 470 O "O5'" . DG B 2 3  ? -1.86462  5.28900   -4.30627  1.000 360.87903 ? 121 DG B "O5'" 1 
ATOM 471 C "C5'" . DG B 2 3  ? -3.20675  5.01200   -3.92727  1.000 357.24351 ? 121 DG B "C5'" 1 
ATOM 472 C "C4'" . DG B 2 3  ? -3.32107  4.74824   -2.43241  1.000 353.81357 ? 121 DG B "C4'" 1 
ATOM 473 O "O4'" . DG B 2 3  ? -3.39949  3.32599   -2.17956  1.000 353.28241 ? 121 DG B "O4'" 1 
ATOM 474 C "C3'" . DG B 2 3  ? -2.16472  5.24120   -1.58399  1.000 355.00867 ? 121 DG B "C3'" 1 
ATOM 475 O "O3'" . DG B 2 3  ? -2.64394  5.54401   -0.27842  1.000 351.77903 ? 121 DG B "O3'" 1 
ATOM 476 C "C2'" . DG B 2 3  ? -1.21744  4.03918   -1.57957  1.000 357.21765 ? 121 DG B "C2'" 1 
ATOM 477 C "C1'" . DG B 2 3  ? -2.18835  2.86340   -1.60726  1.000 355.16370 ? 121 DG B "C1'" 1 
ATOM 478 N N9    . DG B 2 3  ? -1.74059  1.75023   -2.41555  1.000 358.26501 ? 121 DG B N9    1 
ATOM 479 C C8    . DG B 2 3  ? -1.04963  1.80959   -3.60135  1.000 362.04916 ? 121 DG B C8    1 
ATOM 480 N N7    . DG B 2 3  ? -0.79995  0.63830   -4.11043  1.000 364.58343 ? 121 DG B N7    1 
ATOM 481 C C5    . DG B 2 3  ? -1.39271  -0.24738  -3.22930  1.000 362.48657 ? 121 DG B C5    1 
ATOM 482 C C6    . DG B 2 3  ? -1.45556  -1.65928  -3.26082  1.000 364.35682 ? 121 DG B C6    1 
ATOM 483 O O6    . DG B 2 3  ? -0.99163  -2.43486  -4.11871  1.000 368.43087 ? 121 DG B O6    1 
ATOM 484 N N1    . DG B 2 3  ? -2.14412  -2.15901  -2.15921  1.000 361.42185 ? 121 DG B N1    1 
ATOM 485 C C2    . DG B 2 3  ? -2.69524  -1.39361  -1.15332  1.000 357.02448 ? 121 DG B C2    1 
ATOM 486 N N2    . DG B 2 3  ? -3.31973  -2.05717  -0.17341  1.000 354.74084 ? 121 DG B N2    1 
ATOM 487 N N3    . DG B 2 3  ? -2.64157  -0.07008  -1.11333  1.000 355.37979 ? 121 DG B N3    1 
ATOM 488 C C4    . DG B 2 3  ? -1.97663  0.42984   -2.17911  1.000 358.38552 ? 121 DG B C4    1 
ATOM 489 P P     . DT B 2 4  ? -1.62719  5.93301   0.90171   1.000 349.39934 ? 122 DT B P     1 
ATOM 490 O OP1   . DT B 2 4  ? -2.39753  6.69994   1.90639   1.000 346.48418 ? 122 DT B OP1   1 
ATOM 491 O OP2   . DT B 2 4  ? -0.44572  6.57071   0.27987   1.000 353.77711 ? 122 DT B OP2   1 
ATOM 492 O "O5'" . DT B 2 4  ? -1.20169  4.51533   1.52434   1.000 349.46236 ? 122 DT B "O5'" 1 
ATOM 493 C "C5'" . DT B 2 4  ? -2.20817  3.55112   1.85549   1.000 346.19525 ? 122 DT B "C5'" 1 
ATOM 494 C "C4'" . DT B 2 4  ? -1.58727  2.28154   2.40498   1.000 347.72193 ? 122 DT B "C4'" 1 
ATOM 495 O "O4'" . DT B 2 4  ? -1.31177  1.35394   1.32355   1.000 350.24437 ? 122 DT B "O4'" 1 
ATOM 496 C "C3'" . DT B 2 4  ? -0.25658  2.48377   3.13501   1.000 351.03005 ? 122 DT B "C3'" 1 
ATOM 497 O "O3'" . DT B 2 4  ? -0.27929  1.81356   4.37384   1.000 350.41562 ? 122 DT B "O3'" 1 
ATOM 498 C "C2'" . DT B 2 4  ? 0.76182   1.85398   2.19141   1.000 355.16781 ? 122 DT B "C2'" 1 
ATOM 499 C "C1'" . DT B 2 4  ? -0.07199  0.75208   1.57665   1.000 353.95934 ? 122 DT B "C1'" 1 
ATOM 500 N N1    . DT B 2 4  ? 0.48614   0.22414   0.30883   1.000 357.40425 ? 122 DT B N1    1 
ATOM 501 C C2    . DT B 2 4  ? 0.46036   -1.13221  0.08099   1.000 359.16090 ? 122 DT B C2    1 
ATOM 502 O O2    . DT B 2 4  ? -0.01505  -1.93248  0.86514   1.000 358.02681 ? 122 DT B O2    1 
ATOM 503 N N3    . DT B 2 4  ? 1.00604   -1.52607  -1.10884  1.000 362.71454 ? 122 DT B N3    1 
ATOM 504 C C4    . DT B 2 4  ? 1.57599   -0.71976  -2.07585  1.000 364.44547 ? 122 DT B C4    1 
ATOM 505 O O4    . DT B 2 4  ? 2.04201   -1.17751  -3.11865  1.000 367.76043 ? 122 DT B O4    1 
ATOM 506 C C5    . DT B 2 4  ? 1.57815   0.69840   -1.77427  1.000 362.51191 ? 122 DT B C5    1 
ATOM 507 C C7    . DT B 2 4  ? 2.16952   1.67676   -2.74769  1.000 364.60391 ? 122 DT B C7    1 
ATOM 508 C C6    . DT B 2 4  ? 1.04225   1.09607   -0.60507  1.000 359.26368 ? 122 DT B C6    1 
ATOM 509 P P     . DA B 2 5  ? 0.61318   2.36772   5.58574   1.000 335.96566 ? 123 DA B P     1 
ATOM 510 O OP1   . DA B 2 5  ? -0.17805  3.41934   6.25762   1.000 332.86064 ? 123 DA B OP1   1 
ATOM 511 O OP2   . DA B 2 5  ? 1.95382   2.67309   5.04049   1.000 340.69201 ? 123 DA B OP2   1 
ATOM 512 O "O5'" . DA B 2 5  ? 0.77691   1.11440   6.56064   1.000 336.94589 ? 123 DA B "O5'" 1 
ATOM 513 C "C5'" . DA B 2 5  ? -0.34966  0.33916   6.91422   1.000 333.36943 ? 123 DA B "C5'" 1 
ATOM 514 C "C4'" . DA B 2 5  ? 0.00560   -1.13444  6.92512   1.000 336.08356 ? 123 DA B "C4'" 1 
ATOM 515 O "O4'" . DA B 2 5  ? 0.23323   -1.59523  5.56482   1.000 337.83895 ? 123 DA B "O4'" 1 
ATOM 516 C "C3'" . DA B 2 5  ? 1.26595   -1.48708  7.71195   1.000 341.11559 ? 123 DA B "C3'" 1 
ATOM 517 O "O3'" . DA B 2 5  ? 1.02451   -2.67862  8.48956   1.000 341.92461 ? 123 DA B "O3'" 1 
ATOM 518 C "C2'" . DA B 2 5  ? 2.32423   -1.67454  6.61647   1.000 345.21291 ? 123 DA B "C2'" 1 
ATOM 519 C "C1'" . DA B 2 5  ? 1.49267   -2.22872  5.47268   1.000 343.09824 ? 123 DA B "C1'" 1 
ATOM 520 N N9    . DA B 2 5  ? 2.04349   -1.95265  4.15235   1.000 345.00676 ? 123 DA B N9    1 
ATOM 521 C C8    . DA B 2 5  ? 2.31695   -0.72724  3.61799   1.000 344.58380 ? 123 DA B C8    1 
ATOM 522 N N7    . DA B 2 5  ? 2.78821   -0.77369  2.39606   1.000 346.75230 ? 123 DA B N7    1 
ATOM 523 C C5    . DA B 2 5  ? 2.82217   -2.12557  2.10480   1.000 348.81837 ? 123 DA B C5    1 
ATOM 524 C C6    . DA B 2 5  ? 3.22356   -2.83969  0.96117   1.000 351.99144 ? 123 DA B C6    1 
ATOM 525 N N6    . DA B 2 5  ? 3.69004   -2.25281  -0.14690  1.000 353.32078 ? 123 DA B N6    1 
ATOM 526 N N1    . DA B 2 5  ? 3.13130   -4.18450  0.99862   1.000 354.20547 ? 123 DA B N1    1 
ATOM 527 C C2    . DA B 2 5  ? 2.66499   -4.76710  2.11007   1.000 353.17250 ? 123 DA B C2    1 
ATOM 528 N N3    . DA B 2 5  ? 2.25656   -4.20284  3.24504   1.000 349.98479 ? 123 DA B N3    1 
ATOM 529 C C4    . DA B 2 5  ? 2.36158   -2.86756  3.17555   1.000 347.91012 ? 123 DA B C4    1 
ATOM 530 P P     . DC B 2 6  ? 2.14727   -3.81391  8.68759   1.000 338.62645 ? 124 DC B P     1 
ATOM 531 O OP1   . DC B 2 6  ? 1.62151   -4.78203  9.67171   1.000 338.71970 ? 124 DC B OP1   1 
ATOM 532 O OP2   . DC B 2 6  ? 3.44107   -3.14691  8.96070   1.000 342.78590 ? 124 DC B OP2   1 
ATOM 533 O "O5'" . DC B 2 6  ? 2.18779   -4.55681  7.26733   1.000 339.90244 ? 124 DC B "O5'" 1 
ATOM 534 C "C5'" . DC B 2 6  ? 2.41261   -5.94977  7.17375   1.000 343.76681 ? 124 DC B "C5'" 1 
ATOM 535 C "C4'" . DC B 2 6  ? 3.83202   -6.22396  6.72507   1.000 349.67349 ? 124 DC B "C4'" 1 
ATOM 536 O "O4'" . DC B 2 6  ? 4.08407   -5.60220  5.43323   1.000 349.03151 ? 124 DC B "O4'" 1 
ATOM 537 C "C3'" . DC B 2 6  ? 4.92057   -5.67937  7.66627   1.000 352.88990 ? 124 DC B "C3'" 1 
ATOM 538 O "O3'" . DC B 2 6  ? 5.83954   -6.71398  7.98575   1.000 359.17821 ? 124 DC B "O3'" 1 
ATOM 539 C "C2'" . DC B 2 6  ? 5.58612   -4.58351  6.82685   1.000 352.79665 ? 124 DC B "C2'" 1 
ATOM 540 C "C1'" . DC B 2 6  ? 5.41874   -5.18126  5.44907   1.000 352.96293 ? 124 DC B "C1'" 1 
ATOM 541 N N1    . DC B 2 6  ? 5.70356   -4.24630  4.30792   1.000 351.93129 ? 124 DC B N1    1 
ATOM 542 C C2    . DC B 2 6  ? 6.01843   -4.78227  3.05743   1.000 354.15578 ? 124 DC B C2    1 
ATOM 543 O O2    . DC B 2 6  ? 6.01365   -6.01035  2.92184   1.000 356.94902 ? 124 DC B O2    1 
ATOM 544 N N3    . DC B 2 6  ? 6.29840   -3.94631  2.03104   1.000 353.58609 ? 124 DC B N3    1 
ATOM 545 C C4    . DC B 2 6  ? 6.28774   -2.62831  2.22795   1.000 351.20162 ? 124 DC B C4    1 
ATOM 546 N N4    . DC B 2 6  ? 6.57029   -1.84313  1.18517   1.000 351.19091 ? 124 DC B N4    1 
ATOM 547 C C5    . DC B 2 6  ? 5.98660   -2.05781  3.50180   1.000 349.22185 ? 124 DC B C5    1 
ATOM 548 C C6    . DC B 2 6  ? 5.71101   -2.89740  4.50748   1.000 349.57898 ? 124 DC B C6    1 
ATOM 549 P P     . DA B 2 7  ? 5.54246   -7.72481  9.19902   1.000 355.43727 ? 125 DA B P     1 
ATOM 550 O OP1   . DA B 2 7  ? 4.08463   -7.76886  9.43405   1.000 349.69578 ? 125 DA B OP1   1 
ATOM 551 O OP2   . DA B 2 7  ? 6.46355   -7.36956  10.29608  1.000 359.41591 ? 125 DA B OP2   1 
ATOM 552 O "O5'" . DA B 2 7  ? 5.99015   -9.14415  8.62715   1.000 360.99822 ? 125 DA B "O5'" 1 
ATOM 553 C "C5'" . DA B 2 7  ? 5.59679   -9.52686  7.31718   1.000 359.91600 ? 125 DA B "C5'" 1 
ATOM 554 C "C4'" . DA B 2 7  ? 6.80683   -9.91751  6.49137   1.000 365.54338 ? 125 DA B "C4'" 1 
ATOM 555 O "O4'" . DA B 2 7  ? 7.22699   -8.79945  5.66566   1.000 363.24950 ? 125 DA B "O4'" 1 
ATOM 556 C "C3'" . DA B 2 7  ? 8.02876   -10.31578 7.30370   1.000 372.16707 ? 125 DA B "C3'" 1 
ATOM 557 O "O3'" . DA B 2 7  ? 8.70188   -11.36111 6.64585   1.000 378.10834 ? 125 DA B "O3'" 1 
ATOM 558 C "C2'" . DA B 2 7  ? 8.86310   -9.03543  7.31708   1.000 371.43890 ? 125 DA B "C2'" 1 
ATOM 559 C "C1'" . DA B 2 7  ? 8.58104   -8.49182  5.93021   1.000 367.66656 ? 125 DA B "C1'" 1 
ATOM 560 N N9    . DA B 2 7  ? 8.74213   -7.04495  5.80266   1.000 364.20181 ? 125 DA B N9    1 
ATOM 561 C C8    . DA B 2 7  ? 8.54167   -6.09656  6.76966   1.000 361.75673 ? 125 DA B C8    1 
ATOM 562 N N7    . DA B 2 7  ? 8.74330   -4.86495  6.35026   1.000 359.55909 ? 125 DA B N7    1 
ATOM 563 C C5    . DA B 2 7  ? 9.08561   -5.01976  5.01831   1.000 360.31018 ? 125 DA B C5    1 
ATOM 564 C C6    . DA B 2 7  ? 9.42436   -4.09667  4.00426   1.000 359.21095 ? 125 DA B C6    1 
ATOM 565 N N6    . DA B 2 7  ? 9.47053   -2.77269  4.19173   1.000 357.22553 ? 125 DA B N6    1 
ATOM 566 N N1    . DA B 2 7  ? 9.71461   -4.59324  2.78623   1.000 360.74722 ? 125 DA B N1    1 
ATOM 567 C C2    . DA B 2 7  ? 9.66694   -5.91384  2.59948   1.000 363.42751 ? 125 DA B C2    1 
ATOM 568 N N3    . DA B 2 7  ? 9.36513   -6.87374  3.46500   1.000 364.98062 ? 125 DA B N3    1 
ATOM 569 C C4    . DA B 2 7  ? 9.08234   -6.35635  4.66658   1.000 363.13224 ? 125 DA B C4    1 
ATOM 570 P P     . DG C 3 1  ? 13.88643  -10.86718 11.44271  1.000 444.32643 ? 209 DG C P     1 
ATOM 571 O OP1   . DG C 3 1  ? 13.41223  -10.88448 12.84606  1.000 450.10506 ? 209 DG C OP1   1 
ATOM 572 O OP2   . DG C 3 1  ? 14.19522  -12.13910 10.74995  1.000 450.42812 ? 209 DG C OP2   1 
ATOM 573 O "O5'" . DG C 3 1  ? 12.85258  -10.03919 10.54049  1.000 430.55115 ? 209 DG C "O5'" 1 
ATOM 574 C "C5'" . DG C 3 1  ? 13.29178  -8.88315  9.83057   1.000 421.01937 ? 209 DG C "C5'" 1 
ATOM 575 C "C4'" . DG C 3 1  ? 13.60063  -9.22586  8.38895   1.000 417.42823 ? 209 DG C "C4'" 1 
ATOM 576 O "O4'" . DG C 3 1  ? 12.43567  -8.96142  7.55925   1.000 407.75164 ? 209 DG C "O4'" 1 
ATOM 577 C "C3'" . DG C 3 1  ? 14.70191  -8.39893  7.75956   1.000 413.16634 ? 209 DG C "C3'" 1 
ATOM 578 O "O3'" . DG C 3 1  ? 15.96329  -8.94400  8.07230   1.000 422.70442 ? 209 DG C "O3'" 1 
ATOM 579 C "C2'" . DG C 3 1  ? 14.36154  -8.54662  6.28839   1.000 406.17844 ? 209 DG C "C2'" 1 
ATOM 580 C "C1'" . DG C 3 1  ? 12.85284  -8.34390  6.35073   1.000 399.81141 ? 209 DG C "C1'" 1 
ATOM 581 N N9    . DG C 3 1  ? 12.47876  -6.93242  6.39936   1.000 389.75677 ? 209 DG C N9    1 
ATOM 582 C C8    . DG C 3 1  ? 11.78210  -6.29615  7.39798   1.000 387.67022 ? 209 DG C C8    1 
ATOM 583 N N7    . DG C 3 1  ? 11.60583  -5.02354  7.17468   1.000 378.12972 ? 209 DG C N7    1 
ATOM 584 C C5    . DG C 3 1  ? 12.23246  -4.79969  5.95668   1.000 373.79030 ? 209 DG C C5    1 
ATOM 585 C C6    . DG C 3 1  ? 12.37237  -3.60926  5.20575   1.000 364.01865 ? 209 DG C C6    1 
ATOM 586 O O6    . DG C 3 1  ? 11.95146  -2.48311  5.48452   1.000 356.96194 ? 209 DG C O6    1 
ATOM 587 N N1    . DG C 3 1  ? 13.07823  -3.81890  4.02611   1.000 363.08444 ? 209 DG C N1    1 
ATOM 588 C C2    . DG C 3 1  ? 13.58942  -5.02508  3.62008   1.000 370.48877 ? 209 DG C C2    1 
ATOM 589 N N2    . DG C 3 1  ? 14.24539  -5.03703  2.45107   1.000 368.37199 ? 209 DG C N2    1 
ATOM 590 N N3    . DG C 3 1  ? 13.46528  -6.14850  4.31546   1.000 379.62519 ? 209 DG C N3    1 
ATOM 591 C C4    . DG C 3 1  ? 12.77838  -5.96195  5.46796   1.000 380.80445 ? 209 DG C C4    1 
ATOM 592 P P     . DG C 3 2  ? 17.01876  -8.06818  8.90921   1.000 445.26604 ? 210 DG C P     1 
ATOM 593 O OP1   . DG C 3 2  ? 17.68081  -8.97130  9.87180   1.000 458.16026 ? 210 DG C OP1   1 
ATOM 594 O OP2   . DG C 3 2  ? 16.32458  -6.86207  9.41204   1.000 437.64903 ? 210 DG C OP2   1 
ATOM 595 O "O5'" . DG C 3 2  ? 18.07800  -7.59684  7.81089   1.000 441.20091 ? 210 DG C "O5'" 1 
ATOM 596 C "C5'" . DG C 3 2  ? 18.64671  -8.55159  6.92253   1.000 444.99208 ? 210 DG C "C5'" 1 
ATOM 597 C "C4'" . DG C 3 2  ? 18.43458  -8.12715  5.48725   1.000 435.07834 ? 210 DG C "C4'" 1 
ATOM 598 O "O4'" . DG C 3 2  ? 17.20269  -7.36409  5.40387   1.000 425.46068 ? 210 DG C "O4'" 1 
ATOM 599 C "C3'" . DG C 3 2  ? 19.52774  -7.22658  4.92294   1.000 431.44189 ? 210 DG C "C3'" 1 
ATOM 600 O "O3'" . DG C 3 2  ? 19.72312  -7.49475  3.54044   1.000 427.80345 ? 210 DG C "O3'" 1 
ATOM 601 C "C2'" . DG C 3 2  ? 18.96439  -5.83372  5.14761   1.000 422.14988 ? 210 DG C "C2'" 1 
ATOM 602 C "C1'" . DG C 3 2  ? 17.47531  -6.06421  4.93818   1.000 416.76436 ? 210 DG C "C1'" 1 
ATOM 603 N N9    . DG C 3 2  ? 16.66330  -5.11094  5.67793   1.000 411.26497 ? 210 DG C N9    1 
ATOM 604 C C8    . DG C 3 2  ? 15.98940  -5.31499  6.85988   1.000 415.08502 ? 210 DG C C8    1 
ATOM 605 N N7    . DG C 3 2  ? 15.36578  -4.25043  7.28768   1.000 408.32552 ? 210 DG C N7    1 
ATOM 606 C C5    . DG C 3 2  ? 15.65547  -3.28477  6.33479   1.000 399.64519 ? 210 DG C C5    1 
ATOM 607 C C6    . DG C 3 2  ? 15.26028  -1.92864  6.25289   1.000 390.03751 ? 210 DG C C6    1 
ATOM 608 O O6    . DG C 3 2  ? 14.54688  -1.28691  7.04195   1.000 387.00884 ? 210 DG C O6    1 
ATOM 609 N N1    . DG C 3 2  ? 15.78271  -1.31202  5.11706   1.000 383.89559 ? 210 DG C N1    1 
ATOM 610 C C2    . DG C 3 2  ? 16.58115  -1.92979  4.18006   1.000 386.62982 ? 210 DG C C2    1 
ATOM 611 N N2    . DG C 3 2  ? 16.98971  -1.18107  3.15130   1.000 380.08448 ? 210 DG C N2    1 
ATOM 612 N N3    . DG C 3 2  ? 16.95505  -3.19432  4.24856   1.000 395.40236 ? 210 DG C N3    1 
ATOM 613 C C4    . DG C 3 2  ? 16.45820  -3.80620  5.34308   1.000 401.49846 ? 210 DG C C4    1 
ATOM 614 P P     . DC C 3 3  ? 21.21284  -7.57430  2.94313   1.000 458.05793 ? 211 DC C P     1 
ATOM 615 O OP1   . DC C 3 3  ? 21.34418  -8.85224  2.20681   1.000 462.89801 ? 211 DC C OP1   1 
ATOM 616 O OP2   . DC C 3 3  ? 22.13894  -7.26710  4.05336   1.000 464.70878 ? 211 DC C OP2   1 
ATOM 617 O "O5'" . DC C 3 3  ? 21.28793  -6.35108  1.91256   1.000 447.18793 ? 211 DC C "O5'" 1 
ATOM 618 C "C5'" . DC C 3 3  ? 20.62619  -5.12965  2.21379   1.000 438.99926 ? 211 DC C "C5'" 1 
ATOM 619 C "C4'" . DC C 3 3  ? 21.51273  -3.93199  1.92561   1.000 434.94027 ? 211 DC C "C4'" 1 
ATOM 620 O "O4'" . DC C 3 3  ? 20.80990  -2.71974  2.31530   1.000 427.17806 ? 211 DC C "O4'" 1 
ATOM 621 C "C3'" . DC C 3 3  ? 22.84130  -3.90430  2.68505   1.000 443.39320 ? 211 DC C "C3'" 1 
ATOM 622 O "O3'" . DC C 3 3  ? 23.86031  -3.30685  1.87258   1.000 441.27891 ? 211 DC C "O3'" 1 
ATOM 623 C "C2'" . DC C 3 3  ? 22.50995  -3.04176  3.89574   1.000 442.55369 ? 211 DC C "C2'" 1 
ATOM 624 C "C1'" . DC C 3 3  ? 21.56986  -2.01967  3.27955   1.000 430.64965 ? 211 DC C "C1'" 1 
ATOM 625 N N1    . DC C 3 3  ? 20.64836  -1.40160  4.27031   1.000 427.65757 ? 211 DC C N1    1 
ATOM 626 C C2    . DC C 3 3  ? 20.42516  -0.02139  4.24028   1.000 419.50989 ? 211 DC C C2    1 
ATOM 627 O O2    . DC C 3 3  ? 20.98693  0.66271   3.37514   1.000 414.98217 ? 211 DC C O2    1 
ATOM 628 N N3    . DC C 3 3  ? 19.59150  0.52899   5.15812   1.000 416.96874 ? 211 DC C N3    1 
ATOM 629 C C4    . DC C 3 3  ? 19.00530  -0.24473  6.07424   1.000 422.35629 ? 211 DC C C4    1 
ATOM 630 N N4    . DC C 3 3  ? 18.19135  0.34159   6.95784   1.000 419.69325 ? 211 DC C N4    1 
ATOM 631 C C5    . DC C 3 3  ? 19.22807  -1.65224  6.12608   1.000 430.94532 ? 211 DC C C5    1 
ATOM 632 C C6    . DC C 3 3  ? 20.05047  -2.18318  5.21550   1.000 433.26070 ? 211 DC C C6    1 
ATOM 633 P P     . DA C 3 4  ? 25.29581  -2.93225  2.49835   1.000 452.62562 ? 212 DA C P     1 
ATOM 634 O OP1   . DA C 3 4  ? 26.30104  -2.99005  1.41299   1.000 452.86489 ? 212 DA C OP1   1 
ATOM 635 O OP2   . DA C 3 4  ? 25.49545  -3.75234  3.71364   1.000 462.81713 ? 212 DA C OP2   1 
ATOM 636 O "O5'" . DA C 3 4  ? 25.12266  -1.40891  2.95428   1.000 446.23134 ? 212 DA C "O5'" 1 
ATOM 637 C "C5'" . DA C 3 4  ? 26.20872  -0.70979  3.55589   1.000 450.33794 ? 212 DA C "C5'" 1 
ATOM 638 C "C4'" . DA C 3 4  ? 25.99358  0.79066   3.46090   1.000 441.91049 ? 212 DA C "C4'" 1 
ATOM 639 O "O4'" . DA C 3 4  ? 24.57146  1.06514   3.41811   1.000 433.85539 ? 212 DA C "O4'" 1 
ATOM 640 C "C3'" . DA C 3 4  ? 26.53561  1.59869   4.63489   1.000 445.84350 ? 212 DA C "C3'" 1 
ATOM 641 O "O3'" . DA C 3 4  ? 27.89964  2.01705   4.37867   1.000 449.44012 ? 212 DA C "O3'" 1 
ATOM 642 C "C2'" . DA C 3 4  ? 25.56636  2.77372   4.71912   1.000 436.28266 ? 212 DA C "C2'" 1 
ATOM 643 C "C1'" . DA C 3 4  ? 24.25243  2.14176   4.28086   1.000 431.02287 ? 212 DA C "C1'" 1 
ATOM 644 N N9    . DA C 3 4  ? 23.45398  1.62795   5.38835   1.000 434.48473 ? 212 DA C N9    1 
ATOM 645 C C8    . DA C 3 4  ? 23.32450  0.32287   5.77468   1.000 441.85973 ? 212 DA C C8    1 
ATOM 646 N N7    . DA C 3 4  ? 22.53389  0.15270   6.80768   1.000 443.76354 ? 212 DA C N7    1 
ATOM 647 C C5    . DA C 3 4  ? 22.11717  1.43584   7.12350   1.000 437.00298 ? 212 DA C C5    1 
ATOM 648 C C6    . DA C 3 4  ? 21.26289  1.93608   8.12649   1.000 435.26220 ? 212 DA C C6    1 
ATOM 649 N N6    . DA C 3 4  ? 20.65503  1.15981   9.02897   1.000 440.58040 ? 212 DA C N6    1 
ATOM 650 N N1    . DA C 3 4  ? 21.05693  3.26890   8.16611   1.000 428.05903 ? 212 DA C N1    1 
ATOM 651 C C2    . DA C 3 4  ? 21.66890  4.04237   7.26123   1.000 423.16555 ? 212 DA C C2    1 
ATOM 652 N N3    . DA C 3 4  ? 22.49064  3.68831   6.27259   1.000 424.26679 ? 212 DA C N3    1 
ATOM 653 C C4    . DA C 3 4  ? 22.67541  2.35798   6.25967   1.000 431.27143 ? 212 DA C C4    1 
ATOM 654 P P     . DT C 3 5  ? 28.24289  3.33571   3.51481   1.000 442.74984 ? 213 DT C P     1 
ATOM 655 O OP1   . DT C 3 5  ? 27.34299  3.41568   2.34363   1.000 433.11754 ? 213 DT C OP1   1 
ATOM 656 O OP2   . DT C 3 5  ? 29.70262  3.32057   3.27761   1.000 449.06933 ? 213 DT C OP2   1 
ATOM 657 O "O5'" . DT C 3 5  ? 27.95120  4.55328   4.51142   1.000 440.49810 ? 213 DT C "O5'" 1 
ATOM 658 C "C5'" . DT C 3 5  ? 27.39764  5.76374   4.00885   1.000 430.59403 ? 213 DT C "C5'" 1 
ATOM 659 C "C4'" . DT C 3 5  ? 27.11397  6.73621   5.13639   1.000 430.10378 ? 213 DT C "C4'" 1 
ATOM 660 O "O4'" . DT C 3 5  ? 26.14525  6.15516   6.05478   1.000 431.56152 ? 213 DT C "O4'" 1 
ATOM 661 C "C3'" . DT C 3 5  ? 28.32992  7.10463   5.98594   1.000 438.74520 ? 213 DT C "C3'" 1 
ATOM 662 O "O3'" . DT C 3 5  ? 28.28380  8.48601   6.31630   1.000 434.71255 ? 213 DT C "O3'" 1 
ATOM 663 C "C2'" . DT C 3 5  ? 28.14665  6.23302   7.22121   1.000 446.90358 ? 213 DT C "C2'" 1 
ATOM 664 C "C1'" . DT C 3 5  ? 26.63667  6.26969   7.36856   1.000 439.60263 ? 213 DT C "C1'" 1 
ATOM 665 N N1    . DT C 3 5  ? 26.09138  5.15271   8.18687   1.000 445.34051 ? 213 DT C N1    1 
ATOM 666 C C2    . DT C 3 5  ? 25.17757  5.42435   9.18446   1.000 444.33750 ? 213 DT C C2    1 
ATOM 667 O O2    . DT C 3 5  ? 24.77625  6.54593   9.43518   1.000 438.71533 ? 213 DT C O2    1 
ATOM 668 N N3    . DT C 3 5  ? 24.74720  4.32320   9.88119   1.000 450.42518 ? 213 DT C N3    1 
ATOM 669 C C4    . DT C 3 5  ? 25.13433  3.00890   9.68330   1.000 457.30590 ? 213 DT C C4    1 
ATOM 670 O O4    . DT C 3 5  ? 24.69469  2.08366   10.35770  1.000 462.82482 ? 213 DT C O4    1 
ATOM 671 C C5    . DT C 3 5  ? 26.09531  2.79957   8.62607   1.000 457.80310 ? 213 DT C C5    1 
ATOM 672 C C7    . DT C 3 5  ? 26.58812  1.41654   8.32152   1.000 465.05116 ? 213 DT C C7    1 
ATOM 673 C C6    . DT C 3 5  ? 26.52339  3.86823   7.93991   1.000 451.88526 ? 213 DT C C6    1 
ATOM 674 P P     . DG C 3 6  ? 29.64167  9.31706   6.53207   1.000 448.47844 ? 214 DG C P     1 
ATOM 675 O OP1   . DG C 3 6  ? 29.88140  10.12015  5.31246   1.000 441.47881 ? 214 DG C OP1   1 
ATOM 676 O OP2   . DG C 3 6  ? 30.67535  8.36807   7.00070   1.000 459.74345 ? 214 DG C OP2   1 
ATOM 677 O "O5'" . DG C 3 6  ? 29.29559  10.30040  7.74546   1.000 448.69014 ? 214 DG C "O5'" 1 
ATOM 678 C "C5'" . DG C 3 6  ? 28.02267  10.94082  7.80379   1.000 439.63880 ? 214 DG C "C5'" 1 
ATOM 679 C "C4'" . DG C 3 6  ? 27.59406  11.16150  9.24166   1.000 443.29818 ? 214 DG C "C4'" 1 
ATOM 680 O "O4'" . DG C 3 6  ? 26.94888  9.96591   9.75293   1.000 446.62269 ? 214 DG C "O4'" 1 
ATOM 681 C "C3'" . DG C 3 6  ? 28.73475  11.48662  10.20337  1.000 453.27080 ? 214 DG C "C3'" 1 
ATOM 682 O "O3'" . DG C 3 6  ? 28.40327  12.60301  11.00152  1.000 451.51435 ? 214 DG C "O3'" 1 
ATOM 683 C "C2'" . DG C 3 6  ? 28.89027  10.22125  11.04326  1.000 462.92015 ? 214 DG C "C2'" 1 
ATOM 684 C "C1'" . DG C 3 6  ? 27.49763  9.60903   11.00284  1.000 457.23120 ? 214 DG C "C1'" 1 
ATOM 685 N N9    . DG C 3 6  ? 27.53010  8.15568   11.07620  1.000 463.39551 ? 214 DG C N9    1 
ATOM 686 C C8    . DG C 3 6  ? 28.26807  7.32048   10.27834  1.000 466.61485 ? 214 DG C C8    1 
ATOM 687 N N7    . DG C 3 6  ? 28.11670  6.06048   10.55631  1.000 472.29542 ? 214 DG C N7    1 
ATOM 688 C C5    . DG C 3 6  ? 27.22308  6.05138   11.61713  1.000 473.08528 ? 214 DG C C5    1 
ATOM 689 C C6    . DG C 3 6  ? 26.69162  4.96185   12.33746  1.000 478.73105 ? 214 DG C C6    1 
ATOM 690 O O6    . DG C 3 6  ? 26.91903  3.75592   12.16834  1.000 484.29579 ? 214 DG C O6    1 
ATOM 691 N N1    . DG C 3 6  ? 25.81904  5.38001   13.33919  1.000 477.74253 ? 214 DG C N1    1 
ATOM 692 C C2    . DG C 3 6  ? 25.50024  6.69183   13.60819  1.000 471.86859 ? 214 DG C C2    1 
ATOM 693 N N2    . DG C 3 6  ? 24.63915  6.89810   14.61487  1.000 471.93573 ? 214 DG C N2    1 
ATOM 694 N N3    . DG C 3 6  ? 25.99448  7.73070   12.93715  1.000 466.55004 ? 214 DG C N3    1 
ATOM 695 C C4    . DG C 3 6  ? 26.84485  7.33427   11.95398  1.000 467.53961 ? 214 DG C C4    1 
ATOM 696 P P     . DC C 3 7  ? 29.48303  13.18683  12.03533  1.000 450.00782 ? 215 DC C P     1 
ATOM 697 O OP1   . DC C 3 7  ? 29.27427  14.64837  12.11884  1.000 444.44140 ? 215 DC C OP1   1 
ATOM 698 O OP2   . DC C 3 7  ? 30.80752  12.66341  11.62937  1.000 457.41109 ? 215 DC C OP2   1 
ATOM 699 O "O5'" . DC C 3 7  ? 29.07869  12.51404  13.43296  1.000 457.33838 ? 215 DC C "O5'" 1 
ATOM 700 C "C5'" . DC C 3 7  ? 27.81052  12.80893  14.02001  1.000 452.09672 ? 215 DC C "C5'" 1 
ATOM 701 C "C4'" . DC C 3 7  ? 27.58533  12.00424  15.29172  1.000 460.68471 ? 215 DC C "C4'" 1 
ATOM 702 O "O4'" . DC C 3 7  ? 27.10118  10.68438  14.95799  1.000 460.93306 ? 215 DC C "O4'" 1 
ATOM 703 C "C3'" . DC C 3 7  ? 28.82459  11.75971  16.12868  1.000 473.55554 ? 215 DC C "C3'" 1 
ATOM 704 O "O3'" . DC C 3 7  ? 29.05869  12.87196  16.98668  1.000 475.99020 ? 215 DC C "O3'" 1 
ATOM 705 C "C2'" . DC C 3 7  ? 28.43924  10.50871  16.92131  1.000 480.52495 ? 215 DC C "C2'" 1 
ATOM 706 C "C1'" . DC C 3 7  ? 27.51556  9.75827   15.95011  1.000 472.44741 ? 215 DC C "C1'" 1 
ATOM 707 N N1    . DC C 3 7  ? 28.16631  8.59476   15.26783  1.000 476.76252 ? 215 DC C N1    1 
ATOM 708 C C2    . DC C 3 7  ? 27.93325  7.28850   15.72722  1.000 483.34090 ? 215 DC C C2    1 
ATOM 709 O O2    . DC C 3 7  ? 27.19195  7.11473   16.70320  1.000 485.65137 ? 215 DC C O2    1 
ATOM 710 N N3    . DC C 3 7  ? 28.53169  6.25081   15.08364  1.000 487.21141 ? 215 DC C N3    1 
ATOM 711 C C4    . DC C 3 7  ? 29.32400  6.48591   14.03498  1.000 484.65772 ? 215 DC C C4    1 
ATOM 712 N N4    . DC C 3 7  ? 29.89557  5.43985   13.42875  1.000 488.67311 ? 215 DC C N4    1 
ATOM 713 C C5    . DC C 3 7  ? 29.56346  7.80551   13.55501  1.000 478.06903 ? 215 DC C C5    1 
ATOM 714 C C6    . DC C 3 7  ? 28.97363  8.81632   14.19492  1.000 474.39847 ? 215 DC C C6    1 
ATOM 715 O "O5'" . DT D 4 1  ? -31.97281 11.79621  -5.59365  1.000 557.06057 ? 103 DT D "O5'" 1 
ATOM 716 C "C5'" . DT D 4 1  ? -32.65468 10.92786  -4.69611  1.000 557.73182 ? 103 DT D "C5'" 1 
ATOM 717 C "C4'" . DT D 4 1  ? -31.75843 9.78317   -4.26935  1.000 546.50626 ? 103 DT D "C4'" 1 
ATOM 718 O "O4'" . DT D 4 1  ? -31.70739 8.78480   -5.32639  1.000 537.32909 ? 103 DT D "O4'" 1 
ATOM 719 C "C3'" . DT D 4 1  ? -30.31093 10.18199  -3.98579  1.000 541.39642 ? 103 DT D "C3'" 1 
ATOM 720 O "O3'" . DT D 4 1  ? -29.84117 9.52564   -2.82034  1.000 537.73705 ? 103 DT D "O3'" 1 
ATOM 721 C "C2'" . DT D 4 1  ? -29.57566 9.70777   -5.23055  1.000 531.01101 ? 103 DT D "C2'" 1 
ATOM 722 C "C1'" . DT D 4 1  ? -30.36551 8.46101   -5.58848  1.000 526.91557 ? 103 DT D "C1'" 1 
ATOM 723 N N1    . DT D 4 1  ? -30.22090 8.07551   -7.02506  1.000 519.99801 ? 103 DT D N1    1 
ATOM 724 C C2    . DT D 4 1  ? -30.73827 6.87715   -7.47064  1.000 514.56003 ? 103 DT D C2    1 
ATOM 725 O O2    . DT D 4 1  ? -31.33510 6.08970   -6.75434  1.000 515.20788 ? 103 DT D O2    1 
ATOM 726 N N3    . DT D 4 1  ? -30.52846 6.63481   -8.81155  1.000 508.42212 ? 103 DT D N3    1 
ATOM 727 C C4    . DT D 4 1  ? -29.86991 7.44899   -9.71622  1.000 507.28521 ? 103 DT D C4    1 
ATOM 728 O O4    . DT D 4 1  ? -29.73100 7.14701   -10.90162 1.000 501.66784 ? 103 DT D O4    1 
ATOM 729 C C5    . DT D 4 1  ? -29.35305 8.67846   -9.17753  1.000 513.29615 ? 103 DT D C5    1 
ATOM 730 C C7    . DT D 4 1  ? -28.62261 9.63825   -10.05978 1.000 513.03778 ? 103 DT D C7    1 
ATOM 731 C C6    . DT D 4 1  ? -29.54861 8.92837   -7.87526  1.000 519.24229 ? 103 DT D C6    1 
ATOM 732 P P     . DG D 4 2  ? -29.14823 10.37525  -1.64663  1.000 542.16595 ? 104 DG D P     1 
ATOM 733 O OP1   . DG D 4 2  ? -29.90008 11.64182  -1.50777  1.000 554.68249 ? 104 DG D OP1   1 
ATOM 734 O OP2   . DG D 4 2  ? -27.69200 10.41161  -1.91221  1.000 533.46647 ? 104 DG D OP2   1 
ATOM 735 O "O5'" . DG D 4 2  ? -29.38884 9.48878   -0.33721  1.000 541.69703 ? 104 DG D "O5'" 1 
ATOM 736 C "C5'" . DG D 4 2  ? -28.46363 8.46134   0.01041   1.000 531.29666 ? 104 DG D "C5'" 1 
ATOM 737 C "C4'" . DG D 4 2  ? -29.09375 7.08613   -0.13838  1.000 526.40213 ? 104 DG D "C4'" 1 
ATOM 738 O "O4'" . DG D 4 2  ? -29.55102 6.91551   -1.49891  1.000 524.13861 ? 104 DG D "O4'" 1 
ATOM 739 C "C3'" . DG D 4 2  ? -28.16208 5.91700   0.17851   1.000 515.34250 ? 104 DG D "C3'" 1 
ATOM 740 O "O3'" . DG D 4 2  ? -28.74579 5.03588   1.17881   1.000 516.70644 ? 104 DG D "O3'" 1 
ATOM 741 C "C2'" . DG D 4 2  ? -27.89102 5.22616   -1.16257  1.000 505.95318 ? 104 DG D "C2'" 1 
ATOM 742 C "C1'" . DG D 4 2  ? -28.93067 5.80811   -2.11930  1.000 512.43067 ? 104 DG D "C1'" 1 
ATOM 743 N N9    . DG D 4 2  ? -28.35984 6.25684   -3.38190  1.000 508.20410 ? 104 DG D N9    1 
ATOM 744 C C8    . DG D 4 2  ? -27.70749 7.43941   -3.61987  1.000 510.82007 ? 104 DG D C8    1 
ATOM 745 N N7    . DG D 4 2  ? -27.29904 7.57165   -4.85058  1.000 505.95396 ? 104 DG D N7    1 
ATOM 746 C C5    . DG D 4 2  ? -27.71140 6.40183   -5.46582  1.000 499.62193 ? 104 DG D C5    1 
ATOM 747 C C6    . DG D 4 2  ? -27.55102 5.98252   -6.80850  1.000 492.58940 ? 104 DG D C6    1 
ATOM 748 O O6    . DG D 4 2  ? -26.99584 6.58856   -7.73557  1.000 490.60694 ? 104 DG D O6    1 
ATOM 749 N N1    . DG D 4 2  ? -28.11584 4.72758   -7.01845  1.000 487.85633 ? 104 DG D N1    1 
ATOM 750 C C2    . DG D 4 2  ? -28.75604 3.97067   -6.06361  1.000 489.78704 ? 104 DG D C2    1 
ATOM 751 N N2    . DG D 4 2  ? -29.23261 2.78224   -6.46262  1.000 484.68311 ? 104 DG D N2    1 
ATOM 752 N N3    . DG D 4 2  ? -28.91321 4.35624   -4.79773  1.000 496.43148 ? 104 DG D N3    1 
ATOM 753 C C4    . DG D 4 2  ? -28.36894 5.57745   -4.57887  1.000 500.96143 ? 104 DG D C4    1 
ATOM 754 P P     . DA D 4 3  ? -29.79719 3.87054   0.80611   1.000 525.91825 ? 105 DA D P     1 
ATOM 755 O OP1   . DA D 4 3  ? -30.81106 4.38651   -0.13941  1.000 531.72160 ? 105 DA D OP1   1 
ATOM 756 O OP2   . DA D 4 3  ? -30.25572 3.31478   2.09825   1.000 529.52120 ? 105 DA D OP2   1 
ATOM 757 O "O5'" . DA D 4 3  ? -28.91347 2.73278   0.10156   1.000 512.56126 ? 105 DA D "O5'" 1 
ATOM 758 C "C5'" . DA D 4 3  ? -29.55426 1.62948   -0.53964  1.000 508.37203 ? 105 DA D "C5'" 1 
ATOM 759 C "C4'" . DA D 4 3  ? -28.59047 0.87814   -1.44824  1.000 496.06471 ? 105 DA D "C4'" 1 
ATOM 760 O "O4'" . DA D 4 3  ? -28.32896 1.65521   -2.63347  1.000 495.10356 ? 105 DA D "O4'" 1 
ATOM 761 C "C3'" . DA D 4 3  ? -27.20661 0.60548   -0.85805  1.000 488.55357 ? 105 DA D "C3'" 1 
ATOM 762 O "O3'" . DA D 4 3  ? -27.13494 -0.68747  -0.16233  1.000 483.66530 ? 105 DA D "O3'" 1 
ATOM 763 C "C2'" . DA D 4 3  ? -26.25845 0.67857   -2.06576  1.000 479.77795 ? 105 DA D "C2'" 1 
ATOM 764 C "C1'" . DA D 4 3  ? -27.15062 1.15604   -3.21743  1.000 483.90156 ? 105 DA D "C1'" 1 
ATOM 765 N N9    . DA D 4 3  ? -26.51708 2.20296   -4.00849  1.000 483.62607 ? 105 DA D N9    1 
ATOM 766 C C8    . DA D 4 3  ? -26.06992 3.41321   -3.55890  1.000 489.13125 ? 105 DA D C8    1 
ATOM 767 N N7    . DA D 4 3  ? -25.51362 4.15028   -4.48833  1.000 487.46887 ? 105 DA D N7    1 
ATOM 768 C C5    . DA D 4 3  ? -25.58723 3.36344   -5.62424  1.000 480.15409 ? 105 DA D C5    1 
ATOM 769 C C6    . DA D 4 3  ? -25.16833 3.57663   -6.94913  1.000 475.26808 ? 105 DA D C6    1 
ATOM 770 N N6    . DA D 4 3  ? -24.56919 4.69953   -7.35400  1.000 477.32224 ? 105 DA D N6    1 
ATOM 771 N N1    . DA D 4 3  ? -25.39099 2.59120   -7.84351  1.000 468.38095 ? 105 DA D N1    1 
ATOM 772 C C2    . DA D 4 3  ? -25.99510 1.46799   -7.43023  1.000 466.65192 ? 105 DA D C2    1 
ATOM 773 N N3    . DA D 4 3  ? -26.43231 1.15268   -6.20947  1.000 470.91611 ? 105 DA D N3    1 
ATOM 774 C C4    . DA D 4 3  ? -26.19598 2.15451   -5.34599  1.000 477.61428 ? 105 DA D C4    1 
ATOM 775 P P     . DC D 4 4  ? -27.52076 -2.09718  -0.85778  1.000 494.13338 ? 106 DC D P     1 
ATOM 776 O OP1   . DC D 4 4  ? -28.94616 -2.09916  -1.25722  1.000 501.01152 ? 106 DC D OP1   1 
ATOM 777 O OP2   . DC D 4 4  ? -27.04580 -3.13053  0.09233   1.000 489.41046 ? 106 DC D OP2   1 
ATOM 778 O "O5'" . DC D 4 4  ? -26.60770 -2.20609  -2.17491  1.000 484.12404 ? 106 DC D "O5'" 1 
ATOM 779 C "C5'" . DC D 4 4  ? -27.07974 -2.95982  -3.30901  1.000 479.39907 ? 106 DC D "C5'" 1 
ATOM 780 C "C4'" . DC D 4 4  ? -26.00521 -3.11733  -4.38635  1.000 469.02581 ? 106 DC D "C4'" 1 
ATOM 781 O "O4'" . DC D 4 4  ? -25.64498 -1.82834  -4.91695  1.000 471.94666 ? 106 DC D "O4'" 1 
ATOM 782 C "C3'" . DC D 4 4  ? -24.68553 -3.74035  -3.91978  1.000 459.80951 ? 106 DC D "C3'" 1 
ATOM 783 O "O3'" . DC D 4 4  ? -24.65685 -5.17495  -4.19917  1.000 451.59854 ? 106 DC D "O3'" 1 
ATOM 784 C "C2'" . DC D 4 4  ? -23.58808 -2.95009  -4.66450  1.000 455.20063 ? 106 DC D "C2'" 1 
ATOM 785 C "C1'" . DC D 4 4  ? -24.36787 -1.93321  -5.50043  1.000 462.30209 ? 106 DC D "C1'" 1 
ATOM 786 N N1    . DC D 4 4  ? -23.74598 -0.57679  -5.52566  1.000 465.87292 ? 106 DC D N1    1 
ATOM 787 C C2    . DC D 4 4  ? -23.24152 -0.06465  -6.72889  1.000 462.18037 ? 106 DC D C2    1 
ATOM 788 O O2    . DC D 4 4  ? -23.32645 -0.74952  -7.75537  1.000 455.89949 ? 106 DC D O2    1 
ATOM 789 N N3    . DC D 4 4  ? -22.68508 1.17633   -6.73255  1.000 465.87727 ? 106 DC D N3    1 
ATOM 790 C C4    . DC D 4 4  ? -22.61803 1.88191   -5.59911  1.000 472.75743 ? 106 DC D C4    1 
ATOM 791 N N4    . DC D 4 4  ? -22.06193 3.09758   -5.64490  1.000 476.40212 ? 106 DC D N4    1 
ATOM 792 C C5    . DC D 4 4  ? -23.12205 1.37159   -4.36528  1.000 476.41748 ? 106 DC D C5    1 
ATOM 793 C C6    . DC D 4 4  ? -23.66982 0.15174   -4.37500  1.000 472.84758 ? 106 DC D C6    1 
ATOM 794 P P     . DT D 4 5  ? -23.96159 -5.80060  -5.51567  1.000 443.32786 ? 107 DT D P     1 
ATOM 795 O OP1   . DT D 4 5  ? -24.38548 -5.03113  -6.71131  1.000 445.78414 ? 107 DT D OP1   1 
ATOM 796 O OP2   . DT D 4 5  ? -24.26541 -7.24674  -5.46955  1.000 438.15511 ? 107 DT D OP2   1 
ATOM 797 O "O5'" . DT D 4 5  ? -22.38137 -5.66863  -5.24364  1.000 435.85970 ? 107 DT D "O5'" 1 
ATOM 798 C "C5'" . DT D 4 5  ? -21.43848 -6.51611  -5.93227  1.000 424.08225 ? 107 DT D "C5'" 1 
ATOM 799 C "C4'" . DT D 4 5  ? -21.35486 -6.15985  -7.41139  1.000 420.57863 ? 107 DT D "C4'" 1 
ATOM 800 O "O4'" . DT D 4 5  ? -21.43774 -4.71737  -7.57385  1.000 427.83055 ? 107 DT D "O4'" 1 
ATOM 801 C "C3'" . DT D 4 5  ? -20.06235 -6.56561  -8.10786  1.000 408.98135 ? 107 DT D "C3'" 1 
ATOM 802 O "O3'" . DT D 4 5  ? -20.31057 -6.78471  -9.50425  1.000 404.85738 ? 107 DT D "O3'" 1 
ATOM 803 C "C2'" . DT D 4 5  ? -19.18957 -5.33535  -7.87521  1.000 411.00801 ? 107 DT D "C2'" 1 
ATOM 804 C "C1'" . DT D 4 5  ? -20.20608 -4.21615  -8.06446  1.000 421.90764 ? 107 DT D "C1'" 1 
ATOM 805 N N1    . DT D 4 5  ? -19.88574 -2.95340  -7.32292  1.000 429.01081 ? 107 DT D N1    1 
ATOM 806 C C2    . DT D 4 5  ? -19.38526 -1.87312  -8.01331  1.000 429.87353 ? 107 DT D C2    1 
ATOM 807 O O2    . DT D 4 5  ? -19.16596 -1.89182  -9.20789  1.000 424.97786 ? 107 DT D O2    1 
ATOM 808 N N3    . DT D 4 5  ? -19.14364 -0.76231  -7.24471  1.000 436.89146 ? 107 DT D N3    1 
ATOM 809 C C4    . DT D 4 5  ? -19.35479 -0.62809  -5.88460  1.000 442.91258 ? 107 DT D C4    1 
ATOM 810 O O4    . DT D 4 5  ? -19.10795 0.40966   -5.27861  1.000 449.06750 ? 107 DT D O4    1 
ATOM 811 C C5    . DT D 4 5  ? -19.88710 -1.79603  -5.22495  1.000 441.65628 ? 107 DT D C5    1 
ATOM 812 C C7    . DT D 4 5  ? -20.15694 -1.76938  -3.75116  1.000 447.96242 ? 107 DT D C7    1 
ATOM 813 C C6    . DT D 4 5  ? -20.12716 -2.88712  -5.96760  1.000 434.93715 ? 107 DT D C6    1 
ATOM 814 P P     . DG D 4 6  ? -19.69729 -8.06990  -10.25302 1.000 380.27485 ? 108 DG D P     1 
ATOM 815 O OP1   . DG D 4 6  ? -20.79268 -8.68950  -11.02728 1.000 381.02496 ? 108 DG D OP1   1 
ATOM 816 O OP2   . DG D 4 6  ? -18.95530 -8.88443  -9.25995  1.000 375.23988 ? 108 DG D OP2   1 
ATOM 817 O "O5'" . DG D 4 6  ? -18.64855 -7.44208  -11.28472 1.000 374.21841 ? 108 DG D "O5'" 1 
ATOM 818 C "C5'" . DG D 4 6  ? -17.37162 -7.03251  -10.82728 1.000 370.50741 ? 108 DG D "C5'" 1 
ATOM 819 C "C4'" . DG D 4 6  ? -16.70585 -6.09303  -11.81640 1.000 368.57571 ? 108 DG D "C4'" 1 
ATOM 820 O "O4'" . DG D 4 6  ? -16.58978 -4.78722  -11.21432 1.000 376.66885 ? 108 DG D "O4'" 1 
ATOM 821 C "C3'" . DG D 4 6  ? -15.27893 -6.45965  -12.17404 1.000 357.58468 ? 108 DG D "C3'" 1 
ATOM 822 O "O3'" . DG D 4 6  ? -14.89084 -5.80410  -13.38255 1.000 355.29820 ? 108 DG D "O3'" 1 
ATOM 823 C "C2'" . DG D 4 6  ? -14.51226 -5.91577  -10.97134 1.000 359.89283 ? 108 DG D "C2'" 1 
ATOM 824 C "C1'" . DG D 4 6  ? -15.31966 -4.66453  -10.59782 1.000 372.14853 ? 108 DG D "C1'" 1 
ATOM 825 N N9    . DG D 4 6  ? -15.52908 -4.51028  -9.16107  1.000 378.54381 ? 108 DG D N9    1 
ATOM 826 C C8    . DG D 4 6  ? -15.91463 -5.48217  -8.27566  1.000 378.39181 ? 108 DG D C8    1 
ATOM 827 N N7    . DG D 4 6  ? -16.03299 -5.05386  -7.05165  1.000 385.18458 ? 108 DG D N7    1 
ATOM 828 C C5    . DG D 4 6  ? -15.70684 -3.71079  -7.12910  1.000 390.11860 ? 108 DG D C5    1 
ATOM 829 C C6    . DG D 4 6  ? -15.65622 -2.72464  -6.11681  1.000 398.26207 ? 108 DG D C6    1 
ATOM 830 O O6    . DG D 4 6  ? -15.90005 -2.85060  -4.90933  1.000 402.79252 ? 108 DG D O6    1 
ATOM 831 N N1    . DG D 4 6  ? -15.27711 -1.48760  -6.62456  1.000 401.28201 ? 108 DG D N1    1 
ATOM 832 C C2    . DG D 4 6  ? -14.98442 -1.23748  -7.94368  1.000 397.07148 ? 108 DG D C2    1 
ATOM 833 N N2    . DG D 4 6  ? -14.63628 0.01999   -8.24893  1.000 401.41487 ? 108 DG D N2    1 
ATOM 834 N N3    . DG D 4 6  ? -15.02903 -2.15414  -8.89985  1.000 389.35389 ? 108 DG D N3    1 
ATOM 835 C C4    . DG D 4 6  ? -15.39578 -3.36111  -8.42237  1.000 386.22805 ? 108 DG D C4    1 
ATOM 836 P P     . DT D 4 7  ? -13.97426 -6.56242  -14.46614 1.000 372.74368 ? 109 DT D P     1 
ATOM 837 O OP1   . DT D 4 7  ? -14.62214 -6.39824  -15.79473 1.000 373.39078 ? 109 DT D OP1   1 
ATOM 838 O OP2   . DT D 4 7  ? -13.68854 -7.91770  -13.93332 1.000 365.51478 ? 109 DT D OP2   1 
ATOM 839 O "O5'" . DT D 4 7  ? -12.60114 -5.73059  -14.45699 1.000 369.83395 ? 109 DT D "O5'" 1 
ATOM 840 C "C5'" . DT D 4 7  ? -11.84667 -5.59185  -13.25013 1.000 370.02638 ? 109 DT D "C5'" 1 
ATOM 841 C "C4'" . DT D 4 7  ? -11.52236 -4.13491  -12.98037 1.000 377.26528 ? 109 DT D "C4'" 1 
ATOM 842 O "O4'" . DT D 4 7  ? -12.12575 -3.73190  -11.72295 1.000 386.36139 ? 109 DT D "O4'" 1 
ATOM 843 C "C3'" . DT D 4 7  ? -10.03382 -3.82845  -12.84801 1.000 371.65428 ? 109 DT D "C3'" 1 
ATOM 844 O "O3'" . DT D 4 7  ? -9.73703  -2.58742  -13.46993 1.000 375.84216 ? 109 DT D "O3'" 1 
ATOM 845 C "C2'" . DT D 4 7  ? -9.82461  -3.76948  -11.33509 1.000 375.19518 ? 109 DT D "C2'" 1 
ATOM 846 C "C1'" . DT D 4 7  ? -11.14099 -3.16955  -10.88089 1.000 386.79209 ? 109 DT D "C1'" 1 
ATOM 847 N N1    . DT D 4 7  ? -11.49500 -3.48448  -9.46637  1.000 391.08122 ? 109 DT D N1    1 
ATOM 848 C C2    . DT D 4 7  ? -11.39145 -2.50121  -8.50559  1.000 398.92102 ? 109 DT D C2    1 
ATOM 849 O O2    . DT D 4 7  ? -11.01106 -1.37039  -8.74486  1.000 402.66279 ? 109 DT D O2    1 
ATOM 850 N N3    . DT D 4 7  ? -11.75159 -2.89700  -7.24322  1.000 402.50457 ? 109 DT D N3    1 
ATOM 851 C C4    . DT D 4 7  ? -12.19612 -4.14709  -6.85712  1.000 399.38087 ? 109 DT D C4    1 
ATOM 852 O O4    . DT D 4 7  ? -12.49664 -4.41033  -5.69806  1.000 403.39212 ? 109 DT D O4    1 
ATOM 853 C C5    . DT D 4 7  ? -12.28239 -5.12491  -7.91368  1.000 391.29897 ? 109 DT D C5    1 
ATOM 854 C C7    . DT D 4 7  ? -12.75125 -6.51533  -7.61343  1.000 387.65858 ? 109 DT D C7    1 
ATOM 855 C C6    . DT D 4 7  ? -11.93030 -4.75065  -9.15021  1.000 387.46518 ? 109 DT D C6    1 
# 
loop_
_atom_site_anisotrop.id 
_atom_site_anisotrop.type_symbol 
_atom_site_anisotrop.pdbx_label_atom_id 
_atom_site_anisotrop.pdbx_label_alt_id 
_atom_site_anisotrop.pdbx_label_comp_id 
_atom_site_anisotrop.pdbx_label_asym_id 
_atom_site_anisotrop.pdbx_label_seq_id 
_atom_site_anisotrop.pdbx_PDB_ins_code 
_atom_site_anisotrop.U[1][1] 
_atom_site_anisotrop.U[2][2] 
_atom_site_anisotrop.U[3][3] 
_atom_site_anisotrop.U[1][2] 
_atom_site_anisotrop.U[1][3] 
_atom_site_anisotrop.U[2][3] 
_atom_site_anisotrop.pdbx_auth_seq_id 
_atom_site_anisotrop.pdbx_auth_comp_id 
_atom_site_anisotrop.pdbx_auth_asym_id 
_atom_site_anisotrop.pdbx_auth_atom_id 
1   O "O5'" . DG A 1  ? 6.36552 4.63742 6.78560 -1.34419 -1.84589 -1.45372 104 DG A "O5'" 
2   C "C5'" . DG A 1  ? 6.32927 4.63891 7.03678 -1.30735 -1.85173 -1.50219 104 DG A "C5'" 
3   C "C4'" . DG A 1  ? 6.34070 4.59837 7.17698 -1.35624 -1.76876 -1.51752 104 DG A "C4'" 
4   O "O4'" . DG A 1  ? 6.32265 4.61135 7.44483 -1.30025 -1.78101 -1.57678 104 DG A "O4'" 
5   C "C3'" . DG A 1  ? 6.20335 4.53034 7.19473 -1.42569 -1.66791 -1.45633 104 DG A "C3'" 
6   O "O3'" . DG A 1  ? 6.23941 4.51092 6.97126 -1.49403 -1.62777 -1.40984 104 DG A "O3'" 
7   C "C2'" . DG A 1  ? 6.19849 4.50544 7.43032 -1.43324 -1.60200 -1.48832 104 DG A "C2'" 
8   C "C1'" . DG A 1  ? 6.24427 4.55874 7.60571 -1.34075 -1.68101 -1.56628 104 DG A "C1'" 
9   N N9    . DG A 1  ? 6.08779 4.55365 7.86225 -1.28911 -1.65449 -1.58534 104 DG A N9    
10  C C8    . DG A 1  ? 6.02852 4.59343 7.92831 -1.22080 -1.71581 -1.61400 104 DG A C8    
11  N N7    . DG A 1  ? 5.88271 4.58908 8.19496 -1.18695 -1.65218 -1.63805 104 DG A N7    
12  C C5    . DG A 1  ? 5.83668 4.54217 8.31647 -1.23085 -1.53910 -1.61740 104 DG A C5    
13  C C6    . DG A 1  ? 5.68211 4.52510 8.61615 -1.21830 -1.40824 -1.62470 104 DG A C6    
14  O O6    . DG A 1  ? 5.55771 4.55072 8.84288 -1.16949 -1.36070 -1.65769 104 DG A O6    
15  N N1    . DG A 1  ? 5.68090 4.48133 8.64815 -1.27029 -1.31139 -1.58893 104 DG A N1    
16  C C2    . DG A 1  ? 5.81795 4.45710 8.41985 -1.33225 -1.34225 -1.55805 104 DG A C2    
17  N N2    . DG A 1  ? 5.79382 4.42057 8.49374 -1.37579 -1.23511 -1.52766 104 DG A N2    
18  N N3    . DG A 1  ? 5.96759 4.47571 8.14534 -1.35029 -1.45405 -1.55759 104 DG A N3    
19  C C4    . DG A 1  ? 5.96467 4.51812 8.10963 -1.29450 -1.54631 -1.58469 104 DG A C4    
20  P P     . DC A 2  ? 6.49389 4.64035 7.07927 -1.55592 -1.55767 -1.42725 105 DC A P     
21  O OP1   . DC A 2  ? 6.63747 4.68711 7.16984 -1.51470 -1.60473 -1.49975 105 DC A OP1   
22  O OP2   . DC A 2  ? 6.51508 4.63849 6.85279 -1.59075 -1.54358 -1.39061 105 DC A OP2   
23  O "O5'" . DC A 2  ? 6.38132 4.57463 7.23791 -1.61531 -1.44424 -1.38974 105 DC A "O5'" 
24  C "C5'" . DC A 2  ? 6.45372 4.56091 7.32640 -1.65452 -1.37598 -1.41544 105 DC A "C5'" 
25  C "C4'" . DC A 2  ? 6.31668 4.50072 7.48717 -1.69676 -1.26672 -1.35805 105 DC A "C4'" 
26  O "O4'" . DC A 2  ? 6.18489 4.49798 7.72554 -1.62669 -1.27552 -1.36124 105 DC A "O4'" 
27  C "C3'" . DC A 2  ? 6.20348 4.45914 7.38158 -1.76287 -1.19372 -1.27126 105 DC A "C3'" 
28  O "O3'" . DC A 2  ? 6.14874 4.41802 7.48617 -1.82024 -1.07276 -1.22379 105 DC A "O3'" 
29  C "C2'" . DC A 2  ? 6.04343 4.45507 7.48419 -1.71140 -1.22225 -1.23411 105 DC A "C2'" 
30  C "C1'" . DC A 2  ? 6.00238 4.46334 7.76661 -1.64613 -1.20848 -1.28179 105 DC A "C1'" 
31  N N1    . DC A 2  ? 5.89670 4.48837 7.90400 -1.56842 -1.25538 -1.30253 105 DC A N1    
32  C C2    . DC A 2  ? 5.73252 4.48303 8.20664 -1.52878 -1.15594 -1.29867 105 DC A C2    
33  O O2    . DC A 2  ? 5.67182 4.45810 8.35174 -1.55251 -1.02927 -1.26924 105 DC A O2    
34  N N3    . DC A 2  ? 5.64405 4.51506 8.33647 -1.46379 -1.18582 -1.32843 105 DC A N3    
35  C C4    . DC A 2  ? 5.71234 4.54866 8.16731 -1.43451 -1.32210 -1.35598 105 DC A C4    
36  N N4    . DC A 2  ? 5.62398 4.58532 8.30399 -1.37207 -1.34618 -1.38867 105 DC A N4    
37  C C5    . DC A 2  ? 5.87254 4.55580 7.85665 -1.46654 -1.42112 -1.35135 105 DC A C5    
38  C C6    . DC A 2  ? 5.95765 4.52636 7.74199 -1.53411 -1.37641 -1.32739 105 DC A C6    
39  P P     . DA A 3  ? 6.26945 4.47957 7.39830 -1.91888 -0.98330 -1.18790 106 DA A P     
40  O OP1   . DA A 3  ? 6.43891 4.50531 7.34878 -1.93993 -0.97537 -1.26907 106 DA A OP1   
41  O OP2   . DA A 3  ? 6.22000 4.48149 7.22291 -1.92534 -1.01213 -1.15781 106 DA A OP2   
42  O "O5'" . DA A 3  ? 6.11827 4.43802 7.57609 -1.94973 -0.85770 -1.09066 106 DA A "O5'" 
43  C "C5'" . DA A 3  ? 5.91994 4.42217 7.66047 -1.93622 -0.80049 -1.00226 106 DA A "C5'" 
44  C "C4'" . DA A 3  ? 5.75215 4.42207 7.96642 -1.87958 -0.68411 -0.96999 106 DA A "C4'" 
45  O "O4'" . DA A 3  ? 5.71110 4.44189 8.11233 -1.79597 -0.74790 -1.02619 106 DA A "O4'" 
46  C "C3'" . DA A 3  ? 5.54966 4.42120 8.06378 -1.88774 -0.52573 -0.85413 106 DA A "C3'" 
47  O "O3'" . DA A 3  ? 5.45109 4.43406 8.29251 -1.85756 -0.36999 -0.82051 106 DA A "O3'" 
48  C "C2'" . DA A 3  ? 5.44412 4.43477 8.12844 -1.83514 -0.56518 -0.84604 106 DA A "C2'" 
49  C "C1'" . DA A 3  ? 5.51721 4.44861 8.24433 -1.76795 -0.66203 -0.95627 106 DA A "C1'" 
50  N N9    . DA A 3  ? 5.53182 4.46608 8.18717 -1.72553 -0.79863 -1.00168 106 DA A N9    
51  C C8    . DA A 3  ? 5.67333 4.47205 7.92670 -1.73935 -0.95941 -1.04187 106 DA A C8    
52  N N7    . DA A 3  ? 5.65363 4.50009 7.92585 -1.68285 -1.05762 -1.07506 106 DA A N7    
53  C C5    . DA A 3  ? 5.48832 4.51005 8.21632 -1.63664 -0.95169 -1.06162 106 DA A C5    
54  C C6    . DA A 3  ? 5.39423 4.54478 8.36644 -1.57243 -0.97072 -1.08822 106 DA A C6    
55  N N6    . DA A 3  ? 5.45310 4.57464 8.22585 -1.53724 -1.12656 -1.13344 106 DA A N6    
56  N N1    . DA A 3  ? 5.24910 4.56636 8.65073 -1.53808 -0.80541 -1.05864 106 DA A N1    
57  C C2    . DA A 3  ? 5.19630 4.54613 8.77928 -1.56567 -0.64215 -1.00549 106 DA A C2    
58  N N3    . DA A 3  ? 5.26506 4.50907 8.66228 -1.62369 -0.62096 -0.98011 106 DA A N3    
59  C C4    . DA A 3  ? 5.41297 4.49225 8.38006 -1.65981 -0.78194 -1.01297 106 DA A C4    
60  P P     . DT A 4  ? 5.28161 4.44508 8.35426 -1.86854 -0.16805 -0.68755 107 DT A P     
61  O OP1   . DT A 4  ? 5.25500 4.46177 8.52807 -1.84111 -0.05033 -0.68118 107 DT A OP1   
62  O OP2   . DT A 4  ? 5.32261 4.43351 8.11603 -1.94362 -0.19033 -0.64187 107 DT A OP2   
63  O "O5'" . DT A 4  ? 5.12065 4.47289 8.50487 -1.80993 -0.09564 -0.62503 107 DT A "O5'" 
64  C "C5'" . DT A 4  ? 5.06109 4.49503 8.75383 -1.73579 -0.05069 -0.65815 107 DT A "C5'" 
65  C "C4'" . DT A 4  ? 4.94142 4.55345 8.82104 -1.67471 0.02646  -0.57206 107 DT A "C4'" 
66  O "O4'" . DT A 4  ? 5.00138 4.56782 8.69365 -1.64510 -0.14187 -0.63522 107 DT A "O4'" 
67  C "C3'" . DT A 4  ? 4.88197 4.61853 8.65931 -1.65892 0.13709  -0.41238 107 DT A "C3'" 
68  O "O3'" . DT A 4  ? 4.77498 4.69109 8.83582 -1.58347 0.31670  -0.30630 107 DT A "O3'" 
69  C "C2'" . DT A 4  ? 4.93345 4.65121 8.39680 -1.64002 -0.00626 -0.40889 107 DT A "C2'" 
70  C "C1'" . DT A 4  ? 4.95694 4.64700 8.51575 -1.59812 -0.11016 -0.51703 107 DT A "C1'" 
71  N N1    . DT A 4  ? 5.04309 4.64372 8.29755 -1.60004 -0.30949 -0.58000 107 DT A N1    
72  C C2    . DT A 4  ? 5.01349 4.70352 8.31604 -1.52522 -0.35189 -0.58667 107 DT A C2    
73  O O2    . DT A 4  ? 4.92740 4.76180 8.50454 -1.45948 -0.22762 -0.54410 107 DT A O2    
74  N N3    . DT A 4  ? 5.09626 4.69520 8.11038 -1.53274 -0.54296 -0.64759 107 DT A N3    
75  C C4    . DT A 4  ? 5.21498 4.63453 7.89234 -1.60743 -0.68883 -0.69845 107 DT A C4    
76  O O4    . DT A 4  ? 5.29125 4.63239 7.72117 -1.60799 -0.85693 -0.75020 107 DT A O4    
77  C C5    . DT A 4  ? 5.25018 4.57651 7.88604 -1.68739 -0.62622 -0.68857 107 DT A C5    
78  C C7    . DT A 4  ? 5.39528 4.51326 7.66639 -1.77956 -0.75944 -0.74318 107 DT A C7    
79  C C6    . DT A 4  ? 5.15767 4.58396 8.08646 -1.67910 -0.44371 -0.63168 107 DT A C6    
80  P P     . DG A 5  ? 4.41335 4.46047 8.47484 -1.56028 0.47391  -0.13922 108 DG A P     
81  O OP1   . DG A 5  ? 4.34716 4.45697 8.73782 -1.55540 0.64976  -0.09913 108 DG A OP1   
82  O OP2   . DG A 5  ? 4.46655 4.43593 8.21101 -1.62351 0.39052  -0.13155 108 DG A OP2   
83  O "O5'" . DG A 5  ? 4.37769 4.56395 8.42880 -1.46112 0.50619  -0.04765 108 DG A "O5'" 
84  C "C5'" . DG A 5  ? 4.32837 4.61643 8.67068 -1.39111 0.62496  -0.02102 108 DG A "C5'" 
85  C "C4'" . DG A 5  ? 4.32816 4.70344 8.58359 -1.31315 0.59483  0.02096  108 DG A "C4'" 
86  O "O4'" . DG A 5  ? 4.38522 4.66841 8.42658 -1.33500 0.38901  -0.09450 108 DG A "O4'" 
87  C "C3'" . DG A 5  ? 4.31519 4.78458 8.38987 -1.26711 0.64304  0.16741  108 DG A "C3'" 
88  O "O3'" . DG A 5  ? 4.29736 4.88455 8.46307 -1.17744 0.72637  0.24090  108 DG A "O3'" 
89  C "C2'" . DG A 5  ? 4.36532 4.75622 8.09853 -1.30273 0.44947  0.11205  108 DG A "C2'" 
90  C "C1'" . DG A 5  ? 4.39620 4.72545 8.16863 -1.30413 0.32560  -0.02387 108 DG A "C1'" 
91  N N9    . DG A 5  ? 4.46832 4.66615 7.95569 -1.35796 0.11787  -0.12573 108 DG A N9    
92  C C8    . DG A 5  ? 4.52761 4.58242 7.84277 -1.44629 0.03477  -0.18317 108 DG A C8    
93  N N7    . DG A 5  ? 4.60726 4.54748 7.65826 -1.47867 -0.15198 -0.26872 108 DG A N7    
94  C C5    . DG A 5  ? 4.58707 4.61077 7.64912 -1.40524 -0.20081 -0.27042 108 DG A C5    
95  C C6    . DG A 5  ? 4.64560 4.61003 7.49213 -1.39843 -0.38761 -0.34629 108 DG A C6    
96  O O6    . DG A 5  ? 4.74017 4.55039 7.32274 -1.45756 -0.55201 -0.42599 108 DG A O6    
97  N N1    . DG A 5  ? 4.59416 4.69122 7.55175 -1.31441 -0.37010 -0.32388 108 DG A N1    
98  C C2    . DG A 5  ? 4.51211 4.76574 7.73875 -1.24815 -0.18842 -0.23710 108 DG A C2    
99  N N2    . DG A 5  ? 4.48513 4.84349 7.77353 -1.17683 -0.19364 -0.23248 108 DG A N2    
100 N N3    . DG A 5  ? 4.46854 4.76658 7.88601 -1.25316 -0.01232 -0.16142 108 DG A N3    
101 C C4    . DG A 5  ? 4.50284 4.68594 7.83095 -1.33210 -0.03296 -0.18415 108 DG A C4    
102 P P     . DC A 6  ? 4.11323 4.80035 8.07791 -1.10735 0.74872  0.37809  109 DC A P     
103 O OP1   . DC A 6  ? 4.10558 4.89662 8.25616 -1.02498 0.90001  0.46112  109 DC A OP1   
104 O OP2   . DC A 6  ? 4.10947 4.78287 7.94270 -1.13864 0.76752  0.44759  109 DC A OP2   
105 O "O5'" . DC A 6  ? 4.14283 4.80098 7.84713 -1.10641 0.54948  0.30238  109 DC A "O5'" 
106 C "C5'" . DC A 6  ? 4.14975 4.86891 7.60520 -1.06168 0.50148  0.38469  109 DC A "C5'" 
107 C "C4'" . DC A 6  ? 4.17122 4.88163 7.46239 -1.04666 0.33521  0.30613  109 DC A "C4'" 
108 O "O4'" . DC A 6  ? 4.21005 4.77951 7.35105 -1.13070 0.16407  0.17784  109 DC A "O4'" 
109 C "C3'" . DC A 6  ? 4.17271 4.96472 7.22364 -0.98761 0.28762  0.39121  109 DC A "C3'" 
110 O "O3'" . DC A 6  ? 4.16839 5.04919 7.26370 -0.91408 0.29025  0.39938  109 DC A "O3'" 
111 C "C2'" . DC A 6  ? 4.20614 4.89534 6.98099 -1.05232 0.09366  0.30538  109 DC A "C2'" 
112 C "C1'" . DC A 6  ? 4.23511 4.79992 7.10653 -1.11933 0.01115  0.15866  109 DC A "C1'" 
113 N N1    . DC A 6  ? 4.29434 4.70455 6.94042 -1.21002 -0.13929 0.06912  109 DC A N1    
114 C C2    . DC A 6  ? 4.34554 4.68491 6.76971 -1.22444 -0.33084 -0.01819 109 DC A C2    
115 O O2    . DC A 6  ? 4.32721 4.74615 6.76567 -1.16088 -0.37338 -0.02354 109 DC A O2    
116 N N3    . DC A 6  ? 4.42289 4.60167 6.61926 -1.30963 -0.46242 -0.09627 109 DC A N3    
117 C C4    . DC A 6  ? 4.44418 4.54246 6.63633 -1.38028 -0.40360 -0.09178 109 DC A C4    
118 N N4    . DC A 6  ? 4.53879 4.46612 6.48842 -1.46808 -0.52939 -0.17172 109 DC A N4    
119 C C5    . DC A 6  ? 4.37846 4.56142 6.81111 -1.36590 -0.21154 -0.00673 109 DC A C5    
120 C C6    . DC A 6  ? 4.30748 4.64150 6.95692 -1.27927 -0.08737 0.07332  109 DC A C6    
121 P P     . DC A 7  ? 3.88824 4.89422 6.83990 -0.82126 0.32598  0.52765  110 DC A P     
122 O OP1   . DC A 7  ? 3.89122 4.98300 7.05276 -0.75230 0.51118  0.61648  110 DC A OP1   
123 O OP2   . DC A 7  ? 3.88921 4.88354 6.63669 -0.83554 0.29745  0.59122  110 DC A OP2   
124 O "O5'" . DC A 7  ? 3.89405 4.91648 6.69679 -0.80281 0.15637  0.44645  110 DC A "O5'" 
125 C "C5'" . DC A 7  ? 3.91132 4.83193 6.52391 -0.86898 -0.03769 0.33612  110 DC A "C5'" 
126 C "C4'" . DC A 7  ? 3.91359 4.88597 6.31137 -0.82750 -0.17637 0.32552  110 DC A "C4'" 
127 O "O4'" . DC A 7  ? 3.94805 4.79608 6.13841 -0.90035 -0.36683 0.21943  110 DC A "O4'" 
128 C "C3'" . DC A 7  ? 3.90066 4.97223 6.13148 -0.76403 -0.13876 0.45615  110 DC A "C3'" 
129 O "O3'" . DC A 7  ? 3.89463 5.04249 5.99202 -0.70817 -0.24106 0.44803  110 DC A "O3'" 
130 C "C2'" . DC A 7  ? 3.91764 4.89135 5.95804 -0.83648 -0.21946 0.43620  110 DC A "C2'" 
131 C "C1'" . DC A 7  ? 3.95336 4.79882 5.91390 -0.91018 -0.39647 0.28369  110 DC A "C1'" 
132 N N1    . DC A 7  ? 3.99474 4.68813 5.87931 -1.01124 -0.43904 0.22388  110 DC A N1    
133 C C2    . DC A 7  ? 4.05325 4.62191 5.69045 -1.07588 -0.61864 0.13182  110 DC A C2    
134 O O2    . DC A 7  ? 4.06091 4.65332 5.55827 -1.04577 -0.74521 0.10009  110 DC A O2    
135 N N3    . DC A 7  ? 4.10873 4.52726 5.66234 -1.17164 -0.64686 0.07867  110 DC A N3    
136 C C4    . DC A 7  ? 4.09267 4.49838 5.81316 -1.20106 -0.50759 0.11271  110 DC A C4    
137 N N4    . DC A 7  ? 4.15270 4.40887 5.78165 -1.29861 -0.53824 0.05448  110 DC A N4    
138 C C5    . DC A 7  ? 4.02395 4.56248 6.00653 -1.13355 -0.32879 0.20732  110 DC A C5    
139 C C6    . DC A 7  ? 3.98412 4.65624 6.03189 -1.04098 -0.29907 0.26140  110 DC A C6    
140 P P     . DT A 8  ? 3.88103 5.14887 5.80671 -0.62288 -0.22147 0.57196  111 DT A P     
141 O OP1   . DT A 8  ? 3.88103 5.26300 5.95101 -0.53472 -0.08684 0.65083  111 DT A OP1   
142 O OP2   . DT A 8  ? 3.88387 5.12449 5.70183 -0.64312 -0.18784 0.63895  111 DT A OP2   
143 O "O5'" . DT A 8  ? 3.87860 5.14643 5.58254 -0.62558 -0.42711 0.49410  111 DT A "O5'" 
144 C "C5'" . DT A 8  ? 3.90357 5.03622 5.46799 -0.71593 -0.58671 0.38145  111 DT A "C5'" 
145 C "C4'" . DT A 8  ? 3.90648 5.04849 5.19401 -0.71111 -0.71172 0.39239  111 DT A "C4'" 
146 O "O4'" . DT A 8  ? 3.94837 4.94177 5.09821 -0.80929 -0.78417 0.33396  111 DT A "O4'" 
147 C "C3'" . DT A 8  ? 3.88013 5.14318 5.10763 -0.63353 -0.61699 0.52783  111 DT A "C3'" 
148 O "O3'" . DT A 8  ? 3.87352 5.17509 4.87319 -0.60936 -0.74867 0.52166  111 DT A "O3'" 
149 C "C2'" . DT A 8  ? 3.89532 5.07743 5.13083 -0.69466 -0.54060 0.55336  111 DT A "C2'" 
150 C "C1'" . DT A 8  ? 3.93760 4.96189 5.02965 -0.80209 -0.69467 0.42617  111 DT A "C1'" 
151 N N1    . DT A 8  ? 3.96903 4.86510 5.11513 -0.89471 -0.64216 0.39393  111 DT A N1    
152 C C2    . DT A 8  ? 4.02859 4.77089 4.99506 -0.99287 -0.76353 0.29984  111 DT A C2    
153 O O2    . DT A 8  ? 4.05967 4.76048 4.82171 -1.00784 -0.91380 0.24308  111 DT A O2    
154 N N3    . DT A 8  ? 4.06009 4.69060 5.08760 -1.07521 -0.70197 0.27329  111 DT A N3    
155 C C4    . DT A 8  ? 4.02838 4.69236 5.28567 -1.06823 -0.53828 0.32947  111 DT A C4    
156 O O4    . DT A 8  ? 4.05748 4.61688 5.35632 -1.14806 -0.49751 0.29535  111 DT A O4    
157 C C5    . DT A 8  ? 3.96860 4.79161 5.40618 -0.96223 -0.41731 0.43021  111 DT A C5    
158 C C7    . DT A 8  ? 3.94216 4.80363 5.62869 -0.94532 -0.23450 0.50065  111 DT A C7    
159 C C6    . DT A 8  ? 3.94739 4.87386 5.31530 -0.88207 -0.47238 0.45770  111 DT A C6    
160 P P     . DG A 9  ? 3.89996 5.34690 4.86743 -0.50906 -0.79011 0.55164  112 DG A P     
161 O OP1   . DG A 9  ? 3.90196 5.33201 4.99055 -0.52233 -0.84182 0.45958  112 DG A OP1   
162 O OP2   . DG A 9  ? 3.88709 5.45849 4.91078 -0.41189 -0.63953 0.69029  112 DG A OP2   
163 O "O5'" . DG A 9  ? 3.89831 5.33834 4.59955 -0.51899 -0.96212 0.51367  112 DG A "O5'" 
164 C "C5'" . DG A 9  ? 3.93545 5.23390 4.50544 -0.61267 -1.12444 0.39052  112 DG A "C5'" 
165 C "C4'" . DG A 9  ? 3.95524 5.20176 4.29623 -0.65155 -1.19714 0.38904  112 DG A "C4'" 
166 O "O4'" . DG A 9  ? 3.99493 5.11407 4.35033 -0.73867 -1.13243 0.37725  112 DG A "O4'" 
167 C "C3'" . DG A 9  ? 3.91226 5.30518 4.18920 -0.56067 -1.14298 0.49618  112 DG A "C3'" 
168 O "O3'" . DG A 9  ? 3.92006 5.29745 3.96880 -0.57652 -1.27878 0.45838  112 DG A "O3'" 
169 C "C2'" . DG A 9  ? 3.91856 5.29014 4.28184 -0.57712 -0.99149 0.56429  112 DG A "C2'" 
170 C "C1'" . DG A 9  ? 3.97337 5.15771 4.30547 -0.70754 -1.03447 0.46749  112 DG A "C1'" 
171 N N9    . DG A 9  ? 3.98073 5.12009 4.47859 -0.74239 -0.88813 0.50090  112 DG A N9    
172 C C8    . DG A 9  ? 3.95001 5.18013 4.65625 -0.67587 -0.73060 0.59184  112 DG A C8    
173 N N7    . DG A 9  ? 3.96373 5.12465 4.78880 -0.72966 -0.62644 0.60017  112 DG A N7    
174 C C5    . DG A 9  ? 4.00848 5.02317 4.69218 -0.84032 -0.71890 0.50695  112 DG A C5    
175 C C6    . DG A 9  ? 4.04389 4.93295 4.76372 -0.93873 -0.66997 0.46851  112 DG A C6    
176 O O6    . DG A 9  ? 4.03117 4.92139 4.93276 -0.94650 -0.53569 0.50940  112 DG A O6    
177 N N1    . DG A 9  ? 4.10779 4.85248 4.61873 -1.03728 -0.79493 0.37087  112 DG A N1    
178 C C2    . DG A 9  ? 4.13357 4.85690 4.43135 -1.03858 -0.94903 0.31950  112 DG A C2    
179 N N2    . DG A 9  ? 4.21716 4.77447 4.31543 -1.14371 -1.04908 0.22856  112 DG A N2    
180 N N3    . DG A 9  ? 4.08853 4.93888 4.36485 -0.94479 -1.00006 0.35412  112 DG A N3    
181 C C4    . DG A 9  ? 4.02655 5.01999 4.50205 -0.84933 -0.87800 0.44720  112 DG A C4    
182 P P     . DT A 10 ? 3.95656 5.50601 3.91618 -0.46377 -1.30493 0.52803  113 DT A P     
183 O OP1   . DT A 10 ? 3.95206 5.50844 3.79357 -0.46213 -1.47403 0.45225  113 DT A OP1   
184 O OP2   . DT A 10 ? 3.92465 5.61004 4.04647 -0.35978 -1.15418 0.64107  113 DT A OP2   
185 O "O5'" . DT A 10 ? 3.96812 5.48903 3.77955 -0.49131 -1.31038 0.53972  113 DT A "O5'" 
186 C "C5'" . DT A 10 ? 3.99610 5.43159 3.86048 -0.55389 -1.20647 0.55246  113 DT A "C5'" 
187 C "C4'" . DT A 10 ? 4.06431 5.30631 3.80260 -0.69194 -1.29222 0.44319  113 DT A "C4'" 
188 O "O4'" . DT A 10 ? 4.09577 5.23311 3.96939 -0.76265 -1.19339 0.43295  113 DT A "O4'" 
189 C "C3'" . DT A 10 ? 4.09185 5.28366 3.66127 -0.74167 -1.32360 0.41720  113 DT A "C3'" 
190 O "O3'" . DT A 10 ? 4.17163 5.18782 3.56163 -0.85374 -1.45104 0.30760  113 DT A "O3'" 
191 C "C2'" . DT A 10 ? 4.09883 5.25873 3.79627 -0.77552 -1.17294 0.45495  113 DT A "C2'" 
192 C "C1'" . DT A 10 ? 4.13192 5.18220 3.93920 -0.83849 -1.15288 0.41637  113 DT A "C1'" 
193 N N1    . DT A 10 ? 4.12112 5.16936 4.12966 -0.84698 -0.99309 0.46751  113 DT A N1    
194 C C2    . DT A 10 ? 4.17554 5.07693 4.17454 -0.96092 -0.95858 0.41377  113 DT A C2    
195 O O2    . DT A 10 ? 4.24413 5.00725 4.06310 -1.05754 -1.04745 0.32787  113 DT A O2    
196 N N3    . DT A 10 ? 4.15573 5.07192 4.35843 -0.95920 -0.81254 0.46442  113 DT A N3    
197 C C4    . DT A 10 ? 4.09956 5.14773 4.50052 -0.85806 -0.69858 0.56359  113 DT A C4    
198 O O4    . DT A 10 ? 4.09150 5.13599 4.66621 -0.86572 -0.57122 0.60348  113 DT A O4    
199 C C5    . DT A 10 ? 4.06001 5.24450 4.44347 -0.74431 -0.73781 0.61637  113 DT A C5    
200 C C7    . DT A 10 ? 4.02336 5.33771 4.58769 -0.63268 -0.61558 0.72527  113 DT A C7    
201 C C6    . DT A 10 ? 4.06706 5.25051 4.26315 -0.74402 -0.88259 0.56480  113 DT A C6    
202 P P     . DA A 11 ? 4.41223 5.31080 3.60752 -0.94786 -1.48365 0.25027  114 DA A P     
203 O OP1   . DA A 11 ? 4.48939 5.25490 3.46652 -1.01391 -1.65180 0.15541  114 DA A OP1   
204 O OP2   . DA A 11 ? 4.34692 5.40037 3.56555 -0.86634 -1.41957 0.31824  114 DA A OP2   
205 O "O5'" . DA A 11 ? 4.47474 5.22128 3.73593 -1.05727 -1.38403 0.22200  114 DA A "O5'" 
206 C "C5'" . DA A 11 ? 4.56391 5.15396 3.66597 -1.17514 -1.39304 0.15254  114 DA A "C5'" 
207 C "C4'" . DA A 11 ? 4.52713 5.18386 3.74005 -1.17033 -1.24776 0.19892  114 DA A "C4'" 
208 O "O4'" . DA A 11 ? 4.46813 5.20255 3.92594 -1.12040 -1.12246 0.27134  114 DA A "O4'" 
209 C "C3'" . DA A 11 ? 4.45206 5.28560 3.66365 -1.06948 -1.23505 0.25283  114 DA A "C3'" 
210 O "O3'" . DA A 11 ? 4.50837 5.26685 3.54312 -1.14251 -1.27252 0.18398  114 DA A "O3'" 
211 C "C2'" . DA A 11 ? 4.38101 5.34209 3.82516 -0.99609 -1.08015 0.34309  114 DA A "C2'" 
212 C "C1'" . DA A 11 ? 4.41182 5.26662 3.98052 -1.06475 -1.01000 0.33529  114 DA A "C1'" 
213 N N9    . DA A 11 ? 4.34260 5.32245 4.13876 -0.96697 -0.90480 0.43329  114 DA A N9    
214 C C8    . DA A 11 ? 4.28077 5.41307 4.14430 -0.83729 -0.90923 0.51225  114 DA A C8    
215 N N7    . DA A 11 ? 4.24732 5.44901 4.31158 -0.77654 -0.79077 0.59264  114 DA A N7    
216 C C5    . DA A 11 ? 4.27759 5.37513 4.42261 -0.87010 -0.70749 0.56415  114 DA A C5    
217 C C6    . DA A 11 ? 4.26498 5.36714 4.61875 -0.86741 -0.56999 0.61501  114 DA A C6    
218 N N6    . DA A 11 ? 4.22814 5.43797 4.74334 -0.76358 -0.48480 0.71206  114 DA A N6    
219 N N1    . DA A 11 ? 4.30002 5.28571 4.68629 -0.97816 -0.51985 0.56112  114 DA A N1    
220 C C2    . DA A 11 ? 4.35649 5.21950 4.56515 -1.08679 -0.59687 0.46345  114 DA A C2    
221 N N3    . DA A 11 ? 4.38522 5.21928 4.38007 -1.10298 -0.72296 0.40973  114 DA A N3    
222 C C4    . DA A 11 ? 4.33660 5.29814 4.31717 -0.98854 -0.77573 0.46494  114 DA A C4    
223 P P     . DC A 12 ? 4.67014 5.22366 3.61993 -1.30411 -1.22618 0.09715  115 DC A P     
224 O OP1   . DC A 12 ? 4.78665 5.12864 3.56611 -1.41060 -1.32597 0.01858  115 DC A OP1   
225 O OP2   . DC A 12 ? 4.67690 5.25844 3.54446 -1.31939 -1.21291 0.06422  115 DC A OP2   
226 O "O5'" . DC A 12 ? 4.63033 5.21746 3.82219 -1.30220 -1.06975 0.14770  115 DC A "O5'" 
227 C "C5'" . DC A 12 ? 4.71726 5.12379 3.90326 -1.43454 -1.01973 0.08774  115 DC A "C5'" 
228 C "C4'" . DC A 12 ? 4.69155 5.13605 4.03178 -1.45727 -0.87488 0.10044  115 DC A "C4'" 
229 O "O4'" . DC A 12 ? 4.59235 5.18553 4.18852 -1.35306 -0.77747 0.20033  115 DC A "O4'" 
230 C "C3'" . DC A 12 ? 4.66736 5.19857 3.97587 -1.43369 -0.85385 0.08763  115 DC A "C3'" 
231 O "O3'" . DC A 12 ? 4.71025 5.16388 4.06926 -1.53409 -0.75237 0.03442  115 DC A "O3'" 
232 C "C2'" . DC A 12 ? 4.54305 5.30211 4.04436 -1.26625 -0.80766 0.19953  115 DC A "C2'" 
233 C "C1'" . DC A 12 ? 4.52139 5.27296 4.21910 -1.26452 -0.71351 0.25134  115 DC A "C1'" 
234 N N1    . DC A 12 ? 4.43397 5.35137 4.29493 -1.11652 -0.67973 0.36545  115 DC A N1    
235 C C2    . DC A 12 ? 4.40132 5.35589 4.48296 -1.08976 -0.55792 0.42798  115 DC A C2    
236 O O2    . DC A 12 ? 4.43411 5.29399 4.57953 -1.18862 -0.48554 0.38404  115 DC A O2    
237 N N3    . DC A 12 ? 4.34249 5.43063 4.55760 -0.95835 -0.51940 0.53386  115 DC A N3    
238 C C4    . DC A 12 ? 4.31376 5.49988 4.44979 -0.85787 -0.59798 0.57416  115 DC A C4    
239 N N4    . DC A 12 ? 4.27284 5.57745 4.53225 -0.73433 -0.54841 0.67755  115 DC A N4    
240 C C5    . DC A 12 ? 4.33350 5.49521 4.25620 -0.88173 -0.72806 0.50903  115 DC A C5    
241 C C6    . DC A 12 ? 4.39512 5.41912 4.18602 -1.01140 -0.76460 0.40720  115 DC A C6    
242 P P     . DG A 13 ? 4.66689 5.10052 3.92661 -1.59349 -0.73885 -0.04536 116 DG A P     
243 O OP1   . DG A 13 ? 4.81000 5.02309 3.80182 -1.73732 -0.81311 -0.14851 116 DG A OP1   
244 O OP2   . DG A 13 ? 4.57250 5.20346 3.87662 -1.45254 -0.76816 0.00580  116 DG A OP2   
245 O "O5'" . DG A 13 ? 4.65481 5.09340 4.11218 -1.64367 -0.59059 -0.05992 116 DG A "O5'" 
246 C "C5'" . DG A 13 ? 4.71100 5.01168 4.21682 -1.74837 -0.52884 -0.08403 116 DG A "C5'" 
247 C "C4'" . DG A 13 ? 4.62695 5.03872 4.42012 -1.69977 -0.39956 -0.02583 116 DG A "C4'" 
248 O "O4'" . DG A 13 ? 4.52384 5.09922 4.46308 -1.54263 -0.40385 0.09445  116 DG A "O4'" 
249 C "C3'" . DG A 13 ? 4.59133 5.09612 4.50376 -1.68843 -0.31881 -0.05364 116 DG A "C3'" 
250 O "O3'" . DG A 13 ? 4.57326 5.07552 4.69443 -1.72783 -0.19881 -0.05172 116 DG A "O3'" 
251 C "C2'" . DG A 13 ? 4.48669 5.19921 4.49003 -1.50668 -0.34797 0.04250  116 DG A "C2'" 
252 C "C1'" . DG A 13 ? 4.44422 5.19149 4.53304 -1.43197 -0.35154 0.14432  116 DG A "C1'" 
253 N N9    . DG A 13 ? 4.38274 5.26777 4.45306 -1.28229 -0.42089 0.23081  116 DG A N9    
254 C C8    . DG A 13 ? 4.39004 5.29648 4.27554 -1.24903 -0.53366 0.21233  116 DG A C8    
255 N N7    . DG A 13 ? 4.32679 5.37040 4.24494 -1.10611 -0.57212 0.30367  116 DG A N7    
256 C C5    . DG A 13 ? 4.28526 5.39160 4.41320 -1.04301 -0.47538 0.38958  116 DG A C5    
257 C C6    . DG A 13 ? 4.23067 5.46856 4.46836 -0.89614 -0.45595 0.50707  116 DG A C6    
258 O O6    . DG A 13 ? 4.20264 5.53695 4.37365 -0.78895 -0.52428 0.55800  116 DG A O6    
259 N N1    . DG A 13 ? 4.21729 5.46429 4.65751 -0.88170 -0.34076 0.56527  116 DG A N1    
260 C C2    . DG A 13 ? 4.24097 5.39376 4.77751 -0.99328 -0.25948 0.51408  116 DG A C2    
261 N N2    . DG A 13 ? 4.22038 5.40133 4.95951 -0.95809 -0.15446 0.58336  116 DG A N2    
262 N N3    . DG A 13 ? 4.28945 5.32333 4.72628 -1.13194 -0.27668 0.40165  116 DG A N3    
263 C C4    . DG A 13 ? 4.31445 5.32716 4.54305 -1.14922 -0.38409 0.34611  116 DG A C4    
264 P P     . DG A 14 ? 4.45111 4.91784 4.63852 -1.83053 -0.10709 -0.15312 117 DG A P     
265 O OP1   . DG A 14 ? 4.57124 4.82210 4.62633 -2.01096 -0.08752 -0.24910 117 DG A OP1   
266 O OP2   . DG A 14 ? 4.43286 4.99081 4.57039 -1.77864 -0.14200 -0.18800 117 DG A OP2   
267 O "O5'" . DG A 14 ? 4.36111 4.95312 4.85886 -1.75801 0.00300  -0.08673 117 DG A "O5'" 
268 C "C5'" . DG A 14 ? 4.34242 4.90737 4.96115 -1.75965 0.04827  -0.02520 117 DG A "C5'" 
269 C "C4'" . DG A 14 ? 4.24554 4.97327 5.13197 -1.62746 0.12087  0.07510  117 DG A "C4'" 
270 O "O4'" . DG A 14 ? 4.19198 5.04729 5.05880 -1.46617 0.05761  0.17844  117 DG A "O4'" 
271 C "C3'" . DG A 14 ? 4.21908 5.02625 5.26362 -1.61848 0.19126  0.03183  117 DG A "C3'" 
272 O "O3'" . DG A 14 ? 4.17718 5.02415 5.47853 -1.60426 0.29530  0.07316  117 DG A "O3'" 
273 C "C2'" . DG A 14 ? 4.17296 5.12808 5.20004 -1.46482 0.13099  0.08232  117 DG A "C2'" 
274 C "C1'" . DG A 14 ? 4.15013 5.14055 5.09707 -1.36233 0.06434  0.19442  117 DG A "C1'" 
275 N N9    . DG A 14 ? 4.15072 5.18696 4.91319 -1.29595 -0.04284 0.19800  117 DG A N9    
276 C C8    . DG A 14 ? 4.20067 5.16636 4.76450 -1.37868 -0.10930 0.09774  117 DG A C8    
277 N N7    . DG A 14 ? 4.18242 5.21933 4.62019 -1.28608 -0.20318 0.12927  117 DG A N7    
278 C C5    . DG A 14 ? 4.12228 5.28011 4.67382 -1.13505 -0.19680 0.25779  117 DG A C5    
279 C C6    . DG A 14 ? 4.08501 5.35742 4.57685 -0.98866 -0.27112 0.34146  117 DG A C6    
280 O O6    . DG A 14 ? 4.08615 5.38620 4.41780 -0.95972 -0.36597 0.31746  117 DG A O6    
281 N N1    . DG A 14 ? 4.04965 5.40588 4.68783 -0.86997 -0.22215 0.46306  117 DG A N1    
282 C C2    . DG A 14 ? 4.04645 5.37976 4.87074 -0.88962 -0.11710 0.49955  117 DG A C2    
283 N N2    . DG A 14 ? 4.02561 5.43637 4.96184 -0.76611 -0.07701 0.62088  117 DG A N2    
284 N N3    . DG A 14 ? 4.06879 5.30576 4.96240 -1.02311 -0.05232 0.42128  117 DG A N3    
285 C C4    . DG A 14 ? 4.10762 5.26045 4.85467 -1.14091 -0.09655 0.30194  117 DG A C4    
286 P P     . DA A 15 ? 4.11428 5.07537 5.59280 -1.44933 0.32608  0.22410  118 DA A P     
287 O OP1   . DA A 15 ? 4.11158 5.07244 5.46613 -1.38340 0.25668  0.30536  118 DA A OP1   
288 O OP2   . DA A 15 ? 4.10184 5.03198 5.79018 -1.50959 0.43125  0.22151  118 DA A OP2   
289 O "O5'" . DA A 15 ? 4.07536 5.18694 5.65517 -1.30552 0.32463  0.26334  118 DA A "O5'" 
290 C "C5'" . DA A 15 ? 4.04164 5.23264 5.86153 -1.22149 0.40288  0.33054  118 DA A "C5'" 
291 C "C4'" . DA A 15 ? 4.02313 5.28323 5.87482 -1.07131 0.39796  0.48234  118 DA A "C4'" 
292 O "O4'" . DA A 15 ? 4.02978 5.31159 5.67297 -1.01099 0.29953  0.51262  118 DA A "O4'" 
293 C "C3'" . DA A 15 ? 4.01376 5.38358 6.01402 -0.91837 0.42527  0.56175  118 DA A "C3'" 
294 O "O3'" . DA A 15 ? 4.01574 5.41003 6.07635 -0.81770 0.45993  0.69850  118 DA A "O3'" 
295 C "C2'" . DA A 15 ? 4.01992 5.45873 5.86720 -0.83216 0.32861  0.54678  118 DA A "C2'" 
296 C "C1'" . DA A 15 ? 4.02344 5.41980 5.66367 -0.85963 0.26079  0.56426  118 DA A "C1'" 
297 N N9    . DA A 15 ? 4.02975 5.43421 5.47817 -0.87455 0.16468  0.49051  118 DA A N9    
298 C C8    . DA A 15 ? 4.04856 5.37563 5.40212 -1.01584 0.14335  0.35703  118 DA A C8    
299 N N7    . DA A 15 ? 4.05527 5.40515 5.23578 -0.99532 0.05312  0.31794  118 DA A N7    
300 C C5    . DA A 15 ? 4.03352 5.48913 5.19664 -0.82775 0.00897  0.43286  118 DA A C5    
301 C C6    . DA A 15 ? 4.02527 5.55692 5.04293 -0.72661 -0.08799 0.45615  118 DA A C6    
302 N N6    . DA A 15 ? 4.03397 5.54651 4.89696 -0.78316 -0.16114 0.36036  118 DA A N6    
303 N N1    . DA A 15 ? 4.01507 5.63832 5.04862 -0.56671 -0.10368 0.58074  118 DA A N1    
304 C C2    . DA A 15 ? 4.02052 5.64989 5.20129 -0.51449 -0.02341 0.67649  118 DA A C2    
305 N N3    . DA A 15 ? 4.02367 5.58880 5.35702 -0.59732 0.07048  0.66703  118 DA A N3    
306 C C4    . DA A 15 ? 4.02534 5.50905 5.34390 -0.75345 0.07941  0.54083  118 DA A C4    
307 P P     . DC A 16 ? 3.96700 5.40415 6.25433 -0.72411 0.54677  0.78383  119 DC A P     
308 O OP1   . DC A 16 ? 3.97431 5.38955 6.30751 -0.68866 0.60074  0.89637  119 DC A OP1   
309 O OP2   . DC A 16 ? 3.95196 5.36537 6.39921 -0.82434 0.60067  0.68265  119 DC A OP2   
310 O "O5'" . DC A 16 ? 3.99797 5.52937 6.23808 -0.54916 0.49004  0.84333  119 DC A "O5'" 
311 C "C5'" . DC A 16 ? 4.02799 5.59706 6.15713 -0.41626 0.45770  0.96439  119 DC A "C5'" 
312 C "C4'" . DC A 16 ? 4.05893 5.70794 6.10665 -0.27484 0.38182  0.98117  119 DC A "C4'" 
313 O "O4'" . DC A 16 ? 4.02649 5.69144 5.92572 -0.33275 0.29254  0.87290  119 DC A "O4'" 
314 C "C3'" . DC A 16 ? 4.08760 5.76776 6.29242 -0.20846 0.40244  0.96330  119 DC A "C3'" 
315 O "O3'" . DC A 16 ? 4.15644 5.88731 6.31230 -0.02159 0.36730  1.06746  119 DC A "O3'" 
316 C "C2'" . DC A 16 ? 4.04901 5.74822 6.22523 -0.28986 0.34441  0.80823  119 DC A "C2'" 
317 C "C1'" . DC A 16 ? 4.03541 5.75354 5.98275 -0.27987 0.25787  0.80894  119 DC A "C1'" 
318 N N1    . DC A 16 ? 3.99992 5.70725 5.85996 -0.39633 0.20443  0.66234  119 DC A N1    
319 C C2    . DC A 16 ? 3.99359 5.74050 5.66107 -0.35586 0.10740  0.64739  119 DC A C2    
320 O O2    . DC A 16 ? 4.01228 5.80802 5.58837 -0.22502 0.06667  0.75445  119 DC A O2    
321 N N3    . DC A 16 ? 3.97354 5.69951 5.55656 -0.46453 0.06413  0.51409  119 DC A N3    
322 C C4    . DC A 16 ? 3.96725 5.63187 5.64521 -0.60946 0.11887  0.39860  119 DC A C4    
323 N N4    . DC A 16 ? 3.96565 5.59728 5.54199 -0.71757 0.08224  0.26879  119 DC A N4    
324 C C5    . DC A 16 ? 3.96861 5.59929 5.84767 -0.65232 0.21679  0.40922  119 DC A C5    
325 C C6    . DC A 16 ? 3.98151 5.63759 5.94907 -0.54107 0.25388  0.54271  119 DC A C6    
326 P P     . DA A 17 ? 4.19571 5.94098 6.50491 0.09525  0.38823  1.09842  120 DA A P     
327 O OP1   . DA A 17 ? 4.24664 5.93892 6.65750 0.12676  0.48465  1.21939  120 DA A OP1   
328 O OP2   . DA A 17 ? 4.15357 5.91347 6.59138 0.01433  0.37712  0.94981  120 DA A OP2   
329 O "O5'" . DA A 17 ? 4.26500 6.06925 6.42313 0.28042  0.29494  1.15798  120 DA A "O5'" 
330 C "C5'" . DA A 17 ? 4.31493 6.12096 6.31217 0.37627  0.28461  1.28653  120 DA A "C5'" 
331 C "C4'" . DA A 17 ? 4.33082 6.20727 6.14974 0.48566  0.17124  1.27823  120 DA A "C4'" 
332 O "O4'" . DA A 17 ? 4.23222 6.14246 5.99023 0.36864  0.11139  1.14591  120 DA A "O4'" 
333 C "C3'" . DA A 17 ? 4.40437 6.31551 6.25168 0.63229  0.11083  1.26773  120 DA A "C3'" 
334 O "O3'" . DA A 17 ? 4.46467 6.41966 6.12810 0.78137  0.03288  1.33723  120 DA A "O3'" 
335 C "C2'" . DA A 17 ? 4.31739 6.26836 6.24139 0.53238  0.06455  1.09270  120 DA A "C2'" 
336 C "C1'" . DA A 17 ? 4.22670 6.18778 6.02022 0.40596  0.04319  1.04226  120 DA A "C1'" 
337 N N9    . DA A 17 ? 4.14412 6.08747 6.01794 0.22951  0.05964  0.89312  120 DA A N9    
338 C C8    . DA A 17 ? 4.11551 5.99708 6.14154 0.09455  0.14906  0.85222  120 DA A C8    
339 N N7    . DA A 17 ? 4.05589 5.92279 6.10467 -0.05498 0.14723  0.70930  120 DA A N7    
340 C C5    . DA A 17 ? 4.04235 5.96497 5.94738 -0.01654 0.05137  0.65345  120 DA A C5    
341 C C6    . DA A 17 ? 3.99894 5.92672 5.84492 -0.12341 0.00880  0.50839  120 DA A C6    
342 N N6    . DA A 17 ? 3.96978 5.83570 5.88574 -0.29968 0.06232  0.39021  120 DA A N6    
343 N N1    . DA A 17 ? 3.99541 5.98851 5.70256 -0.04357 -0.08747 0.48828  120 DA A N1    
344 C C2    . DA A 17 ? 4.03301 6.08404 5.66243 0.13304  -0.13961 0.60608  120 DA A C2    
345 N N3    . DA A 17 ? 4.08773 6.13144 5.74737 0.24520  -0.10454 0.74840  120 DA A N3    
346 C C4    . DA A 17 ? 4.08933 6.06572 5.89109 0.15998  -0.00649 0.76467  120 DA A C4    
347 P P     . DG A 18 ? 4.59592 6.56467 6.24229 0.98203  -0.03027 1.37838  121 DG A P     
348 O OP1   . DG A 18 ? 4.69390 6.65978 6.14698 1.12180  -0.05046 1.51749  121 DG A OP1   
349 O OP2   . DG A 18 ? 4.65309 6.56256 6.48940 0.99002  0.02843  1.38061  121 DG A OP2   
350 O "O5'" . DG A 18 ? 4.52712 6.58267 6.16456 0.98371  -0.14158 1.22652  121 DG A "O5'" 
351 C "C5'" . DG A 18 ? 4.50013 6.62549 5.95384 1.03430  -0.23032 1.22031  121 DG A "C5'" 
352 C "C4'" . DG A 18 ? 4.40817 6.60473 5.89367 0.97673  -0.30830 1.05104  121 DG A "C4'" 
353 O "O4'" . DG A 18 ? 4.30887 6.47680 5.91187 0.77480  -0.24760 0.94149  121 DG A "O4'" 
354 C "C3'" . DG A 18 ? 4.46076 6.69079 6.04928 1.09252  -0.37378 0.97524  121 DG A "C3'" 
355 O "O3'" . DG A 18 ? 4.44157 6.75784 5.91817 1.17464  -0.48570 0.91786  121 DG A "O3'" 
356 C "C2'" . DG A 18 ? 4.38417 6.59983 6.18017 0.93548  -0.32551 0.82680  121 DG A "C2'" 
357 C "C1'" . DG A 18 ? 4.27715 6.48105 6.00415 0.74894  -0.28490 0.78912  121 DG A "C1'" 
358 N N9    . DG A 18 ? 4.21816 6.37023 6.10289 0.56706  -0.19921 0.69873  121 DG A N9    
359 C C8    . DG A 18 ? 4.23623 6.31749 6.23970 0.50931  -0.09999 0.75726  121 DG A C8    
360 N N7    . DG A 18 ? 4.17304 6.22116 6.30090 0.33870  -0.04008 0.64733  121 DG A N7    
361 C C5    . DG A 18 ? 4.11840 6.20956 6.19880 0.27544  -0.09848 0.50746  121 DG A C5    
362 C C6    . DG A 18 ? 4.05693 6.12559 6.20765 0.09462  -0.06624 0.34744  121 DG A C6    
363 O O6    . DG A 18 ? 4.03488 6.04332 6.30833 -0.04648 0.01967  0.29788  121 DG A O6    
364 N N1    . DG A 18 ? 4.02850 6.14729 6.08854 0.08537  -0.14133 0.23941  121 DG A N1    
365 C C2    . DG A 18 ? 4.04491 6.23720 5.97410 0.23488  -0.24073 0.27899  121 DG A C2    
366 N N2    . DG A 18 ? 4.00914 6.24399 5.87559 0.19886  -0.30079 0.15578  121 DG A N2    
367 N N3    . DG A 18 ? 4.10053 6.31804 5.96053 0.40700  -0.27555 0.42806  121 DG A N3    
368 C C4    . DG A 18 ? 4.13955 6.29887 6.07651 0.41434  -0.19800 0.53542  121 DG A C4    
369 P P     . DT A 19 ? 4.48566 6.83907 5.94775 1.39536  -0.58530 0.92647  122 DT A P     
370 O OP1   . DT A 19 ? 4.52984 6.92052 5.76916 1.51988  -0.64842 1.02976  122 DT A OP1   
371 O OP2   . DT A 19 ? 4.59498 6.87256 6.18936 1.46325  -0.54155 0.97538  122 DT A OP2   
372 O "O5'" . DT A 19 ? 4.40242 6.83559 5.97156 1.35725  -0.65784 0.72726  122 DT A "O5'" 
373 C "C5'" . DT A 19 ? 4.33917 6.75463 6.11736 1.21280  -0.60315 0.58947  122 DT A "C5'" 
374 C "C4'" . DT A 19 ? 4.22439 6.70286 6.01465 1.09071  -0.63494 0.42160  122 DT A "C4'" 
375 O "O4'" . DT A 19 ? 4.14487 6.56943 6.00218 0.86947  -0.53669 0.36138  122 DT A "O4'" 
376 C "C3'" . DT A 19 ? 4.22200 6.75695 6.17815 1.13611  -0.69487 0.25334  122 DT A "C3'" 
377 O "O3'" . DT A 19 ? 4.14354 6.75121 6.03566 1.09031  -0.75346 0.13562  122 DT A "O3'" 
378 C "C2'" . DT A 19 ? 4.18927 6.66989 6.35736 0.97760  -0.59711 0.15966  122 DT A "C2'" 
379 C "C1'" . DT A 19 ? 4.11380 6.54587 6.17479 0.78656  -0.51723 0.19043  122 DT A "C1'" 
380 N N1    . DT A 19 ? 4.10262 6.45376 6.29929 0.64544  -0.40225 0.19210  122 DT A N1    
381 C C2    . DT A 19 ? 4.03451 6.36136 6.32881 0.44953  -0.34137 0.04464  122 DT A C2    
382 O O2    . DT A 19 ? 3.98811 6.34933 6.25888 0.37930  -0.37188 -0.08930 122 DT A O2    
383 N N3    . DT A 19 ? 4.03042 6.28476 6.44708 0.33525  -0.23867 0.05868  122 DT A N3    
384 C C4    . DT A 19 ? 4.08171 6.28950 6.54215 0.39624  -0.19098 0.20115  122 DT A C4    
385 O O4    . DT A 19 ? 4.06812 6.21675 6.65047 0.28374  -0.09879 0.19870  122 DT A O4    
386 C C5    . DT A 19 ? 4.16064 6.38872 6.50949 0.60000  -0.25372 0.35135  122 DT A C5    
387 C C7    . DT A 19 ? 4.23886 6.40595 6.61203 0.67798  -0.20111 0.51314  122 DT A C7    
388 C C6    . DT A 19 ? 4.16965 6.46621 6.38942 0.71341  -0.35551 0.33983  122 DT A C6    
389 P P     . DC A 20 ? 3.94574 6.64229 5.94441 1.20225  -0.85406 -0.01665 123 DC A P     
390 O OP1   . DC A 20 ? 3.93536 6.70708 5.74556 1.30980  -0.95274 0.01842  123 DC A OP1   
391 O OP2   . DC A 20 ? 4.04136 6.71850 6.20353 1.33518  -0.87138 -0.01319 123 DC A OP2   
392 O "O5'" . DC A 20 ? 3.85290 6.55493 5.99122 0.99776  -0.80174 -0.22251 123 DC A "O5'" 
393 C "C5'" . DC A 20 ? 3.80914 6.42917 5.97888 0.78596  -0.68466 -0.23586 123 DC A "C5'" 
394 C "C4'" . DC A 20 ? 3.78567 6.39626 6.19622 0.66648  -0.62925 -0.42550 123 DC A "C4'" 
395 O "O4'" . DC A 20 ? 3.78496 6.30679 6.28147 0.53023  -0.51573 -0.39343 123 DC A "O4'" 
396 C "C3'" . DC A 20 ? 3.83615 6.50264 6.45403 0.81991  -0.69121 -0.51255 123 DC A "C3'" 
397 O "O3'" . DC A 20 ? 3.79222 6.51292 6.53772 0.75762  -0.70728 -0.72463 123 DC A "O3'" 
398 C "C2'" . DC A 20 ? 3.87262 6.47240 6.66971 0.78255  -0.61158 -0.48893 123 DC A "C2'" 
399 C "C1'" . DC A 20 ? 3.81095 6.33681 6.56520 0.54691  -0.49353 -0.49329 123 DC A "C1'" 
400 N N1    . DC A 20 ? 3.83872 6.28730 6.66586 0.50748  -0.40856 -0.38741 123 DC A N1    
401 C C2    . DC A 20 ? 3.79877 6.18857 6.75381 0.30641  -0.29769 -0.47334 123 DC A C2    
402 O O2    . DC A 20 ? 3.75148 6.14297 6.74072 0.15694  -0.26615 -0.63400 123 DC A O2    
403 N N3    . DC A 20 ? 3.82063 6.14740 6.85268 0.27971  -0.22415 -0.37650 123 DC A N3    
404 C C4    . DC A 20 ? 3.88675 6.20128 6.86997 0.44046  -0.25314 -0.20370 123 DC A C4    
405 N N4    . DC A 20 ? 3.90835 6.15839 6.97595 0.40647  -0.17446 -0.11512 123 DC A N4    
406 C C5    . DC A 20 ? 3.94217 6.30439 6.78302 0.64220  -0.36085 -0.11499 123 DC A C5    
407 C C6    . DC A 20 ? 3.91229 6.34425 6.68332 0.67044  -0.43780 -0.21164 123 DC A C6    
408 P P     . DA A 21 ? 3.77422 6.60221 6.50976 0.93020  -0.83839 -0.79999 124 DA A P     
409 O OP1   . DA A 21 ? 3.73405 6.58587 6.21261 0.92187  -0.87692 -0.72678 124 DA A OP1   
410 O OP2   . DA A 21 ? 3.86573 6.71375 6.68257 1.15517  -0.91868 -0.73580 124 DA A OP2   
411 O "O5'" . DA A 21 ? 3.72936 6.59324 6.68685 0.81421  -0.81105 -1.05932 124 DA A "O5'" 
412 C "C5'" . DA A 21 ? 3.67192 6.48413 6.61351 0.57044  -0.70729 -1.15938 124 DA A "C5'" 
413 C "C4'" . DA A 21 ? 3.67077 6.45685 6.88770 0.44608  -0.62072 -1.33240 124 DA A "C4'" 
414 O "O4'" . DA A 21 ? 3.69681 6.40924 6.96785 0.41138  -0.55056 -1.22307 124 DA A "O4'" 
415 C "C3'" . DA A 21 ? 3.69391 6.56400 7.17287 0.57978  -0.68969 -1.49036 124 DA A "C3'" 
416 O "O3'" . DA A 21 ? 3.66246 6.53711 7.33247 0.41679  -0.61775 -1.72496 124 DA A "O3'" 
417 C "C2'" . DA A 21 ? 3.75225 6.59308 7.36766 0.68169  -0.69173 -1.40175 124 DA A "C2'" 
418 C "C1'" . DA A 21 ? 3.73399 6.47303 7.27319 0.50022  -0.56665 -1.30194 124 DA A "C1'" 
419 N N9    . DA A 21 ? 3.78807 6.48212 7.29936 0.60540  -0.57121 -1.11127 124 DA A N9    
420 C C8    . DA A 21 ? 3.85430 6.56779 7.25573 0.82755  -0.67099 -0.95501 124 DA A C8    
421 N N7    . DA A 21 ? 3.90779 6.55724 7.30106 0.87270  -0.64075 -0.80098 124 DA A N7    
422 C C5    . DA A 21 ? 3.86225 6.45604 7.37744 0.66989  -0.51750 -0.85973 124 DA A C5    
423 C C6    . DA A 21 ? 3.87955 6.39758 7.45765 0.60772  -0.43175 -0.76525 124 DA A C6    
424 N N6    . DA A 21 ? 3.95652 6.43482 7.47558 0.74900  -0.45471 -0.58184 124 DA A N6    
425 N N1    . DA A 21 ? 3.82327 6.30216 7.52326 0.39433  -0.31817 -0.86693 124 DA A N1    
426 C C2    . DA A 21 ? 3.76643 6.26932 7.50875 0.24853  -0.28749 -1.05097 124 DA A C2    
427 N N3    . DA A 21 ? 3.74937 6.31701 7.43994 0.28411  -0.35508 -1.15573 124 DA A N3    
428 C C4    . DA A 21 ? 3.79303 6.40995 7.37584 0.50260  -0.47302 -1.05066 124 DA A C4    
429 P P     . DC B 1  ? 7.54748 3.26028 4.47028 0.32961  -0.75651 1.07981  119 DC B P     
430 O OP1   . DC B 1  ? 7.65729 3.29830 4.29878 0.21983  -0.88099 1.02136  119 DC B OP1   
431 O OP2   . DC B 1  ? 7.45348 3.23281 4.50373 0.34015  -0.74884 1.09013  119 DC B OP2   
432 O "O5'" . DC B 1  ? 7.34941 3.21247 4.60759 0.40220  -0.73017 1.11618  119 DC B "O5'" 
433 C "C5'" . DC B 1  ? 7.15206 3.15475 4.63779 0.39506  -0.79939 1.10383  119 DC B "C5'" 
434 C "C4'" . DC B 1  ? 7.13670 3.16358 4.51694 0.30736  -0.94401 1.05998  119 DC B "C4'" 
435 O "O4'" . DC B 1  ? 7.24116 3.20246 4.32902 0.18664  -1.06466 1.00466  119 DC B "O4'" 
436 C "C3'" . DC B 1  ? 6.91304 3.09985 4.59832 0.31221  -1.01530 1.04999  119 DC B "C3'" 
437 O "O3'" . DC B 1  ? 6.87618 3.10478 4.62496 0.31598  -1.03939 1.05797  119 DC B "O3'" 
438 C "C2'" . DC B 1  ? 6.88882 3.10934 4.44939 0.19247  -1.18266 0.99547  119 DC B "C2'" 
439 C "C1'" . DC B 1  ? 7.10142 3.18421 4.27074 0.10815  -1.21650 0.96824  119 DC B "C1'" 
440 N N1    . DC B 1  ? 7.14599 3.21717 4.11686 -0.00866 -1.33083 0.91791  119 DC B N1    
441 C C2    . DC B 1  ? 6.98395 3.21260 4.06162 -0.09739 -1.49095 0.88213  119 DC B C2    
442 O O2    . DC B 1  ? 6.81002 3.17437 4.14756 -0.07880 -1.54418 0.88977  119 DC B O2    
443 N N3    . DC B 1  ? 7.01251 3.25697 3.93286 -0.20226 -1.58031 0.83927  119 DC B N3    
444 C C4    . DC B 1  ? 7.20667 3.29062 3.87166 -0.21710 -1.51266 0.83096  119 DC B C4    
445 N N4    . DC B 1  ? 7.22212 3.33130 3.77021 -0.31656 -1.58823 0.78998  119 DC B N4    
446 C C5    . DC B 1  ? 7.38435 3.29130 3.92921 -0.13120 -1.36109 0.86382  119 DC B C5    
447 C C6    . DC B 1  ? 7.34081 3.26002 4.04455 -0.03204 -1.27863 0.90639  119 DC B C6    
448 P P     . DC B 2  ? 6.67877 2.96222 4.73279 0.44762  -0.88372 1.11856  120 DC B P     
449 O OP1   . DC B 2  ? 6.70843 3.00345 4.70831 0.43512  -0.91850 1.13471  120 DC B OP1   
450 O OP2   . DC B 2  ? 6.75694 2.97795 4.80968 0.52091  -0.73706 1.16172  120 DC B OP2   
451 O "O5'" . DC B 2  ? 6.44677 2.87384 4.90426 0.48919  -0.88527 1.10145  120 DC B "O5'" 
452 C "C5'" . DC B 2  ? 6.38076 2.83605 5.01704 0.55075  -0.79540 1.11020  120 DC B "C5'" 
453 C "C4'" . DC B 2  ? 6.24163 2.79207 5.02406 0.50001  -0.92458 1.05388  120 DC B "C4'" 
454 O "O4'" . DC B 2  ? 6.34237 2.83660 4.80939 0.39121  -1.05960 1.02828  120 DC B "O4'" 
455 C "C3'" . DC B 2  ? 6.13866 2.75383 5.18769 0.58087  -0.83015 1.06070  120 DC B "C3'" 
456 O "O3'" . DC B 2  ? 5.94439 2.71169 5.28919 0.54607  -0.95910 0.99940  120 DC B "O3'" 
457 C "C2'" . DC B 2  ? 6.27559 2.80229 5.04058 0.54816  -0.83795 1.08085  120 DC B "C2'" 
458 C "C1'" . DC B 2  ? 6.31296 2.83017 4.84222 0.41445  -1.03892 1.03340  120 DC B "C1'" 
459 N N1    . DC B 2  ? 6.48591 2.89373 4.65507 0.35269  -1.06289 1.03875  120 DC B N1    
460 C C2    . DC B 2  ? 6.47507 2.92444 4.50976 0.23967  -1.23339 1.00102  120 DC B C2    
461 O O2    . DC B 2  ? 6.30820 2.90272 4.53903 0.18717  -1.37998 0.96823  120 DC B O2    
462 N N3    . DC B 2  ? 6.63420 2.98452 4.36227 0.18814  -1.23325 1.00149  120 DC B N3    
463 C C4    . DC B 2  ? 6.79592 3.00845 4.36943 0.24283  -1.08522 1.03375  120 DC B C4    
464 N N4    . DC B 2  ? 6.95039 3.06341 4.25357 0.19053  -1.08613 1.02630  120 DC B N4    
465 C C5    . DC B 2  ? 6.79579 2.98342 4.51496 0.34923  -0.93324 1.07529  120 DC B C5    
466 C C6    . DC B 2  ? 6.63887 2.92856 4.64922 0.40192  -0.92158 1.07925  120 DC B C6    
467 P P     . DG B 3  ? 5.69580 2.62184 5.54891 0.63615  -0.86476 0.96835  121 DG B P     
468 O OP1   . DG B 3  ? 5.70318 2.60989 5.63588 0.69724  -0.73971 0.98709  121 DG B OP1   
469 O OP2   . DG B 3  ? 5.70911 2.62879 5.61186 0.71104  -0.75797 0.99248  121 DG B OP2   
470 O "O5'" . DG B 3  ? 5.40989 2.68272 5.61915 0.52504  -1.01943 0.85069  121 DG B "O5'" 
471 C "C5'" . DG B 3  ? 5.38785 2.76372 5.42206 0.38929  -1.16934 0.80211  121 DG B "C5'" 
472 C "C4'" . DG B 3  ? 5.17036 2.90595 5.36700 0.27521  -1.27616 0.69260  121 DG B "C4'" 
473 O "O4'" . DG B 3  ? 5.35063 2.93297 5.13951 0.23243  -1.35522 0.74102  121 DG B "O4'" 
474 C "C3'" . DG B 3  ? 4.94684 2.96449 5.57739 0.31355  -1.20173 0.62502  121 DG B "C3'" 
475 O "O3'" . DG B 3  ? 4.67371 3.11987 5.57241 0.19082  -1.30336 0.49117  121 DG B "O3'" 
476 C "C2'" . DG B 3  ? 5.13278 2.94613 5.49375 0.37486  -1.17092 0.71442  121 DG B "C2'" 
477 C "C1'" . DG B 3  ? 5.32433 2.96246 5.20781 0.28779  -1.29778 0.75554  121 DG B "C1'" 
478 N N9    . DG B 3  ? 5.64750 2.86574 5.09920 0.36092  -1.24808 0.88607  121 DG B N9    
479 C C8    . DG B 3  ? 5.84636 2.72542 5.18444 0.49051  -1.11953 0.98759  121 DG B C8    
480 N N7    . DG B 3  ? 6.05062 2.76538 5.03652 0.50412  -1.03189 1.04205  121 DG B N7    
481 C C5    . DG B 3  ? 6.08794 2.81718 4.86772 0.40273  -1.18696 1.03105  121 DG B C5    
482 C C6    . DG B 3  ? 6.26634 2.88407 4.69349 0.36695  -1.16433 1.06089  121 DG B C6    
483 O O6    . DG B 3  ? 6.42022 2.90746 4.67101 0.41506  -1.01253 1.10185  121 DG B O6    
484 N N1    . DG B 3  ? 6.23157 2.93762 4.56320 0.25907  -1.34459 1.03789  121 DG B N1    
485 C C2    . DG B 3  ? 5.95236 3.02259 4.59035 0.17495  -1.46894 0.94068  121 DG B C2    
486 N N2    . DG B 3  ? 5.89032 3.14327 4.44494 0.06547  -1.58724 0.89713  121 DG B N2    
487 N N3    . DG B 3  ? 5.71950 3.02586 4.75745 0.19098  -1.44459 0.86777  121 DG B N3    
488 C C4    . DG B 3  ? 5.82522 2.89636 4.89543 0.31170  -1.31563 0.93213  121 DG B C4    
489 P P     . DT B 4  ? 4.36360 3.20569 5.70629 0.18860  -1.26311 0.39062  122 DT B P     
490 O OP1   . DT B 4  ? 4.07520 3.34079 5.74883 0.06403  -1.34857 0.24091  122 DT B OP1   
491 O OP2   . DT B 4  ? 4.37693 3.11682 5.94817 0.32242  -1.09332 0.42612  122 DT B OP2   
492 O "O5'" . DT B 4  ? 4.46871 3.28538 5.52389 0.17515  -1.32471 0.44277  122 DT B "O5'" 
493 C "C5'" . DT B 4  ? 4.55885 3.33325 5.26174 0.07463  -1.46983 0.45640  122 DT B "C5'" 
494 C "C4'" . DT B 4  ? 4.66043 3.40634 5.14508 0.08857  -1.48798 0.51902  122 DT B "C4'" 
495 O "O4'" . DT B 4  ? 5.00238 3.25893 5.04637 0.17298  -1.42899 0.66587  122 DT B "O4'" 
496 C "C3'" . DT B 4  ? 4.49809 3.51710 5.32235 0.14961  -1.40368 0.49128  122 DT B "C3'" 
497 O "O3'" . DT B 4  ? 4.38155 3.70815 5.22449 0.07824  -1.49360 0.45421  122 DT B "O3'" 
498 C "C2'" . DT B 4  ? 4.76669 3.38285 5.34522 0.28898  -1.27852 0.63739  122 DT B "C2'" 
499 C "C1'" . DT B 4  ? 5.05516 3.29114 5.10255 0.25897  -1.34633 0.73128  122 DT B "C1'" 
500 N N1    . DT B 4  ? 5.36968 3.11542 5.09463 0.37602  -1.23754 0.87073  122 DT B N1    
501 C C2    . DT B 4  ? 5.63919 3.08502 4.92227 0.38302  -1.24922 0.97489  122 DT B C2    
502 O O2    . DT B 4  ? 5.63449 3.19258 4.77632 0.30019  -1.34362 0.96329  122 DT B O2    
503 N N3    . DT B 4  ? 5.92120 2.92557 4.93473 0.49113  -1.13995 1.09385  122 DT B N3    
504 C C4    . DT B 4  ? 5.94644 2.80918 5.09165 0.59408  -1.01713 1.11895  122 DT B C4    
505 O O4    . DT B 4  ? 6.08754 2.81087 5.07482 0.65288  -0.83505 1.16711  122 DT B O4    
506 C C5    . DT B 4  ? 5.66229 2.83500 5.27651 0.58848  -1.01632 1.01687  122 DT B C5    
507 C C7    . DT B 4  ? 5.67212 2.70627 5.47490 0.70254  -0.88718 1.04391  122 DT B C7    
508 C C6    . DT B 4  ? 5.38849 2.99058 5.27130 0.47710  -1.11893 0.89328  122 DT B C6    
509 P P     . DA B 5  ? 3.86395 3.71167 5.18955 0.07218  -1.46485 0.34988  123 DA B P     
510 O OP1   . DA B 5  ? 3.58159 3.80876 5.25686 -0.04105 -1.54008 0.18754  123 DA B OP1   
511 O OP2   . DA B 5  ? 3.91466 3.64834 5.38175 0.20543  -1.30522 0.40423  123 DA B OP2   
512 O "O5'" . DA B 5  ? 3.88393 3.88626 5.03221 0.04468  -1.53587 0.39648  123 DA B "O5'" 
513 C "C5'" . DA B 5  ? 3.94281 3.91847 4.80524 -0.05375 -1.67406 0.40352  123 DA B "C5'" 
514 C "C4'" . DA B 5  ? 4.17986 3.92990 4.65989 -0.00580 -1.66448 0.54559  123 DA B "C4'" 
515 O "O4'" . DA B 5  ? 4.50645 3.69983 4.63005 0.08588  -1.57407 0.67510  123 DA B "O4'" 
516 C "C3'" . DA B 5  ? 4.09268 4.11305 4.75511 0.06453  -1.59465 0.58023  123 DA B "C3'" 
517 O "O3'" . DA B 5  ? 4.14614 4.25264 4.59281 0.02941  -1.66630 0.63951  123 DA B "O3'" 
518 C "C2'" . DA B 5  ? 4.32601 3.94304 4.84747 0.20918  -1.43925 0.70569  123 DA B "C2'" 
519 C "C1'" . DA B 5  ? 4.62978 3.71269 4.69371 0.20332  -1.45792 0.78678  123 DA B "C1'" 
520 N N9    . DA B 5  ? 4.82584 3.49806 4.78478 0.31155  -1.33426 0.86214  123 DA B N9    
521 C C8    . DA B 5  ? 4.71791 3.41364 4.96107 0.35064  -1.26802 0.80283  123 DA B C8    
522 N N7    . DA B 5  ? 4.94757 3.22117 5.00626 0.45564  -1.15978 0.90136  123 DA B N7    
523 C C5    . DA B 5  ? 5.22972 3.17512 4.84867 0.48196  -1.15406 1.02800  123 DA B C5    
524 C C6    . DA B 5  ? 5.56196 3.00072 4.81139 0.57724  -1.05949 1.16612  123 DA B C6    
525 N N6    . DA B 5  ? 5.66105 2.83649 4.92704 0.67248  -0.95538 1.20573  123 DA B N6    
526 N N1    . DA B 5  ? 5.79271 3.00580 4.65968 0.57198  -1.06927 1.26242  123 DA B N1    
527 C C2    . DA B 5  ? 5.69224 3.17418 4.55253 0.48286  -1.16821 1.22926  123 DA B C2    
528 N N3    . DA B 5  ? 5.38205 3.35113 4.56466 0.39248  -1.26943 1.10769  123 DA B N3    
529 C C4    . DA B 5  ? 5.16154 3.34140 4.71605 0.39451  -1.25697 1.00709  123 DA B C4    
530 P P     . DC B 6  ? 4.17968 4.21531 4.47128 0.13826  -1.57186 0.79036  124 DC B P     
531 O OP1   . DC B 6  ? 4.16041 4.39079 4.31860 0.07343  -1.66857 0.81417  124 DC B OP1   
532 O OP2   . DC B 6  ? 4.01550 4.32898 4.67982 0.22083  -1.46649 0.76764  124 DC B OP2   
533 O "O5'" . DC B 6  ? 4.57398 3.93984 4.40094 0.21667  -1.48857 0.93612  124 DC B "O5'" 
534 C "C5'" . DC B 6  ? 4.83682 3.92996 4.29480 0.26490  -1.44839 1.08458  124 DC B "C5'" 
535 C "C4'" . DC B 6  ? 4.97047 3.89517 4.42035 0.41414  -1.28684 1.20646  124 DC B "C4'" 
536 O "O4'" . DC B 6  ? 5.10208 3.65698 4.50255 0.47756  -1.20390 1.21848  124 DC B "O4'" 
537 C "C3'" . DC B 6  ? 4.69588 4.12911 4.58322 0.46258  -1.24136 1.16852  124 DC B "C3'" 
538 O "O3'" . DC B 6  ? 4.81983 4.23973 4.58757 0.55649  -1.15416 1.31401  124 DC B "O3'" 
539 C "C2'" . DC B 6  ? 4.66115 3.98602 4.75749 0.53210  -1.14676 1.13117  124 DC B "C2'" 
540 C "C1'" . DC B 6  ? 5.02415 3.70498 4.68185 0.58864  -1.08465 1.24887  124 DC B "C1'" 
541 N N1    . DC B 6  ? 5.07158 3.49653 4.80368 0.64867  -1.00623 1.23073  124 DC B N1    
542 C C2    . DC B 6  ? 5.39839 3.27483 4.78308 0.74081  -0.90773 1.35916  124 DC B C2    
543 O O2    . DC B 6  ? 5.64504 3.25025 4.66716 0.76176  -0.88688 1.47608  124 DC B O2    
544 N N3    . DC B 6  ? 5.43933 3.09853 4.89680 0.80347  -0.83361 1.35131  124 DC B N3    
545 C C4    . DC B 6  ? 5.17259 3.13296 5.03852 0.77852  -0.84629 1.22411  124 DC B C4    
546 N N4    . DC B 6  ? 5.22733 2.95733 5.15899 0.84934  -0.76234 1.22963  124 DC B N4    
547 C C5    . DC B 6  ? 4.84161 3.35502 5.07221 0.68033  -0.93896 1.08530  124 DC B C5    
548 C C6    . DC B 6  ? 4.80032 3.53438 4.94771 0.61874  -1.01965 1.09335  124 DC B C6    
549 P P     . DA B 7  ? 4.69514 4.41133 4.39852 0.51182  -1.22335 1.35683  125 DA B P     
550 O OP1   . DA B 7  ? 4.65812 4.38494 4.24378 0.37269  -1.37408 1.26726  125 DA B OP1   
551 O OP2   . DA B 7  ? 4.42089 4.71345 4.52182 0.54582  -1.20017 1.32740  125 DA B OP2   
552 O "O5'" . DA B 7  ? 5.06571 4.31006 4.34051 0.61023  -1.11142 1.56078  125 DA B "O5'" 
553 C "C5'" . DA B 7  ? 5.38914 4.01160 4.27442 0.62407  -1.06975 1.62059  125 DA B "C5'" 
554 C "C4'" . DA B 7  ? 5.62163 3.89462 4.37273 0.77318  -0.89814 1.76680  125 DA B "C4'" 
555 O "O4'" . DA B 7  ? 5.56814 3.74253 4.49116 0.81567  -0.85213 1.70678  125 DA B "O4'" 
556 C "C3'" . DA B 7  ? 5.54127 4.12782 4.47156 0.87428  -0.80725 1.86610  125 DA B "C3'" 
557 O "O3'" . DA B 7  ? 5.86947 4.01858 4.47833 0.98545  -0.66686 2.04680  125 DA B "O3'" 
558 C "C2'" . DA B 7  ? 5.29694 4.17561 4.64043 0.91823  -0.77243 1.77960  125 DA B "C2'" 
559 C "C1'" . DA B 7  ? 5.46019 3.85820 4.65126 0.92627  -0.74568 1.75205  125 DA B "C1'" 
560 N N9    . DA B 7  ? 5.21729 3.83863 4.78209 0.91180  -0.76039 1.61308  125 DA B N9    
561 C C8    . DA B 7  ? 4.86336 4.03743 4.84430 0.83132  -0.84703 1.45663  125 DA B C8    
562 N N7    . DA B 7  ? 4.72379 3.95635 4.98147 0.83607  -0.82377 1.35391  125 DA B N7    
563 C C5    . DA B 7  ? 5.00010 3.68863 5.00141 0.92960  -0.72162 1.45507  125 DA B C5    
564 C C6    . DA B 7  ? 5.02570 3.49318 5.12950 0.98709  -0.64657 1.42969  125 DA B C6    
565 N N6    . DA B 7  ? 4.76122 3.53348 5.27823 0.95490  -0.65679 1.28624  125 DA B N6    
566 N N1    . DA B 7  ? 5.33901 3.25943 5.10831 1.08003  -0.55320 1.55822  125 DA B N1    
567 C C2    . DA B 7  ? 5.61161 3.22105 4.97593 1.10698  -0.53160 1.69435  125 DA B C2    
568 N N3    . DA B 7  ? 5.62579 3.38181 4.86001 1.05953  -0.58641 1.73270  125 DA B N3    
569 C C4    . DA B 7  ? 5.30582 3.61525 4.87630 0.97351  -0.68411 1.61045  125 DA B C4    
570 P P     . DG C 1  ? 8.39103 5.04222 3.44913 -1.57945 -2.16591 0.91996  209 DG C P     
571 O OP1   . DG C 1  ? 8.24741 5.38944 3.46509 -1.69585 -2.17771 0.92742  209 DG C OP1   
572 O OP2   . DG C 1  ? 8.66998 4.91232 3.53192 -1.44497 -2.16566 1.02095  209 DG C OP2   
573 O "O5'" . DG C 1  ? 8.30900 4.64791 3.40205 -1.66578 -2.16904 0.80049  209 DG C "O5'" 
574 C "C5'" . DG C 1  ? 8.18834 4.48176 3.32672 -1.63046 -2.13336 0.70341  209 DG C "C5'" 
575 C "C4'" . DG C 1  ? 8.41547 4.10814 3.33676 -1.50190 -2.13426 0.71208  209 DG C "C4'" 
576 O "O4'" . DG C 1  ? 8.42792 3.73498 3.32979 -1.56456 -2.14622 0.64660  209 DG C "O4'" 
577 C "C3'" . DG C 1  ? 8.38039 4.04138 3.27668 -1.39226 -2.09342 0.66704  209 DG C "C3'" 
578 O "O3'" . DG C 1  ? 8.47057 4.28487 3.30539 -1.26465 -2.07201 0.76160  209 DG C "O3'" 
579 C "C2'" . DG C 1  ? 8.55182 3.59452 3.28659 -1.31627 -2.09327 0.62246  209 DG C "C2'" 
580 C "C1'" . DG C 1  ? 8.47159 3.43239 3.28703 -1.46758 -2.12029 0.58244  209 DG C "C1'" 
581 N N9    . DG C 1  ? 8.19540 3.40242 3.21118 -1.52990 -2.06856 0.50795  209 DG C N9    
582 C C8    . DG C 1  ? 7.89756 3.63746 3.19467 -1.64797 -2.03163 0.46118  209 DG C C8    
583 N N7    . DG C 1  ? 7.62241 3.60013 3.14467 -1.64284 -1.95244 0.35118  209 DG C N7    
584 C C5    . DG C 1  ? 7.76946 3.32144 3.11142 -1.52248 -1.94764 0.35293  209 DG C C5    
585 C C6    . DG C 1  ? 7.58349 3.18594 3.06162 -1.45204 -1.86719 0.25657  209 DG C C6    
586 O O6    . DG C 1  ? 7.22183 3.28554 3.05557 -1.48607 -1.77483 0.12740  209 DG C O6    
587 N N1    . DG C 1  ? 7.84974 2.91174 3.03407 -1.31462 -1.88909 0.30956  209 DG C N1    
588 C C2    . DG C 1  ? 8.23795 2.75836 3.08059 -1.25367 -1.96797 0.40258  209 DG C C2    
589 N N2    . DG C 1  ? 8.32644 2.60133 3.06869 -1.07374 -1.92395 0.35723  209 DG C N2    
590 N N3    . DG C 1  ? 8.36372 2.90670 3.15361 -1.31775 -2.02766 0.44273  209 DG C N3    
591 C C4    . DG C 1  ? 8.13437 3.18236 3.15210 -1.45217 -2.02075 0.44632  209 DG C C4    
592 P P     . DG C 2  ? 8.53110 4.88702 3.49996 -1.26372 -2.04960 0.73872  210 DG C P     
593 O OP1   . DG C 2  ? 8.59473 5.25626 3.55701 -1.21159 -2.04937 0.86540  210 DG C OP1   
594 O OP2   . DG C 2  ? 8.23471 4.95012 3.44384 -1.42360 -2.04873 0.59077  210 DG C OP2   
595 O "O5'" . DG C 2  ? 8.61747 4.67836 3.46779 -1.10593 -2.00533 0.72445  210 DG C "O5'" 
596 C "C5'" . DG C 2  ? 8.85777 4.50583 3.54407 -0.92580 -1.96487 0.81753  210 DG C "C5'" 
597 C "C4'" . DG C 2  ? 8.92913 4.07685 3.52502 -0.85731 -1.93808 0.72890  210 DG C "C4'" 
598 O "O4'" . DG C 2  ? 8.81141 3.89308 3.46106 -1.01928 -1.98531 0.61476  210 DG C "O4'" 
599 C "C3'" . DG C 2  ? 8.90611 4.00926 3.47746 -0.74040 -1.88281 0.69813  210 DG C "C3'" 
600 O "O3'" . DG C 2  ? 9.03783 3.69355 3.52319 -0.58610 -1.81859 0.66696  210 DG C "O3'" 
601 C "C2'" . DG C 2  ? 8.70060 3.97503 3.36414 -0.89414 -1.92040 0.56248  210 DG C "C2'" 
602 C "C1'" . DG C 2  ? 8.69737 3.76083 3.37695 -1.01727 -1.96245 0.51452  210 DG C "C1'" 
603 N N9    . DG C 2  ? 8.41451 3.88100 3.33068 -1.20008 -1.97523 0.41111  210 DG C N9    
604 C C8    . DG C 2  ? 8.25501 4.15913 3.35720 -1.34162 -1.99636 0.41563  210 DG C C8    
605 N N7    . DG C 2  ? 7.93874 4.23282 3.34295 -1.45572 -1.95360 0.28433  210 DG C N7    
606 C C5    . DG C 2  ? 7.87790 3.99766 3.30913 -1.39145 -1.90156 0.18822  210 DG C C5    
607 C C6    . DG C 2  ? 7.53448 3.97069 3.31447 -1.43396 -1.80770 0.02497  210 DG C C6    
608 O O6    . DG C 2  ? 7.20808 4.15017 3.34632 -1.53001 -1.75055 -0.07252 210 DG C O6    
609 N N1    . DG C 2  ? 7.58491 3.70786 3.29352 -1.32438 -1.76283 -0.02498 210 DG C N1    
610 C C2    . DG C 2  ? 7.94757 3.48478 3.25783 -1.18327 -1.80907 0.07005  210 DG C C2    
611 N N2    . DG C 2  ? 7.94374 3.24899 3.24875 -1.07433 -1.74083 0.00312  210 DG C N2    
612 N N3    . DG C 2  ? 8.26426 3.50592 3.25331 -1.12735 -1.88927 0.21949  210 DG C N3    
613 C C4    . DG C 2  ? 8.19523 3.77235 3.28753 -1.23988 -1.92751 0.26997  210 DG C C4    
614 P P     . DC C 3  ? 9.44060 4.04723 3.91629 -0.36982 -1.71363 0.72368  211 DC C P     
615 O OP1   . DC C 3  ? 9.56178 3.99975 4.02648 -0.24375 -1.65495 0.76123  211 DC C OP1   
616 O OP2   . DC C 3  ? 9.37849 4.38591 3.89242 -0.37866 -1.72528 0.80939  211 DC C OP2   
617 O "O5'" . DC C 3  ? 9.39146 3.75208 3.84757 -0.32117 -1.66987 0.59898  211 DC C "O5'" 
618 C "C5'" . DC C 3  ? 9.27743 3.67381 3.72873 -0.47341 -1.73643 0.50816  211 DC C "C5'" 
619 C "C4'" . DC C 3  ? 9.22962 3.62030 3.67582 -0.39712 -1.68515 0.47451  211 DC C "C4'" 
620 O "O4'" . DC C 3  ? 8.98544 3.64114 3.60425 -0.57602 -1.71387 0.30650  211 DC C "O4'" 
621 C "C3'" . DC C 3  ? 9.20719 3.94600 3.69374 -0.32337 -1.65684 0.56317  211 DC C "C3'" 
622 O "O3'" . DC C 3  ? 9.18382 3.80347 3.77929 -0.14840 -1.52082 0.53139  211 DC C "O3'" 
623 C "C2'" . DC C 3  ? 8.83795 4.27604 3.70105 -0.52963 -1.66453 0.40048  211 DC C "C2'" 
624 C "C1'" . DC C 3  ? 8.68732 3.99968 3.67572 -0.62438 -1.64625 0.21934  211 DC C "C1'" 
625 N N1    . DC C 3  ? 8.40512 4.20628 3.63764 -0.86461 -1.70401 0.07151  211 DC C N1    
626 C C2    . DC C 3  ? 8.08972 4.17545 3.67430 -0.95480 -1.63094 -0.14410 211 DC C C2    
627 O O2    . DC C 3  ? 8.05457 3.97161 3.74126 -0.83188 -1.51654 -0.20585 211 DC C O2    
628 N N3    . DC C 3  ? 7.83340 4.37002 3.63949 -1.17357 -1.68536 -0.27822 211 DC C N3    
629 C C4    . DC C 3  ? 7.83377 4.59401 3.61983 -1.26840 -1.75923 -0.18452 211 DC C C4    
630 N N4    . DC C 3  ? 7.47840 4.79080 3.67721 -1.40639 -1.71262 -0.28559 211 DC C N4    
631 C C5    . DC C 3  ? 8.17267 4.62754 3.57374 -1.19125 -1.84715 0.02768  211 DC C C5    
632 C C6    . DC C 3  ? 8.45558 4.43262 3.57374 -0.99246 -1.82375 0.14938  211 DC C C6    
633 P P     . DA C 4  ? 9.06527 4.18569 3.94674 -0.06711 -1.41580 0.52266  212 DA C P     
634 O OP1   . DA C 4  ? 9.23301 3.95967 4.01413 0.16676  -1.31041 0.59454  212 DA C OP1   
635 O OP2   . DA C 4  ? 9.08499 4.57208 3.92787 -0.12922 -1.49538 0.63028  212 DA C OP2   
636 O "O5'" . DA C 4  ? 8.64886 4.30565 4.00027 -0.20951 -1.34434 0.27729  212 DA C "O5'" 
637 C "C5'" . DA C 4  ? 8.40216 4.59485 4.11378 -0.18127 -1.24318 0.19821  212 DA C "C5'" 
638 C "C4'" . DA C 4  ? 8.06952 4.54464 4.17642 -0.27057 -1.15361 -0.03520 212 DA C "C4'" 
639 O "O4'" . DA C 4  ? 8.01243 4.39129 4.08081 -0.44337 -1.23485 -0.12796 212 DA C "O4'" 
640 C "C3'" . DA C 4  ? 7.71622 4.95798 4.26581 -0.36979 -1.10680 -0.17326 212 DA C "C3'" 
641 O "O3'" . DA C 4  ? 7.65605 5.01627 4.40436 -0.20725 -0.97063 -0.18417 212 DA C "O3'" 
642 C "C2'" . DA C 4  ? 7.43313 4.88655 4.25706 -0.54927 -1.09850 -0.38971 212 DA C "C2'" 
643 C "C1'" . DA C 4  ? 7.64123 4.62135 4.11433 -0.62376 -1.21778 -0.32624 212 DA C "C1'" 
644 N N9    . DA C 4  ? 7.60323 4.88050 4.02469 -0.80433 -1.35174 -0.30603 212 DA C N9    
645 C C8    . DA C 4  ? 7.85200 4.98648 3.95018 -0.79278 -1.46014 -0.11930 212 DA C C8    
646 N N7    . DA C 4  ? 7.74916 5.22667 3.88515 -0.97842 -1.56277 -0.14499 212 DA C N7    
647 C C5    . DA C 4  ? 7.40674 5.28272 3.91466 -1.12310 -1.52220 -0.36681 212 DA C C5    
648 C C6    . DA C 4  ? 7.15274 5.50945 3.87578 -1.34572 -1.58620 -0.49858 212 DA C C6    
649 N N6    . DA C 4  ? 7.21231 5.73159 3.79615 -1.46280 -1.70752 -0.41749 212 DA C N6    
650 N N1    . DA C 4  ? 6.83641 5.50080 3.92709 -1.44186 -1.51768 -0.71586 212 DA C N1    
651 C C2    . DA C 4  ? 6.78171 5.28008 4.01657 -1.32130 -1.38999 -0.79198 212 DA C C2    
652 N N3    . DA C 4  ? 7.00212 5.05629 4.06179 -1.10905 -1.31679 -0.68132 212 DA C N3    
653 C C4    . DA C 4  ? 7.31209 5.07095 4.00331 -1.01925 -1.39156 -0.46882 212 DA C C4    
654 P P     . DT C 5  ? 7.48987 4.79804 4.53456 -0.14431 -0.81555 -0.34704 213 DT C P     
655 O OP1   . DT C 5  ? 7.64213 4.35289 4.46147 -0.12636 -0.82416 -0.34996 213 DT C OP1   
656 O OP2   . DT C 5  ? 7.52771 4.87142 4.66345 0.04873  -0.70035 -0.28871 213 DT C OP2   
657 O "O5'" . DT C 5  ? 7.06652 5.07566 4.59474 -0.34297 -0.79318 -0.57920 213 DT C "O5'" 
658 C "C5'" . DT C 5  ? 6.86186 4.86501 4.63374 -0.41473 -0.72194 -0.76473 213 DT C "C5'" 
659 C "C4'" . DT C 5  ? 6.47531 5.18474 4.68193 -0.61429 -0.72328 -0.96695 213 DT C "C4'" 
660 O "O4'" . DT C 5  ? 6.47674 5.37248 4.54815 -0.79033 -0.87761 -0.94043 213 DT C "O4'" 
661 C "C3'" . DT C 5  ? 6.26820 5.57470 4.82742 -0.58072 -0.64900 -1.02330 213 DT C "C3'" 
662 O "O3'" . DT C 5  ? 5.90338 5.67418 4.93952 -0.69071 -0.56616 -1.25645 213 DT C "O3'" 
663 C "C2'" . DT C 5  ? 6.29319 5.94731 4.73980 -0.68007 -0.78411 -0.93987 213 DT C "C2'" 
664 C "C1'" . DT C 5  ? 6.26393 5.83723 4.60173 -0.87099 -0.89482 -0.99315 213 DT C "C1'" 
665 N N1    . DT C 5  ? 6.40840 6.04141 4.47110 -0.95567 -1.04714 -0.86023 213 DT C N1    
666 C C2    . DT C 5  ? 6.20751 6.26596 4.40933 -1.17121 -1.13597 -0.96414 213 DT C C2    
667 O O2    . DT C 5  ? 5.91187 6.30456 4.45275 -1.30068 -1.09946 -1.16484 213 DT C O2    
668 N N3    . DT C 5  ? 6.36955 6.44578 4.29877 -1.22833 -1.26757 -0.82131 213 DT C N3    
669 C C4    . DT C 5  ? 6.70399 6.42261 4.24895 -1.09524 -1.31713 -0.59123 213 DT C C4    
670 O O4    . DT C 5  ? 6.83096 6.59508 4.15920 -1.15904 -1.43146 -0.47324 213 DT C O4    
671 C C5    . DT C 5  ? 6.89615 6.18268 4.31560 -0.87369 -1.22172 -0.49730 213 DT C C5    
672 C C7    . DT C 5  ? 7.26078 6.13655 4.27249 -0.71504 -1.26447 -0.25143 213 DT C C7    
673 C C6    . DT C 5  ? 6.74116 6.00755 4.42087 -0.81468 -1.09296 -0.63401 213 DT C C6    
674 P P     . DG C 6  ? 5.78913 5.99089 5.26012 -0.59984 -0.41651 -1.36273 214 DG C P     
675 O OP1   . DG C 6  ? 5.78331 5.62976 5.36112 -0.48880 -0.27297 -1.42613 214 DG C OP1   
676 O OP2   . DG C 6  ? 5.93974 6.24872 5.27969 -0.47839 -0.43797 -1.20716 214 DG C OP2   
677 O "O5'" . DG C 6  ? 5.38863 6.34327 5.31629 -0.81227 -0.43056 -1.58560 214 DG C "O5'" 
678 C "C5'" . DG C 6  ? 5.23307 6.22834 5.24287 -0.99795 -0.47661 -1.72139 214 DG C "C5'" 
679 C "C4'" . DG C 6  ? 4.97700 6.64765 5.21865 -1.19996 -0.56623 -1.83486 214 DG C "C4'" 
680 O "O4'" . DG C 6  ? 5.18136 6.74557 5.04270 -1.25985 -0.72532 -1.67816 214 DG C "O4'" 
681 C "C3'" . DG C 6  ? 4.76621 7.08485 5.37118 -1.17726 -0.51282 -1.91002 214 DG C "C3'" 
682 O "O3'" . DG C 6  ? 4.39590 7.31322 5.44637 -1.35068 -0.49687 -2.14107 214 DG C "O3'" 
683 C "C2'" . DG C 6  ? 4.94268 7.38006 5.26612 -1.16854 -0.63852 -1.73756 214 DG C "C2'" 
684 C "C1'" . DG C 6  ? 5.09066 7.21545 5.06658 -1.29358 -0.77587 -1.66277 214 DG C "C1'" 
685 N N9    . DG C 6  ? 5.41927 7.24328 4.94437 -1.21778 -0.87815 -1.42443 214 DG C N9    
686 C C8    . DG C 6  ? 5.72318 7.05926 4.94680 -1.01388 -0.84611 -1.23656 214 DG C C8    
687 N N7    . DG C 6  ? 5.97936 7.13467 4.83104 -0.98890 -0.95523 -1.04333 214 DG C N7    
688 C C5    . DG C 6  ? 5.83846 7.38966 4.74696 -1.18780 -1.06557 -1.10336 214 DG C C5    
689 C C6    . DG C 6  ? 5.99880 7.57220 4.61860 -1.25364 -1.20363 -0.96012 214 DG C C6    
690 O O6    . DG C 6  ? 6.30538 7.54048 4.55518 -1.14632 -1.25663 -0.74712 214 DG C O6    
691 N N1    . DG C 6  ? 5.76854 7.81300 4.57050 -1.46499 -1.27937 -1.08564 214 DG C N1    
692 C C2    . DG C 6  ? 5.42364 7.86862 4.63659 -1.59775 -1.23026 -1.32379 214 DG C C2    
693 N N2    . DG C 6  ? 5.30818 7.92985 4.69338 -1.64438 -1.22338 -1.29996 214 DG C N2    
694 N N3    . DG C 6  ? 5.26783 7.69694 4.76200 -1.53930 -1.09968 -1.46255 214 DG C N3    
695 C C4    . DG C 6  ? 5.49244 7.46075 4.81119 -1.33179 -1.02228 -1.33879 214 DG C C4    
696 P P     . DC C 7  ? 3.99546 7.61624 5.48655 -1.33359 -0.42471 -2.24774 215 DC C P     
697 O OP1   . DC C 7  ? 3.80776 7.47999 5.59899 -1.30382 -0.26114 -2.31718 215 DC C OP1   
698 O OP2   . DC C 7  ? 4.15353 7.64578 5.58023 -1.13304 -0.35963 -2.14145 215 DC C OP2   
699 O "O5'" . DC C 7  ? 4.05499 7.93593 5.38585 -1.38102 -0.52395 -2.10417 215 DC C "O5'" 
700 C "C5'" . DC C 7  ? 4.06474 7.80957 5.30331 -1.43643 -0.53000 -2.01661 215 DC C "C5'" 
701 C "C4'" . DC C 7  ? 4.14457 8.11836 5.24099 -1.47141 -0.62343 -1.89964 215 DC C "C4'" 
702 O "O4'" . DC C 7  ? 4.37118 8.06403 5.07814 -1.51692 -0.78032 -1.77608 215 DC C "O4'" 
703 C "C3'" . DC C 7  ? 4.09512 8.55892 5.33891 -1.42062 -0.61221 -1.92568 215 DC C "C3'" 
704 O "O3'" . DC C 7  ? 3.94853 8.67601 5.46092 -1.38653 -0.48594 -2.00430 215 DC C "O3'" 
705 C "C2'" . DC C 7  ? 4.26343 8.77505 5.21928 -1.46306 -0.75088 -1.77281 215 DC C "C2'" 
706 C "C1'" . DC C 7  ? 4.45171 8.44833 5.05080 -1.51584 -0.86276 -1.68522 215 DC C "C1'" 
707 N N1    . DC C 7  ? 4.65077 8.53326 4.93077 -1.48807 -0.98341 -1.62392 215 DC C N1    
708 C C2    . DC C 7  ? 4.87830 8.70266 4.78379 -1.50220 -1.12203 -1.44764 215 DC C C2    
709 O O2    . DC C 7  ? 4.88184 8.77936 4.79135 -1.54756 -1.13672 -1.37243 215 DC C O2    
710 N N3    . DC C 7  ? 5.19539 8.57188 4.74455 -1.33591 -1.12958 -1.24550 215 DC C N3    
711 C C4    . DC C 7  ? 5.27563 8.29950 4.83966 -1.17048 -1.01310 -1.22935 215 DC C C4    
712 N N4    . DC C 7  ? 5.60195 8.15571 4.80969 -0.99431 -1.01332 -1.01469 215 DC C N4    
713 C C5    . DC C 7  ? 5.02747 8.16174 4.97524 -1.17646 -0.88797 -1.43100 215 DC C C5    
714 C C6    . DC C 7  ? 4.70489 8.31507 5.00502 -1.35609 -0.89243 -1.64295 215 DC C C6    
715 O "O5'" . DT D 1  ? 5.17995 8.79928 7.18652 1.87462  -2.80821 1.26824  103 DT D "O5'" 
716 C "C5'" . DT D 1  ? 5.16517 8.97721 7.04889 1.83146  -2.77945 1.22535  103 DT D "C5'" 
717 C "C4'" . DT D 1  ? 5.09140 8.77127 6.90208 1.73416  -2.80483 1.17269  103 DT D "C4'" 
718 O "O4'" . DT D 1  ? 5.06759 8.58821 6.76026 1.68844  -2.82246 1.11344  103 DT D "O4'" 
719 C "C3'" . DT D 1  ? 5.05301 8.51355 7.00404 1.70721  -2.85878 1.20549  103 DT D "C3'" 
720 O "O3'" . DT D 1  ? 5.01331 8.48226 6.93599 1.63981  -2.87744 1.17382  103 DT D "O3'" 
721 C "C2'" . DT D 1  ? 5.01275 8.22196 6.94129 1.65120  -2.86894 1.20298  103 DT D "C2'" 
722 C "C1'" . DT D 1  ? 4.98630 8.29099 6.74308 1.60509  -2.85134 1.15471  103 DT D "C1'" 
723 N N1    . DT D 1  ? 4.96403 8.08703 6.70649 1.54438  -2.85372 1.18475  103 DT D N1    
724 C C2    . DT D 1  ? 4.93822 8.04975 6.56296 1.46446  -2.85775 1.15997  103 DT D C2    
725 O O2    . DT D 1  ? 4.94661 8.16225 6.46669 1.45639  -2.87300 1.08941  103 DT D O2    
726 N N3    . DT D 1  ? 4.91390 7.84193 6.56189 1.36607  -2.83552 1.23046  103 DT D N3    
727 C C4    . DT D 1  ? 4.91916 7.67585 6.67952 1.35604  -2.81766 1.29752  103 DT D C4    
728 O O4    . DT D 1  ? 4.88980 7.50668 6.66461 1.25916  -2.79382 1.36334  103 DT D O4    
729 C C5    . DT D 1  ? 4.96446 7.70373 6.83473 1.45472  -2.82812 1.29168  103 DT D C5    
730 C C7    . DT D 1  ? 4.99288 7.50763 6.99258 1.45175  -2.82121 1.34338  103 DT D C7    
731 C C6    . DT D 1  ? 4.98336 7.89972 6.84577 1.53644  -2.84399 1.24403  103 DT D C6    
732 P P     . DG D 2  ? 5.05017 8.43176 7.11790 1.66354  -2.93332 1.17218  104 DG D P     
733 O OP1   . DG D 2  ? 5.12023 8.63841 7.31677 1.76482  -2.94328 1.22694  104 DG D OP1   
734 O OP2   . DG D 2  ? 5.06439 8.03457 7.17034 1.60666  -2.95364 1.11456  104 DG D OP2   
735 O "O5'" . DG D 2  ? 5.01631 8.56251 7.00322 1.59219  -2.93674 1.14894  104 DG D "O5'" 
736 C "C5'" . DG D 2  ? 4.96347 8.35351 6.86987 1.50188  -2.94864 1.08798  104 DG D "C5'" 
737 C "C4'" . DG D 2  ? 4.91085 8.45253 6.63751 1.43346  -2.89451 1.06197  104 DG D "C4'" 
738 O "O4'" . DG D 2  ? 4.91099 8.42608 6.57780 1.45772  -2.86211 1.06009  104 DG D "O4'" 
739 C "C3'" . DG D 2  ? 4.84304 8.24140 6.49622 1.33803  -2.91478 1.01081  104 DG D "C3'" 
740 O "O3'" . DG D 2  ? 4.84248 8.41498 6.37503 1.28815  -2.88225 0.96657  104 DG D "O3'" 
741 C "C2'" . DG D 2  ? 4.80814 8.01068 6.40509 1.28023  -2.89291 1.00641  104 DG D "C2'" 
742 C "C1'" . DG D 2  ? 4.84600 8.18520 6.43883 1.37409  -2.87393 1.03140  104 DG D "C1'" 
743 N N9    . DG D 2  ? 4.84762 7.94194 6.51986 1.35463  -2.87364 1.07873  104 DG D N9    
744 C C8    . DG D 2  ? 4.89202 7.80981 6.70700 1.39002  -2.88657 1.11135  104 DG D C8    
745 N N7    . DG D 2  ? 4.88864 7.59221 6.74310 1.34982  -2.87489 1.14623  104 DG D N7    
746 C C5    . DG D 2  ? 4.83519 7.57252 6.57565 1.27138  -2.85230 1.15110  104 DG D C5    
747 C C6    . DG D 2  ? 4.80315 7.37219 6.54081 1.18086  -2.82906 1.20285  104 DG D C6    
748 O O6    . DG D 2  ? 4.81287 7.18436 6.64360 1.16017  -2.82249 1.25006  104 DG D O6    
749 N N1    . DG D 2  ? 4.75915 7.39847 6.37871 1.10050  -2.81263 1.20007  104 DG D N1    
750 C C2    . DG D 2  ? 4.75811 7.58284 6.26873 1.11591  -2.82483 1.13578  104 DG D C2    
751 N N2    . DG D 2  ? 4.72615 7.54485 6.14475 1.01468  -2.80906 1.14784  104 DG D N2    
752 N N3    . DG D 2  ? 4.78745 7.78491 6.28977 1.21168  -2.84820 1.07399  104 DG D N3    
753 C C4    . DG D 2  ? 4.81790 7.77358 6.44277 1.27826  -2.85577 1.09862  104 DG D C4    
754 P P     . DA D 3  ? 4.98990 8.66222 6.33037 1.28335  -2.82985 0.88103  105 DA D P     
755 O OP1   . DA D 3  ? 5.05250 8.77876 6.37174 1.37665  -2.81394 0.86660  105 DA D OP1   
756 O OP2   . DA D 3  ? 5.00625 8.85123 6.26192 1.25824  -2.80542 0.83273  105 DA D OP2   
757 O "O5'" . DA D 3  ? 4.91786 8.33928 6.21784 1.18651  -2.85966 0.86444  105 DA D "O5'" 
758 C "C5'" . DA D 3  ? 4.92638 8.27762 6.11182 1.14704  -2.86700 0.81528  105 DA D "C5'" 
759 C "C4'" . DA D 3  ? 4.83597 7.96185 6.05038 1.01026  -2.86359 0.89216  105 DA D "C4'" 
760 O "O4'" . DA D 3  ? 4.83353 7.83815 6.14000 1.01451  -2.84825 0.96754  105 DA D "O4'" 
761 C "C3'" . DA D 3  ? 4.78448 7.73003 6.04830 0.90553  -2.85186 0.91282  105 DA D "C3'" 
762 O "O3'" . DA D 3  ? 4.75625 7.69618 5.92464 0.81553  -2.84570 0.87452  105 DA D "O3'" 
763 C "C2'" . DA D 3  ? 4.74467 7.39046 6.09425 0.80317  -2.82888 0.99633  105 DA D "C2'" 
764 C "C1'" . DA D 3  ? 4.76995 7.49100 6.12509 0.86403  -2.82007 1.03253  105 DA D "C1'" 
765 N N9    . DA D 3  ? 4.78096 7.33543 6.25919 0.88279  -2.82054 1.08483  105 DA D N9    
766 C C8    . DA D 3  ? 4.82742 7.35009 6.40725 0.97056  -2.84805 1.07197  105 DA D C8    
767 N N7    . DA D 3  ? 4.83996 7.15962 6.52201 0.96434  -2.84688 1.11723  105 DA D N7    
768 C C5    . DA D 3  ? 4.78827 7.02167 6.43374 0.86034  -2.81239 1.17211  105 DA D C5    
769 C C6    . DA D 3  ? 4.76970 6.80478 6.48354 0.79761  -2.79224 1.23993  105 DA D C6    
770 N N6    . DA D 3  ? 4.81052 6.68220 6.64335 0.84237  -2.80885 1.25052  105 DA D N6    
771 N N1    . DA D 3  ? 4.71007 6.71625 6.37002 0.68045  -2.75276 1.29837  105 DA D N1    
772 C C2    . DA D 3  ? 4.67902 6.82668 6.22494 0.63055  -2.73606 1.28619  105 DA D C2    
773 N N3    . DA D 3  ? 4.69988 7.02312 6.16966 0.68601  -2.75672 1.21365  105 DA D N3    
774 C C4    . DA D 3  ? 4.75147 7.12026 6.27544 0.80344  -2.79454 1.15860  105 DA D C4    
775 P P     . DC D 4  ? 4.94559 7.80184 6.02738 0.68428  -2.81371 0.91035  106 DC D P     
776 O OP1   . DC D 4  ? 5.00618 8.00223 6.02774 0.75146  -2.83364 0.89052  106 DC D OP1   
777 O OP2   . DC D 4  ? 4.91739 7.73556 5.94241 0.59542  -2.80636 0.88192  106 DC D OP2   
778 O "O5'" . DC D 4  ? 4.87920 7.47702 6.03829 0.55626  -2.77000 1.02073  106 DC D "O5'" 
779 C "C5'" . DC D 4  ? 4.84418 7.40148 5.96933 0.45365  -2.72518 1.10102  106 DC D "C5'" 
780 C "C4'" . DC D 4  ? 4.77303 7.07155 5.97626 0.32195  -2.68495 1.19697  106 DC D "C4'" 
781 O "O4'" . DC D 4  ? 4.80078 7.02301 6.10803 0.40508  -2.70903 1.20398  106 DC D "O4'" 
782 C "C3'" . DC D 4  ? 4.72039 6.80242 5.94784 0.20542  -2.67543 1.20458  106 DC D "C3'" 
783 O "O3'" . DC D 4  ? 4.65456 6.68746 5.81668 0.04404  -2.61843 1.26793  106 DC D "O3'" 
784 C "C2'" . DC D 4  ? 4.70573 6.53184 6.05798 0.18259  -2.68399 1.24325  106 DC D "C2'" 
785 C "C1'" . DC D 4  ? 4.74749 6.68150 6.13639 0.28901  -2.69181 1.25973  106 DC D "C1'" 
786 N N1    . DC D 4  ? 4.79296 6.61238 6.29571 0.38069  -2.73185 1.23658  106 DC D N1    
787 C C2    . DC D 4  ? 4.77886 6.40743 6.37446 0.34173  -2.72023 1.29786  106 DC D C2    
788 O O2    . DC D 4  ? 4.72248 6.29636 6.30327 0.23052  -2.67529 1.37397  106 DC D O2    
789 N N3    . DC D 4  ? 4.83003 6.33837 6.53281 0.42326  -2.75685 1.27312  106 DC D N3    
790 C C4    . DC D 4  ? 4.88982 6.46204 6.61077 0.53296  -2.80018 1.19922  106 DC D C4    
791 N N4    . DC D 4  ? 4.94539 6.37747 6.77825 0.60377  -2.83295 1.17906  106 DC D N4    
792 C C5    . DC D 4  ? 4.89779 6.67764 6.52625 0.56970  -2.81050 1.14289  106 DC D C5    
793 C C6    . DC D 4  ? 4.84982 6.74609 6.37014 0.49449  -2.77715 1.15919  106 DC D C6    
794 P P     . DT D 5  ? 4.60930 6.41952 5.81562 -0.12650 -2.55923 1.38483  107 DT D P     
795 O OP1   . DT D 5  ? 4.61806 6.44215 5.87756 -0.08760 -2.55304 1.43209  107 DT D OP1   
796 O OP2   . DT D 5  ? 4.55806 6.41496 5.67488 -0.25963 -2.49993 1.43549  107 DT D OP2   
797 O "O5'" . DT D 5  ? 4.58485 6.10074 5.87509 -0.18503 -2.58067 1.37619  107 DT D "O5'" 
798 C "C5'" . DT D 5  ? 4.50703 5.78011 5.82604 -0.35711 -2.53591 1.45792  107 DT D "C5'" 
799 C "C4'" . DT D 5  ? 4.47304 5.64406 5.86298 -0.40476 -2.50925 1.53730  107 DT D "C4'" 
800 O "O4'" . DT D 5  ? 4.53557 5.71744 6.00260 -0.26443 -2.55998 1.49264  107 DT D "O4'" 
801 C "C3'" . DT D 5  ? 4.40585 5.26261 5.87097 -0.55347 -2.48654 1.59990  107 DT D "C3'" 
802 O "O3'" . DT D 5  ? 4.35212 5.19080 5.83981 -0.64038 -2.43487 1.69466  107 DT D "O3'" 
803 C "C2'" . DT D 5  ? 4.45464 5.13210 6.02968 -0.46866 -2.55189 1.53610  107 DT D "C2'" 
804 C "C1'" . DT D 5  ? 4.51963 5.40897 6.10196 -0.31159 -2.57732 1.50561  107 DT D "C1'" 
805 N N1    . DT D 5  ? 4.59812 5.45702 6.24532 -0.16971 -2.64495 1.41726  107 DT D N1    
806 C C2    . DT D 5  ? 4.62281 5.32639 6.38404 -0.13266 -2.66885 1.41907  107 DT D C2    
807 O O2    . DT D 5  ? 4.58112 5.17126 6.39485 -0.21035 -2.64017 1.48614  107 DT D O2    
808 N N3    . DT D 5  ? 4.69958 5.38527 6.51504 -0.00515 -2.72616 1.33909  107 DT D N3    
809 C C4    . DT D 5  ? 4.74878 5.56249 6.51739 0.08519  -2.76110 1.26171  107 DT D C4    
810 O O4    . DT D 5  ? 4.81687 5.60089 6.64477 0.19102  -2.80883 1.19816  107 DT D O4    
811 C C5    . DT D 5  ? 4.71630 5.70012 6.36450 0.04130  -2.73555 1.26118  107 DT D C5    
812 C C7    . DT D 5  ? 4.76241 5.90487 6.35325 0.12623  -2.76920 1.17887  107 DT D C7    
813 C C6    . DT D 5  ? 4.64592 5.64007 6.23964 -0.08131 -2.67940 1.33683  107 DT D C6    
814 P P     . DG D 6  ? 4.09775 4.77126 5.57970 -0.84542 -2.36498 1.79682  108 DG D P     
815 O OP1   . DG D 6  ? 4.06237 4.93617 5.47867 -0.89888 -2.29975 1.87375  108 DG D OP1   
816 O OP2   . DG D 6  ? 4.08500 4.64352 5.52888 -0.90672 -2.36722 1.77425  108 DG D OP2   
817 O "O5'" . DG D 6  ? 4.06734 4.46698 5.68427 -0.89959 -2.37697 1.82712  108 DG D "O5'" 
818 C "C5'" . DG D 6  ? 4.08021 4.21697 5.78041 -0.90235 -2.42571 1.77510  108 DG D "C5'" 
819 C "C4'" . DG D 6  ? 4.07259 4.02236 5.90925 -0.91006 -2.44771 1.78117  108 DG D "C4'" 
820 O "O4'" . DG D 6  ? 4.15838 4.10166 6.05165 -0.75673 -2.51800 1.68782  108 DG D "O4'" 
821 C "C3'" . DG D 6  ? 4.01142 3.63577 5.93940 -1.05172 -2.44594 1.80070  108 DG D "C3'" 
822 O "O3'" . DG D 6  ? 3.97980 3.48901 6.03090 -1.09193 -2.44821 1.82346  108 DG D "O3'" 
823 C "C2'" . DG D 6  ? 4.07415 3.56628 6.03386 -0.97404 -2.51339 1.70048  108 DG D "C2'" 
824 C "C1'" . DG D 6  ? 4.16487 3.84908 6.12600 -0.78710 -2.55921 1.63275  108 DG D "C1'" 
825 N N9    . DG D 6  ? 4.23299 4.01918 6.13078 -0.67681 -2.59954 1.55192  108 DG D N9    
826 C C8    . DG D 6  ? 4.22669 4.14151 6.00896 -0.69303 -2.57989 1.55102  108 DG D C8    
827 N N7    . DG D 6  ? 4.29399 4.29266 6.04861 -0.58025 -2.62709 1.46535  108 DG D N7    
828 C C5    . DG D 6  ? 4.35076 4.26499 6.20698 -0.48213 -2.67932 1.40969  108 DG D C5    
829 C C6    . DG D 6  ? 4.43499 4.38095 6.31620 -0.34463 -2.74055 1.31455  108 DG D C6    
830 O O6    . DG D 6  ? 4.47359 4.53985 6.29084 -0.28114 -2.76327 1.25726  108 DG D O6    
831 N N1    . DG D 6  ? 4.47556 4.29954 6.47178 -0.28460 -2.77489 1.28766  108 DG D N1    
832 C C2    . DG D 6  ? 4.43732 4.13410 6.51549 -0.34997 -2.75466 1.34160  108 DG D C2    
833 N N2    . DG D 6  ? 4.48978 4.08565 6.67652 -0.27849 -2.79305 1.30057  108 DG D N2    
834 N N3    . DG D 6  ? 4.35383 4.02792 6.41192 -0.48049 -2.69911 1.42944  108 DG D N3    
835 C C4    . DG D 6  ? 4.31575 4.09854 6.26061 -0.53943 -2.66316 1.46070  108 DG D C4    
836 P P     . DT D 7  ? 4.24155 3.61226 6.30875 -1.22025 -2.36727 1.84584  109 DT D P     
837 O OP1   . DT D 7  ? 4.20253 3.68839 6.29623 -1.24854 -2.32808 1.91001  109 DT D OP1   
838 O OP2   . DT D 7  ? 4.19317 3.59280 6.10193 -1.23975 -2.28330 1.82489  109 DT D OP2   
839 O "O5'" . DT D 7  ? 4.23604 3.45100 6.36497 -1.13614 -2.36930 1.70800  109 DT D "O5'" 
840 C "C5'" . DT D 7  ? 4.27862 3.37223 6.40846 -1.09323 -2.41235 1.62942  109 DT D "C5'" 
841 C "C4'" . DT D 7  ? 4.35706 3.33447 6.64282 -1.03514 -2.51979 1.57277  109 DT D "C4'" 
842 O "O4'" . DT D 7  ? 4.46802 3.43716 6.77478 -0.98702 -2.62664 1.57504  109 DT D "O4'" 
843 C "C3'" . DT D 7  ? 4.31806 3.20890 6.59420 -0.97139 -2.46762 1.43667  109 DT D "C3'" 
844 O "O3'" . DT D 7  ? 4.33999 3.19467 6.74563 -0.93392 -2.50899 1.39676  109 DT D "O3'" 
845 C "C2'" . DT D 7  ? 4.39552 3.18770 6.67249 -0.94347 -2.54444 1.39598  109 DT D "C2'" 
846 C "C1'" . DT D 7  ? 4.51094 3.29544 6.88996 -0.95797 -2.69009 1.47826  109 DT D "C1'" 
847 N N1    . DT D 7  ? 4.57415 3.45027 6.83488 -0.86997 -2.70371 1.44227  109 DT D N1    
848 C C2    . DT D 7  ? 4.66503 3.54355 6.94860 -0.73718 -2.76543 1.34522  109 DT D C2    
849 O O2    . DT D 7  ? 4.70336 3.50069 7.09531 -0.68519 -2.80823 1.28883  109 DT D O2    
850 N N3    . DT D 7  ? 4.70864 3.69896 6.88574 -0.67159 -2.77466 1.31462  109 DT D N3    
851 C C4    . DT D 7  ? 4.67256 3.77650 6.72559 -0.72452 -2.72989 1.36737  109 DT D C4    
852 O O4    . DT D 7  ? 4.71277 3.93153 6.68277 -0.66367 -2.74422 1.32738  109 DT D O4    
853 C C5    . DT D 7  ? 4.58353 3.66951 6.61454 -0.86172 -2.66393 1.47127  109 DT D C5    
854 C C7    . DT D 7  ? 4.54271 3.74451 6.44204 -0.93301 -2.60794 1.53653  109 DT D C7    
855 C C6    . DT D 7  ? 4.53864 3.50996 6.67331 -0.92699 -2.65390 1.50456  109 DT D C6    
# 
